data_6R7X
#
_entry.id   6R7X
#
_cell.length_a   1.0
_cell.length_b   1.0
_cell.length_c   1.0
_cell.angle_alpha   90.00
_cell.angle_beta   90.00
_cell.angle_gamma   90.00
#
_symmetry.space_group_name_H-M   'P 1'
#
loop_
_entity.id
_entity.type
_entity.pdbx_description
1 polymer Anoctamin-10
2 non-polymer 'CALCIUM ION'
3 non-polymer 1,2-DIACYL-SN-GLYCERO-3-PHOSPHOCHOLINE
4 non-polymer UNDECYL-MALTOSIDE
#
_entity_poly.entity_id   1
_entity_poly.type   'polypeptide(L)'
_entity_poly.pdbx_seq_one_letter_code
;MKVTLSALDTSESSFTPLVVIELAQDVKEETKEWLKNRIIAKKKDGGAQLLFRPLLNKYEQETLENQNLYLVGASKIRML
LGAEAVGLVKECNDNTMRAFTYRTRQNFKGFDDNNDDFLTMAECQFIIKHELENLRAKDEKMIPGYPQAKLYPGKSLLRR
LLTSGIVIQVFPLHDSEALKKLEDTWYTRFALKYQPIDSIRGYFGETIALYFGFLEYFTFALIPMAVIGLPYYLFVWEDY
DKYVIFASFNLIWSTVILELWKRGCANMTYRWGTLLMKRKFEEPRPGFHGVLGINSITGKEEPLYPSYKRQLRIYLVSLP
FVCLCLYFSLYVMMIYFDMEVWALGLHENSGSEWTSVLLYVPSIIYAIVIEIMNRLYRYAAEFLTSWENHRLESAYQNHL
ILKVLVFNFLNCFASLFYIAFVLKDMKLLRQSLATLLITSQILNQIMESFLPYWLQRKHGVRVKRKVQALKADIDATLYE
QVILEKEMGTYLGTFDDYLELFLQFGYVSLFSCVYPLAAAFAVLNNFTEVNSDALKMCRVFKRPFSEPSANIGVWQLAFE
TMSVISVVTNCALIGMSPQVNAVFPESKADLILIVVAVEHALLALKFILAFAIPDKPRHIQMKLARLEFESLEALKQQQM
KLVTENLKEEPMESGKEKATAENLYFQ
;
_entity_poly.pdbx_strand_id   A,B
#
loop_
_chem_comp.id
_chem_comp.type
_chem_comp.name
_chem_comp.formula
CA non-polymer 'CALCIUM ION' 'Ca 2'
PC1 non-polymer 1,2-DIACYL-SN-GLYCERO-3-PHOSPHOCHOLINE 'C44 H88 N O8 P'
UMQ non-polymer UNDECYL-MALTOSIDE 'C23 H44 O11'
#
# COMPACT_ATOMS: atom_id res chain seq x y z
N SER A 13 15.60 10.92 -47.14
CA SER A 13 15.99 12.32 -47.09
C SER A 13 14.79 13.23 -47.22
N SER A 14 13.59 12.63 -47.30
CA SER A 14 12.35 13.38 -47.39
C SER A 14 11.38 12.98 -46.28
N PHE A 15 11.88 12.44 -45.17
CA PHE A 15 11.05 11.97 -44.08
C PHE A 15 10.59 13.15 -43.22
N THR A 16 9.85 12.84 -42.16
CA THR A 16 9.38 13.84 -41.22
C THR A 16 10.31 13.88 -40.03
N PRO A 17 10.94 15.02 -39.72
CA PRO A 17 11.86 15.06 -38.58
C PRO A 17 11.10 15.03 -37.27
N LEU A 18 11.58 14.23 -36.33
CA LEU A 18 10.92 14.07 -35.04
C LEU A 18 11.78 14.48 -33.87
N VAL A 19 13.07 14.17 -33.88
CA VAL A 19 13.95 14.46 -32.76
C VAL A 19 15.18 15.20 -33.29
N VAL A 20 15.56 16.29 -32.64
CA VAL A 20 16.73 17.07 -33.03
C VAL A 20 17.83 16.81 -32.01
N ILE A 21 19.01 16.44 -32.51
CA ILE A 21 20.21 16.27 -31.72
C ILE A 21 21.16 17.41 -32.06
N GLU A 22 21.56 18.18 -31.06
CA GLU A 22 22.48 19.31 -31.28
C GLU A 22 23.86 18.91 -30.75
N LEU A 23 24.83 18.80 -31.66
CA LEU A 23 26.19 18.53 -31.26
C LEU A 23 26.86 19.80 -30.75
N ALA A 24 28.05 19.63 -30.19
CA ALA A 24 28.83 20.78 -29.75
C ALA A 24 29.57 21.40 -30.93
N GLN A 25 30.30 22.48 -30.67
CA GLN A 25 31.05 23.15 -31.73
C GLN A 25 32.32 22.38 -32.05
N ASP A 26 33.19 22.19 -31.06
CA ASP A 26 34.48 21.50 -31.26
C ASP A 26 34.26 20.00 -31.19
N VAL A 27 33.71 19.46 -32.27
CA VAL A 27 33.49 18.03 -32.42
C VAL A 27 34.16 17.59 -33.72
N LYS A 28 35.07 16.63 -33.62
CA LYS A 28 35.81 16.17 -34.78
C LYS A 28 34.93 15.36 -35.72
N GLU A 29 35.44 15.16 -36.93
CA GLU A 29 34.65 14.49 -37.97
C GLU A 29 34.51 12.99 -37.69
N GLU A 30 35.51 12.38 -37.05
CA GLU A 30 35.48 10.94 -36.80
C GLU A 30 34.38 10.56 -35.82
N THR A 31 34.17 11.38 -34.80
CA THR A 31 33.06 11.14 -33.87
C THR A 31 31.71 11.31 -34.55
N LYS A 32 31.61 12.26 -35.48
CA LYS A 32 30.35 12.46 -36.21
C LYS A 32 30.05 11.27 -37.11
N GLU A 33 31.04 10.77 -37.85
CA GLU A 33 30.80 9.61 -38.70
C GLU A 33 30.58 8.34 -37.88
N TRP A 34 31.20 8.23 -36.70
CA TRP A 34 30.96 7.07 -35.85
C TRP A 34 29.56 7.09 -35.25
N LEU A 35 29.07 8.28 -34.85
CA LEU A 35 27.71 8.39 -34.35
C LEU A 35 26.69 8.15 -35.46
N LYS A 36 26.97 8.65 -36.66
CA LYS A 36 26.08 8.43 -37.80
C LYS A 36 26.07 6.97 -38.22
N ASN A 37 27.19 6.27 -38.08
CA ASN A 37 27.25 4.84 -38.36
C ASN A 37 26.65 4.00 -37.24
N ARG A 38 26.56 4.53 -36.03
CA ARG A 38 25.88 3.82 -34.95
C ARG A 38 24.40 4.14 -34.86
N ILE A 39 23.92 5.13 -35.61
CA ILE A 39 22.49 5.45 -35.62
C ILE A 39 21.78 4.75 -36.79
N ILE A 40 22.34 4.81 -37.99
CA ILE A 40 21.62 4.33 -39.18
C ILE A 40 21.68 2.80 -39.26
N ALA A 41 22.70 2.18 -38.66
CA ALA A 41 22.90 0.75 -38.80
C ALA A 41 21.79 -0.04 -38.09
N LYS A 42 21.57 -1.27 -38.57
CA LYS A 42 20.40 -2.05 -38.19
C LYS A 42 20.53 -2.58 -36.77
N LYS A 43 19.45 -3.20 -36.30
CA LYS A 43 19.39 -3.67 -34.92
C LYS A 43 20.26 -4.90 -34.70
N LYS A 44 20.51 -5.68 -35.77
CA LYS A 44 21.38 -6.85 -35.65
C LYS A 44 22.85 -6.49 -35.71
N ASP A 45 23.20 -5.31 -36.24
CA ASP A 45 24.57 -4.85 -36.29
C ASP A 45 24.94 -3.96 -35.12
N GLY A 46 24.13 -3.94 -34.07
CA GLY A 46 24.42 -3.14 -32.90
C GLY A 46 24.09 -1.68 -33.02
N GLY A 47 23.14 -1.32 -33.89
CA GLY A 47 22.75 0.07 -34.05
C GLY A 47 21.37 0.36 -33.52
N ALA A 48 20.66 1.30 -34.16
CA ALA A 48 19.31 1.65 -33.75
C ALA A 48 18.31 1.72 -34.90
N GLN A 49 18.78 1.72 -36.16
CA GLN A 49 17.94 1.70 -37.36
C GLN A 49 17.00 2.90 -37.43
N LEU A 50 17.56 4.09 -37.21
CA LEU A 50 16.82 5.33 -37.29
C LEU A 50 17.29 6.13 -38.50
N LEU A 51 16.35 6.77 -39.17
CA LEU A 51 16.69 7.67 -40.27
C LEU A 51 17.36 8.92 -39.74
N PHE A 52 18.53 9.22 -40.29
CA PHE A 52 19.36 10.32 -39.82
C PHE A 52 19.57 11.30 -40.97
N ARG A 53 19.65 12.58 -40.63
CA ARG A 53 19.78 13.61 -41.66
C ARG A 53 20.46 14.82 -41.05
N PRO A 54 21.27 15.54 -41.83
CA PRO A 54 21.67 16.88 -41.40
C PRO A 54 20.49 17.84 -41.50
N LEU A 55 20.65 19.00 -40.86
CA LEU A 55 19.61 20.02 -40.93
C LEU A 55 19.55 20.64 -42.31
N LEU A 56 20.70 20.82 -42.94
CA LEU A 56 20.79 21.41 -44.27
C LEU A 56 21.82 20.64 -45.09
N ASN A 57 21.45 20.27 -46.31
CA ASN A 57 22.38 19.57 -47.19
C ASN A 57 23.51 20.47 -47.69
N LYS A 58 23.26 21.78 -47.76
CA LYS A 58 24.26 22.74 -48.15
C LYS A 58 24.40 23.80 -47.07
N TYR A 59 25.55 24.48 -47.07
CA TYR A 59 25.81 25.53 -46.09
C TYR A 59 26.48 26.70 -46.78
N GLU A 60 26.13 27.90 -46.34
CA GLU A 60 26.73 29.14 -46.82
C GLU A 60 27.52 29.78 -45.69
N GLN A 61 28.12 30.93 -45.96
CA GLN A 61 28.98 31.60 -44.99
C GLN A 61 28.20 32.20 -43.83
N GLU A 62 26.89 32.39 -43.96
CA GLU A 62 26.10 32.98 -42.89
C GLU A 62 25.70 31.95 -41.84
N THR A 63 25.31 30.75 -42.27
CA THR A 63 24.78 29.73 -41.37
C THR A 63 25.84 28.72 -40.93
N LEU A 64 27.11 29.11 -40.88
CA LEU A 64 28.15 28.19 -40.44
C LEU A 64 28.16 27.97 -38.93
N GLU A 65 27.53 28.86 -38.15
CA GLU A 65 27.49 28.73 -36.71
C GLU A 65 26.36 27.81 -36.22
N ASN A 66 25.59 27.25 -37.15
CA ASN A 66 24.48 26.35 -36.82
C ASN A 66 24.67 25.03 -37.57
N GLN A 67 25.90 24.54 -37.58
CA GLN A 67 26.29 23.39 -38.40
C GLN A 67 26.23 22.07 -37.63
N ASN A 68 25.71 22.09 -36.40
CA ASN A 68 25.75 20.91 -35.55
C ASN A 68 24.37 20.31 -35.27
N LEU A 69 23.31 20.88 -35.82
CA LEU A 69 21.97 20.36 -35.57
C LEU A 69 21.65 19.24 -36.56
N TYR A 70 21.15 18.12 -36.05
CA TYR A 70 20.85 16.95 -36.86
C TYR A 70 19.43 16.48 -36.55
N LEU A 71 18.78 15.91 -37.56
CA LEU A 71 17.40 15.44 -37.44
C LEU A 71 17.36 13.93 -37.47
N VAL A 72 16.50 13.35 -36.62
CA VAL A 72 16.34 11.91 -36.49
C VAL A 72 14.85 11.60 -36.59
N GLY A 73 14.50 10.73 -37.53
CA GLY A 73 13.16 10.19 -37.65
C GLY A 73 13.26 8.70 -37.91
N ALA A 74 12.20 8.06 -38.38
CA ALA A 74 12.26 6.67 -38.81
C ALA A 74 11.06 6.37 -39.72
N SER A 75 10.97 5.12 -40.15
CA SER A 75 9.87 4.65 -40.99
C SER A 75 8.81 3.97 -40.12
N LYS A 76 7.69 3.60 -40.75
CA LYS A 76 6.50 3.18 -39.99
C LYS A 76 6.69 1.82 -39.34
N ILE A 77 7.29 0.86 -40.05
CA ILE A 77 7.53 -0.46 -39.49
C ILE A 77 8.55 -0.37 -38.36
N ARG A 78 9.50 0.56 -38.47
CA ARG A 78 10.44 0.81 -37.39
C ARG A 78 9.74 1.36 -36.15
N MET A 79 8.75 2.25 -36.34
CA MET A 79 8.05 2.79 -35.19
C MET A 79 7.14 1.75 -34.55
N LEU A 80 6.59 0.84 -35.35
CA LEU A 80 5.76 -0.22 -34.77
C LEU A 80 6.62 -1.23 -34.00
N LEU A 81 7.81 -1.55 -34.52
CA LEU A 81 8.70 -2.43 -33.78
C LEU A 81 9.25 -1.74 -32.52
N GLY A 82 9.47 -0.43 -32.58
CA GLY A 82 9.87 0.30 -31.39
C GLY A 82 8.75 0.41 -30.37
N ALA A 83 7.49 0.47 -30.83
CA ALA A 83 6.36 0.44 -29.91
C ALA A 83 6.21 -0.94 -29.28
N GLU A 84 6.57 -1.99 -30.01
CA GLU A 84 6.63 -3.32 -29.39
C GLU A 84 7.75 -3.39 -28.35
N ALA A 85 8.88 -2.73 -28.64
CA ALA A 85 10.00 -2.78 -27.72
C ALA A 85 9.75 -1.95 -26.46
N VAL A 86 9.05 -0.83 -26.58
CA VAL A 86 8.77 0.02 -25.44
C VAL A 86 7.70 -0.61 -24.56
N GLY A 87 6.61 -1.07 -25.17
CA GLY A 87 5.53 -1.67 -24.42
C GLY A 87 4.33 -0.75 -24.27
N LEU A 88 3.94 -0.11 -25.36
CA LEU A 88 2.72 0.71 -25.35
C LEU A 88 1.50 -0.17 -25.16
N VAL A 89 0.52 0.36 -24.43
CA VAL A 89 -0.72 -0.36 -24.16
C VAL A 89 -1.84 0.31 -24.93
N LYS A 90 -2.30 -0.34 -26.00
CA LYS A 90 -3.33 0.21 -26.85
C LYS A 90 -4.64 -0.55 -26.71
N GLU A 91 -5.70 0.03 -27.27
CA GLU A 91 -7.04 -0.51 -27.14
C GLU A 91 -7.30 -1.53 -28.25
N CYS A 92 -7.63 -2.75 -27.85
CA CYS A 92 -8.00 -3.78 -28.81
C CYS A 92 -9.42 -3.54 -29.33
N ASN A 93 -9.83 -4.38 -30.29
CA ASN A 93 -11.15 -4.27 -30.89
C ASN A 93 -12.26 -4.69 -29.95
N ASP A 94 -11.95 -5.50 -28.93
CA ASP A 94 -12.94 -5.95 -27.95
C ASP A 94 -12.97 -5.09 -26.69
N ASN A 95 -12.65 -3.80 -26.82
CA ASN A 95 -12.66 -2.81 -25.73
C ASN A 95 -11.75 -3.21 -24.56
N THR A 96 -10.55 -3.70 -24.88
CA THR A 96 -9.58 -4.15 -23.89
C THR A 96 -8.24 -3.48 -24.18
N MET A 97 -7.53 -3.10 -23.12
CA MET A 97 -6.24 -2.44 -23.23
C MET A 97 -5.15 -3.50 -23.09
N ARG A 98 -4.52 -3.85 -24.21
CA ARG A 98 -3.45 -4.83 -24.23
C ARG A 98 -2.17 -4.21 -24.75
N ALA A 99 -1.05 -4.85 -24.43
CA ALA A 99 0.24 -4.39 -24.90
C ALA A 99 0.36 -4.58 -26.41
N PHE A 100 1.10 -3.67 -27.05
CA PHE A 100 1.20 -3.63 -28.50
C PHE A 100 2.34 -4.54 -28.94
N THR A 101 2.03 -5.48 -29.84
CA THR A 101 3.02 -6.31 -30.48
C THR A 101 2.81 -6.28 -31.99
N TYR A 102 3.89 -6.47 -32.74
CA TYR A 102 3.81 -6.37 -34.19
C TYR A 102 3.15 -7.59 -34.82
N ARG A 103 3.27 -8.76 -34.19
CA ARG A 103 2.66 -9.96 -34.74
C ARG A 103 1.15 -9.96 -34.56
N THR A 104 0.66 -9.32 -33.50
CA THR A 104 -0.78 -9.24 -33.20
C THR A 104 -1.32 -7.84 -33.46
N ARG A 105 -0.77 -7.14 -34.44
CA ARG A 105 -1.07 -5.73 -34.64
C ARG A 105 -2.44 -5.47 -35.25
N GLN A 106 -3.09 -6.48 -35.82
CA GLN A 106 -4.38 -6.25 -36.46
C GLN A 106 -5.55 -6.25 -35.49
N ASN A 107 -5.32 -6.60 -34.22
CA ASN A 107 -6.39 -6.64 -33.23
C ASN A 107 -6.75 -5.28 -32.66
N PHE A 108 -5.97 -4.24 -32.96
CA PHE A 108 -6.07 -2.97 -32.27
C PHE A 108 -6.94 -1.99 -33.03
N LYS A 109 -7.56 -1.08 -32.29
CA LYS A 109 -8.57 -0.17 -32.82
C LYS A 109 -7.93 0.94 -33.63
N GLY A 110 -8.49 1.22 -34.80
CA GLY A 110 -8.01 2.30 -35.64
C GLY A 110 -6.72 2.03 -36.36
N PHE A 111 -6.33 0.77 -36.50
CA PHE A 111 -5.08 0.41 -37.14
C PHE A 111 -5.33 -0.14 -38.54
N ASP A 112 -4.64 0.44 -39.53
CA ASP A 112 -4.57 -0.12 -40.86
C ASP A 112 -3.12 -0.47 -41.16
N ASP A 113 -2.90 -1.07 -42.32
CA ASP A 113 -1.55 -1.28 -42.83
C ASP A 113 -1.02 -0.05 -43.54
N ASN A 114 -1.89 0.91 -43.85
CA ASN A 114 -1.52 2.14 -44.55
C ASN A 114 -1.97 3.38 -43.78
N ASN A 115 -1.85 3.36 -42.45
CA ASN A 115 -2.34 4.44 -41.60
C ASN A 115 -1.17 5.02 -40.81
N ASP A 116 -0.83 6.28 -41.08
CA ASP A 116 0.16 7.00 -40.32
C ASP A 116 -0.41 7.74 -39.13
N ASP A 117 -1.68 7.52 -38.80
CA ASP A 117 -2.34 8.21 -37.69
C ASP A 117 -2.51 7.33 -36.47
N PHE A 118 -1.91 6.13 -36.46
CA PHE A 118 -2.05 5.25 -35.32
C PHE A 118 -1.19 5.73 -34.16
N LEU A 119 0.12 5.80 -34.37
CA LEU A 119 1.02 6.32 -33.35
C LEU A 119 1.14 7.84 -33.50
N THR A 120 0.78 8.57 -32.45
CA THR A 120 0.84 10.01 -32.48
C THR A 120 2.30 10.48 -32.41
N MET A 121 2.51 11.78 -32.64
CA MET A 121 3.85 12.33 -32.69
C MET A 121 4.55 12.30 -31.33
N ALA A 122 3.76 12.39 -30.25
CA ALA A 122 4.33 12.27 -28.91
C ALA A 122 4.83 10.86 -28.65
N GLU A 123 4.06 9.85 -29.03
CA GLU A 123 4.50 8.47 -28.90
C GLU A 123 5.68 8.16 -29.81
N CYS A 124 5.71 8.75 -31.01
CA CYS A 124 6.85 8.53 -31.91
C CYS A 124 8.12 9.16 -31.36
N GLN A 125 8.02 10.35 -30.78
CA GLN A 125 9.20 10.97 -30.20
C GLN A 125 9.65 10.24 -28.94
N PHE A 126 8.70 9.67 -28.17
CA PHE A 126 9.07 8.85 -27.03
C PHE A 126 9.77 7.57 -27.46
N ILE A 127 9.31 6.96 -28.56
CA ILE A 127 9.95 5.73 -29.05
C ILE A 127 11.35 6.03 -29.58
N ILE A 128 11.52 7.16 -30.26
CA ILE A 128 12.85 7.52 -30.76
C ILE A 128 13.80 7.88 -29.61
N LYS A 129 13.29 8.53 -28.56
CA LYS A 129 14.13 8.78 -27.39
C LYS A 129 14.48 7.49 -26.65
N HIS A 130 13.56 6.53 -26.62
CA HIS A 130 13.87 5.25 -25.98
C HIS A 130 14.85 4.43 -26.80
N GLU A 131 14.83 4.56 -28.13
CA GLU A 131 15.79 3.84 -28.95
C GLU A 131 17.16 4.51 -28.95
N LEU A 132 17.20 5.84 -28.77
CA LEU A 132 18.49 6.52 -28.60
C LEU A 132 19.06 6.27 -27.21
N GLU A 133 18.20 6.09 -26.21
CA GLU A 133 18.67 5.79 -24.87
C GLU A 133 19.23 4.37 -24.80
N ASN A 134 18.55 3.41 -25.41
CA ASN A 134 19.01 2.03 -25.46
C ASN A 134 19.91 1.79 -26.67
N LEU A 135 21.01 2.55 -26.69
CA LEU A 135 22.05 2.46 -27.70
C LEU A 135 23.35 2.27 -26.93
N ARG A 136 23.73 1.02 -26.71
CA ARG A 136 24.80 0.70 -25.79
C ARG A 136 26.07 0.34 -26.55
N ALA A 137 27.20 0.53 -25.87
CA ALA A 137 28.51 0.21 -26.41
C ALA A 137 28.93 -1.20 -25.96
N LYS A 138 29.46 -1.97 -26.89
CA LYS A 138 29.88 -3.34 -26.60
C LYS A 138 31.39 -3.49 -26.76
N ASP A 139 31.96 -3.13 -27.91
CA ASP A 139 33.38 -3.38 -28.15
C ASP A 139 34.23 -2.17 -27.77
N GLU A 140 33.69 -0.97 -27.94
CA GLU A 140 34.51 0.25 -27.82
C GLU A 140 34.82 0.56 -26.36
N LYS A 141 36.09 0.80 -26.07
CA LYS A 141 36.53 1.21 -24.75
C LYS A 141 36.49 2.72 -24.57
N MET A 142 36.52 3.47 -25.67
CA MET A 142 36.41 4.92 -25.61
C MET A 142 35.66 5.41 -26.84
N ILE A 143 35.19 6.64 -26.76
CA ILE A 143 34.56 7.28 -27.92
C ILE A 143 35.65 7.62 -28.93
N PRO A 144 35.50 7.24 -30.21
CA PRO A 144 36.58 7.47 -31.20
C PRO A 144 36.82 8.94 -31.49
N GLY A 145 37.98 9.44 -31.06
CA GLY A 145 38.34 10.83 -31.17
C GLY A 145 38.42 11.57 -29.85
N TYR A 146 37.87 11.00 -28.77
CA TYR A 146 37.89 11.64 -27.47
C TYR A 146 38.52 10.69 -26.46
N PRO A 147 39.61 11.08 -25.80
CA PRO A 147 40.31 10.15 -24.90
C PRO A 147 39.59 9.91 -23.58
N GLN A 148 39.05 10.97 -22.98
CA GLN A 148 38.54 10.90 -21.61
C GLN A 148 37.16 10.25 -21.51
N ALA A 149 36.50 9.99 -22.63
CA ALA A 149 35.18 9.37 -22.62
C ALA A 149 35.33 7.88 -22.33
N LYS A 150 35.33 7.56 -21.04
CA LYS A 150 35.53 6.18 -20.59
C LYS A 150 34.26 5.38 -20.83
N LEU A 151 34.33 4.43 -21.76
CA LEU A 151 33.19 3.60 -22.15
C LEU A 151 33.43 2.17 -21.72
N TYR A 152 32.53 1.64 -20.91
CA TYR A 152 32.53 0.24 -20.51
C TYR A 152 31.40 -0.50 -21.22
N PRO A 153 31.53 -1.82 -21.41
CA PRO A 153 30.43 -2.57 -22.05
C PRO A 153 29.18 -2.58 -21.20
N GLY A 154 28.07 -2.17 -21.79
CA GLY A 154 26.82 -1.98 -21.08
C GLY A 154 26.46 -0.55 -20.77
N LYS A 155 27.22 0.42 -21.28
CA LYS A 155 27.00 1.83 -21.03
C LYS A 155 26.31 2.46 -22.21
N SER A 156 25.29 3.28 -21.93
CA SER A 156 24.56 3.98 -22.98
C SER A 156 25.45 4.99 -23.68
N LEU A 157 25.30 5.10 -25.00
CA LEU A 157 26.11 6.05 -25.76
C LEU A 157 25.64 7.47 -25.55
N LEU A 158 24.33 7.69 -25.52
CA LEU A 158 23.79 9.05 -25.42
C LEU A 158 24.06 9.67 -24.06
N ARG A 159 24.08 8.86 -22.99
CA ARG A 159 24.37 9.39 -21.67
C ARG A 159 25.82 9.86 -21.57
N ARG A 160 26.76 9.09 -22.12
CA ARG A 160 28.16 9.50 -22.10
C ARG A 160 28.42 10.63 -23.08
N LEU A 161 27.62 10.73 -24.15
CA LEU A 161 27.77 11.86 -25.05
C LEU A 161 27.19 13.14 -24.44
N LEU A 162 26.19 13.01 -23.57
CA LEU A 162 25.62 14.18 -22.91
C LEU A 162 26.49 14.65 -21.74
N THR A 163 27.05 13.71 -20.97
CA THR A 163 27.82 14.11 -19.80
C THR A 163 29.19 14.64 -20.17
N SER A 164 29.79 14.13 -21.24
CA SER A 164 31.10 14.60 -21.66
C SER A 164 31.06 15.83 -22.55
N GLY A 165 29.87 16.36 -22.83
CA GLY A 165 29.77 17.60 -23.58
C GLY A 165 30.01 17.49 -25.06
N ILE A 166 29.50 16.43 -25.69
CA ILE A 166 29.55 16.28 -27.14
C ILE A 166 28.17 16.46 -27.76
N VAL A 167 27.17 15.75 -27.25
CA VAL A 167 25.77 16.00 -27.59
C VAL A 167 25.27 17.03 -26.59
N ILE A 168 24.89 18.21 -27.08
CA ILE A 168 24.46 19.28 -26.18
C ILE A 168 23.04 18.99 -25.68
N GLN A 169 22.10 18.79 -26.59
CA GLN A 169 20.73 18.51 -26.19
C GLN A 169 20.03 17.66 -27.23
N VAL A 170 19.11 16.84 -26.76
CA VAL A 170 18.25 16.01 -27.59
C VAL A 170 16.82 16.44 -27.28
N PHE A 171 16.15 17.06 -28.25
CA PHE A 171 14.83 17.58 -27.97
C PHE A 171 13.87 17.26 -29.10
N PRO A 172 12.60 16.95 -28.79
CA PRO A 172 11.62 16.72 -29.84
C PRO A 172 11.13 18.03 -30.44
N LEU A 173 10.45 17.91 -31.57
CA LEU A 173 10.01 19.06 -32.34
C LEU A 173 8.54 19.36 -32.10
N HIS A 174 8.21 20.64 -31.98
CA HIS A 174 6.82 21.06 -31.92
C HIS A 174 6.18 20.90 -33.29
N ASP A 175 4.90 20.57 -33.30
CA ASP A 175 4.12 20.51 -34.54
C ASP A 175 3.24 21.76 -34.57
N SER A 176 3.59 22.69 -35.44
CA SER A 176 2.97 24.01 -35.47
C SER A 176 1.53 24.00 -36.02
N GLU A 177 1.07 22.88 -36.58
CA GLU A 177 -0.29 22.78 -37.08
C GLU A 177 -1.19 21.95 -36.19
N ALA A 178 -0.63 21.16 -35.28
CA ALA A 178 -1.43 20.47 -34.27
C ALA A 178 -1.41 21.17 -32.93
N LEU A 179 -0.48 22.10 -32.73
CA LEU A 179 -0.47 22.90 -31.51
C LEU A 179 -1.53 24.00 -31.56
N LYS A 180 -1.80 24.52 -32.75
CA LYS A 180 -2.82 25.56 -32.91
C LYS A 180 -4.21 24.99 -32.69
N LYS A 181 -4.47 23.78 -33.18
CA LYS A 181 -5.75 23.12 -32.97
C LYS A 181 -5.92 22.61 -31.55
N LEU A 182 -4.84 22.50 -30.78
CA LEU A 182 -4.97 22.27 -29.35
C LEU A 182 -5.22 23.58 -28.61
N GLU A 183 -4.55 24.65 -29.03
CA GLU A 183 -4.68 25.95 -28.38
C GLU A 183 -6.06 26.56 -28.60
N ASP A 184 -6.75 26.19 -29.68
CA ASP A 184 -8.09 26.72 -29.91
C ASP A 184 -9.09 26.19 -28.89
N THR A 185 -8.85 25.00 -28.37
CA THR A 185 -9.75 24.39 -27.40
C THR A 185 -9.17 24.31 -25.99
N TRP A 186 -8.09 25.04 -25.72
CA TRP A 186 -7.43 24.95 -24.42
C TRP A 186 -7.65 26.21 -23.60
N TYR A 187 -7.47 27.37 -24.21
CA TYR A 187 -7.55 28.64 -23.50
C TYR A 187 -9.00 28.96 -23.21
N THR A 188 -9.42 28.72 -21.96
CA THR A 188 -10.78 29.04 -21.52
C THR A 188 -10.87 30.50 -21.05
N ARG A 189 -10.61 31.41 -21.99
CA ARG A 189 -10.58 32.83 -21.66
C ARG A 189 -11.98 33.40 -21.46
N PHE A 190 -13.00 32.79 -22.06
CA PHE A 190 -14.35 33.30 -21.94
C PHE A 190 -14.95 33.00 -20.57
N ALA A 191 -15.12 31.72 -20.26
CA ALA A 191 -15.83 31.30 -19.05
C ALA A 191 -15.38 29.90 -18.68
N LEU A 192 -16.16 29.24 -17.82
CA LEU A 192 -15.86 27.90 -17.37
C LEU A 192 -16.02 26.91 -18.51
N LYS A 193 -15.09 25.95 -18.59
CA LYS A 193 -15.05 25.00 -19.70
C LYS A 193 -14.24 23.77 -19.28
N TYR A 194 -14.72 22.57 -19.61
CA TYR A 194 -14.00 21.35 -19.29
C TYR A 194 -12.72 21.25 -20.12
N GLN A 195 -11.61 20.97 -19.44
CA GLN A 195 -10.32 20.96 -20.10
C GLN A 195 -10.17 19.68 -20.93
N PRO A 196 -9.68 19.80 -22.17
CA PRO A 196 -9.51 18.62 -23.04
C PRO A 196 -8.27 17.79 -22.70
N ILE A 197 -8.42 16.90 -21.71
CA ILE A 197 -7.28 16.16 -21.18
C ILE A 197 -6.78 15.12 -22.17
N ASP A 198 -7.65 14.63 -23.06
CA ASP A 198 -7.21 13.62 -24.03
C ASP A 198 -6.36 14.23 -25.14
N SER A 199 -6.68 15.44 -25.59
CA SER A 199 -5.84 16.09 -26.60
C SER A 199 -4.53 16.59 -26.01
N ILE A 200 -4.57 17.09 -24.76
CA ILE A 200 -3.37 17.42 -24.01
C ILE A 200 -2.48 16.18 -23.88
N ARG A 201 -3.09 15.02 -23.63
CA ARG A 201 -2.34 13.78 -23.56
C ARG A 201 -1.71 13.42 -24.89
N GLY A 202 -2.50 13.48 -25.96
CA GLY A 202 -2.00 13.08 -27.28
C GLY A 202 -0.94 14.01 -27.82
N TYR A 203 -0.86 15.24 -27.30
CA TYR A 203 0.23 16.12 -27.71
C TYR A 203 1.42 16.11 -26.76
N PHE A 204 1.20 16.00 -25.44
CA PHE A 204 2.25 16.24 -24.47
C PHE A 204 2.61 15.02 -23.62
N GLY A 205 2.16 13.82 -23.99
CA GLY A 205 2.48 12.74 -23.09
C GLY A 205 1.48 12.68 -21.95
N GLU A 206 1.74 11.78 -21.01
CA GLU A 206 0.78 11.51 -19.95
C GLU A 206 1.07 12.26 -18.66
N THR A 207 2.32 12.65 -18.40
CA THR A 207 2.63 13.35 -17.16
C THR A 207 2.06 14.77 -17.15
N ILE A 208 2.22 15.49 -18.27
CA ILE A 208 1.66 16.83 -18.38
C ILE A 208 0.14 16.79 -18.38
N ALA A 209 -0.44 15.76 -18.99
CA ALA A 209 -1.89 15.61 -18.98
C ALA A 209 -2.40 15.26 -17.61
N LEU A 210 -1.64 14.49 -16.84
CA LEU A 210 -2.05 14.18 -15.47
C LEU A 210 -1.95 15.40 -14.58
N TYR A 211 -0.95 16.26 -14.82
CA TYR A 211 -0.88 17.52 -14.09
C TYR A 211 -2.05 18.43 -14.43
N PHE A 212 -2.39 18.54 -15.72
CA PHE A 212 -3.49 19.44 -16.08
C PHE A 212 -4.83 18.87 -15.66
N GLY A 213 -4.97 17.55 -15.62
CA GLY A 213 -6.16 16.95 -15.06
C GLY A 213 -6.26 17.15 -13.56
N PHE A 214 -5.13 17.10 -12.86
CA PHE A 214 -5.15 17.38 -11.43
C PHE A 214 -5.44 18.84 -11.14
N LEU A 215 -4.97 19.75 -11.99
CA LEU A 215 -5.27 21.17 -11.82
C LEU A 215 -6.73 21.46 -12.12
N GLU A 216 -7.28 20.84 -13.16
CA GLU A 216 -8.71 20.96 -13.45
C GLU A 216 -9.57 20.35 -12.35
N TYR A 217 -9.09 19.28 -11.72
CA TYR A 217 -9.84 18.70 -10.62
C TYR A 217 -9.74 19.56 -9.37
N PHE A 218 -8.55 20.07 -9.06
CA PHE A 218 -8.34 20.87 -7.86
C PHE A 218 -8.99 22.24 -7.97
N THR A 219 -9.21 22.72 -9.19
CA THR A 219 -9.99 23.94 -9.37
C THR A 219 -11.46 23.70 -9.05
N PHE A 220 -12.00 22.57 -9.52
CA PHE A 220 -13.39 22.22 -9.26
C PHE A 220 -13.59 21.49 -7.94
N ALA A 221 -12.60 21.53 -7.05
CA ALA A 221 -12.74 20.96 -5.72
C ALA A 221 -12.61 22.00 -4.62
N LEU A 222 -12.15 23.20 -4.93
CA LEU A 222 -12.16 24.33 -4.01
C LEU A 222 -13.35 25.23 -4.22
N ILE A 223 -14.20 24.94 -5.21
CA ILE A 223 -15.40 25.72 -5.47
C ILE A 223 -16.45 25.51 -4.37
N PRO A 224 -16.70 24.31 -3.82
CA PRO A 224 -17.55 24.27 -2.62
C PRO A 224 -16.95 24.97 -1.40
N MET A 225 -15.63 24.92 -1.23
CA MET A 225 -15.00 25.66 -0.13
C MET A 225 -15.15 27.16 -0.30
N ALA A 226 -15.00 27.66 -1.52
CA ALA A 226 -15.13 29.10 -1.75
C ALA A 226 -16.58 29.54 -1.68
N VAL A 227 -17.51 28.74 -2.21
CA VAL A 227 -18.93 29.09 -2.18
C VAL A 227 -19.52 29.03 -0.78
N ILE A 228 -19.17 28.02 0.02
CA ILE A 228 -19.64 27.99 1.41
C ILE A 228 -18.93 29.06 2.25
N GLY A 229 -17.64 29.26 2.04
CA GLY A 229 -16.90 30.20 2.87
C GLY A 229 -17.03 31.65 2.49
N LEU A 230 -17.76 31.97 1.43
CA LEU A 230 -17.91 33.38 1.07
C LEU A 230 -19.01 34.09 1.90
N PRO A 231 -20.21 33.53 2.12
CA PRO A 231 -21.09 34.16 3.12
C PRO A 231 -20.76 33.80 4.55
N TYR A 232 -19.95 32.76 4.77
CA TYR A 232 -19.53 32.41 6.12
C TYR A 232 -18.59 33.45 6.72
N TYR A 233 -17.88 34.20 5.88
CA TYR A 233 -16.99 35.26 6.33
C TYR A 233 -17.64 36.64 6.25
N LEU A 234 -18.45 36.89 5.21
CA LEU A 234 -19.06 38.21 5.06
C LEU A 234 -20.22 38.39 6.03
N PHE A 235 -21.14 37.44 6.09
CA PHE A 235 -22.31 37.54 6.95
C PHE A 235 -22.04 37.10 8.37
N VAL A 236 -20.80 36.69 8.67
CA VAL A 236 -20.31 36.04 9.90
C VAL A 236 -21.32 35.07 10.51
N TRP A 237 -21.34 33.85 9.97
CA TRP A 237 -22.17 32.77 10.49
C TRP A 237 -21.43 31.94 11.53
N GLU A 238 -20.33 32.46 12.07
CA GLU A 238 -19.58 31.82 13.14
C GLU A 238 -20.31 31.89 14.47
N ASP A 239 -21.36 32.71 14.57
CA ASP A 239 -22.10 32.82 15.81
C ASP A 239 -23.01 31.60 16.01
N TYR A 240 -23.55 31.07 14.92
CA TYR A 240 -24.61 30.07 15.04
C TYR A 240 -24.05 28.66 15.23
N ASP A 241 -23.07 28.27 14.41
CA ASP A 241 -22.49 26.93 14.51
C ASP A 241 -21.30 26.86 15.44
N LYS A 242 -20.67 28.00 15.73
CA LYS A 242 -19.46 28.14 16.55
C LYS A 242 -18.34 27.23 16.06
N TYR A 243 -18.02 27.36 14.75
CA TYR A 243 -16.85 26.80 14.10
C TYR A 243 -16.82 25.27 14.04
N VAL A 244 -17.91 24.61 14.40
CA VAL A 244 -17.97 23.16 14.38
C VAL A 244 -18.42 22.59 13.04
N ILE A 245 -19.44 23.17 12.41
CA ILE A 245 -19.97 22.64 11.16
C ILE A 245 -19.00 22.91 10.01
N PHE A 246 -18.46 24.13 9.94
CA PHE A 246 -17.67 24.54 8.78
C PHE A 246 -16.30 23.87 8.77
N ALA A 247 -15.69 23.70 9.94
CA ALA A 247 -14.40 23.03 10.02
C ALA A 247 -14.51 21.56 9.66
N SER A 248 -15.57 20.91 10.16
CA SER A 248 -15.81 19.51 9.83
C SER A 248 -16.11 19.35 8.34
N PHE A 249 -16.84 20.31 7.75
CA PHE A 249 -17.12 20.26 6.33
C PHE A 249 -15.84 20.42 5.51
N ASN A 250 -14.95 21.31 5.94
CA ASN A 250 -13.68 21.52 5.22
C ASN A 250 -12.79 20.29 5.27
N LEU A 251 -12.66 19.67 6.46
CA LEU A 251 -11.73 18.54 6.57
C LEU A 251 -12.29 17.28 5.89
N ILE A 252 -13.59 17.01 6.05
CA ILE A 252 -14.21 15.90 5.34
C ILE A 252 -14.19 16.12 3.84
N TRP A 253 -14.36 17.38 3.39
CA TRP A 253 -14.31 17.66 1.96
C TRP A 253 -12.91 17.51 1.40
N SER A 254 -11.88 17.85 2.18
CA SER A 254 -10.51 17.66 1.71
C SER A 254 -10.16 16.19 1.59
N THR A 255 -10.61 15.36 2.55
CA THR A 255 -10.39 13.92 2.43
C THR A 255 -11.16 13.34 1.24
N VAL A 256 -12.39 13.81 1.02
CA VAL A 256 -13.21 13.29 -0.08
C VAL A 256 -12.60 13.66 -1.43
N ILE A 257 -12.08 14.88 -1.57
CA ILE A 257 -11.49 15.23 -2.86
C ILE A 257 -10.14 14.54 -3.06
N LEU A 258 -9.38 14.30 -1.98
CA LEU A 258 -8.12 13.60 -2.16
C LEU A 258 -8.30 12.10 -2.38
N GLU A 259 -9.48 11.55 -2.11
CA GLU A 259 -9.74 10.17 -2.51
C GLU A 259 -10.39 10.07 -3.90
N LEU A 260 -11.31 10.99 -4.21
CA LEU A 260 -11.91 10.98 -5.53
C LEU A 260 -10.93 11.40 -6.63
N TRP A 261 -9.85 12.11 -6.28
CA TRP A 261 -8.79 12.29 -7.26
C TRP A 261 -8.10 10.98 -7.59
N LYS A 262 -7.88 10.11 -6.59
CA LYS A 262 -7.29 8.81 -6.87
C LYS A 262 -8.20 7.94 -7.72
N ARG A 263 -9.51 8.04 -7.50
CA ARG A 263 -10.45 7.32 -8.37
C ARG A 263 -10.44 7.86 -9.80
N GLY A 264 -10.48 9.19 -9.95
CA GLY A 264 -10.44 9.77 -11.29
C GLY A 264 -9.12 9.57 -12.00
N CYS A 265 -8.02 9.50 -11.24
CA CYS A 265 -6.71 9.26 -11.81
C CYS A 265 -6.56 7.80 -12.25
N ALA A 266 -7.14 6.87 -11.50
CA ALA A 266 -7.18 5.48 -11.94
C ALA A 266 -8.00 5.34 -13.22
N ASN A 267 -9.12 6.08 -13.31
CA ASN A 267 -9.94 6.04 -14.53
C ASN A 267 -9.19 6.63 -15.73
N MET A 268 -8.51 7.76 -15.54
CA MET A 268 -7.78 8.39 -16.63
C MET A 268 -6.59 7.55 -17.07
N THR A 269 -5.81 7.04 -16.12
CA THR A 269 -4.63 6.25 -16.47
C THR A 269 -4.98 4.85 -16.92
N TYR A 270 -6.22 4.38 -16.72
CA TYR A 270 -6.64 3.21 -17.47
C TYR A 270 -7.08 3.59 -18.87
N ARG A 271 -7.66 4.78 -19.03
CA ARG A 271 -8.11 5.21 -20.35
C ARG A 271 -6.96 5.50 -21.31
N TRP A 272 -5.76 5.77 -20.79
CA TRP A 272 -4.59 5.98 -21.64
C TRP A 272 -3.71 4.76 -21.76
N GLY A 273 -3.72 3.88 -20.76
CA GLY A 273 -2.95 2.65 -20.79
C GLY A 273 -1.76 2.62 -19.85
N THR A 274 -1.41 3.73 -19.22
CA THR A 274 -0.24 3.76 -18.37
C THR A 274 -0.48 3.19 -16.98
N LEU A 275 -1.70 2.76 -16.66
CA LEU A 275 -1.93 1.95 -15.48
C LEU A 275 -1.43 0.53 -15.67
N LEU A 276 -1.30 0.08 -16.91
CA LEU A 276 -0.92 -1.29 -17.23
C LEU A 276 0.49 -1.42 -17.78
N MET A 277 1.18 -0.32 -18.06
CA MET A 277 2.57 -0.39 -18.50
C MET A 277 3.45 -0.84 -17.33
N LYS A 278 4.32 -1.81 -17.61
CA LYS A 278 5.16 -2.38 -16.56
C LYS A 278 6.23 -1.38 -16.13
N ARG A 279 6.75 -1.59 -14.92
CA ARG A 279 7.80 -0.73 -14.39
C ARG A 279 9.11 -1.05 -15.10
N LYS A 280 9.60 -0.10 -15.90
CA LYS A 280 10.88 -0.28 -16.57
C LYS A 280 12.01 -0.19 -15.56
N PHE A 281 13.03 -1.02 -15.75
CA PHE A 281 14.17 -1.01 -14.86
C PHE A 281 14.99 0.25 -15.09
N GLU A 282 15.35 0.92 -13.99
CA GLU A 282 15.95 2.24 -14.08
C GLU A 282 17.47 2.15 -14.18
N GLU A 283 18.03 2.82 -15.16
CA GLU A 283 19.46 3.01 -15.32
C GLU A 283 19.94 3.98 -14.23
N PRO A 284 21.21 3.91 -13.85
CA PRO A 284 21.79 4.97 -13.01
C PRO A 284 21.68 6.34 -13.64
N ARG A 285 21.40 7.34 -12.81
CA ARG A 285 21.05 8.66 -13.28
C ARG A 285 22.27 9.38 -13.87
N PRO A 286 22.06 10.38 -14.76
CA PRO A 286 23.21 11.06 -15.36
C PRO A 286 23.98 11.96 -14.40
N GLY A 287 24.97 11.38 -13.73
CA GLY A 287 25.70 12.07 -12.69
C GLY A 287 25.87 11.26 -11.44
N PHE A 288 25.73 9.94 -11.57
CA PHE A 288 26.02 8.99 -10.50
C PHE A 288 27.36 8.32 -10.82
N HIS A 289 28.40 8.69 -10.08
CA HIS A 289 29.74 8.18 -10.34
C HIS A 289 30.26 7.42 -9.11
N GLY A 290 30.80 6.25 -9.36
CA GLY A 290 31.40 5.42 -8.32
C GLY A 290 32.62 4.72 -8.87
N VAL A 291 32.84 3.49 -8.41
CA VAL A 291 33.91 2.66 -8.93
C VAL A 291 33.30 1.62 -9.85
N LEU A 292 34.02 1.22 -10.90
CA LEU A 292 33.48 0.26 -11.84
C LEU A 292 33.42 -1.13 -11.21
N GLY A 293 32.29 -1.81 -11.33
CA GLY A 293 32.18 -3.11 -10.71
C GLY A 293 31.01 -3.89 -11.27
N ILE A 294 30.75 -5.02 -10.64
CA ILE A 294 29.67 -5.92 -11.04
C ILE A 294 28.41 -5.53 -10.27
N ASN A 295 27.35 -5.21 -11.01
CA ASN A 295 26.07 -4.94 -10.41
C ASN A 295 25.48 -6.23 -9.86
N SER A 296 24.97 -6.18 -8.62
CA SER A 296 24.51 -7.39 -7.97
C SER A 296 23.16 -7.84 -8.53
N ILE A 297 22.29 -6.90 -8.87
CA ILE A 297 20.95 -7.21 -9.36
C ILE A 297 21.02 -7.74 -10.79
N THR A 298 21.54 -6.92 -11.70
CA THR A 298 21.47 -7.24 -13.11
C THR A 298 22.57 -8.21 -13.53
N GLY A 299 23.74 -8.14 -12.90
CA GLY A 299 24.86 -8.96 -13.29
C GLY A 299 25.80 -8.33 -14.29
N LYS A 300 25.45 -7.19 -14.87
CA LYS A 300 26.31 -6.51 -15.81
C LYS A 300 27.29 -5.61 -15.06
N GLU A 301 28.01 -4.77 -15.79
CA GLU A 301 29.00 -3.87 -15.21
C GLU A 301 28.40 -2.49 -15.06
N GLU A 302 28.54 -1.92 -13.86
CA GLU A 302 27.94 -0.65 -13.52
C GLU A 302 28.83 0.08 -12.53
N PRO A 303 28.66 1.39 -12.37
CA PRO A 303 29.27 2.07 -11.24
C PRO A 303 28.60 1.67 -9.94
N LEU A 304 29.42 1.45 -8.92
CA LEU A 304 28.98 1.08 -7.59
C LEU A 304 29.45 2.14 -6.61
N TYR A 305 28.62 2.41 -5.61
CA TYR A 305 28.94 3.35 -4.56
C TYR A 305 28.62 2.70 -3.22
N PRO A 306 29.47 2.84 -2.21
CA PRO A 306 29.16 2.30 -0.89
C PRO A 306 28.05 3.08 -0.23
N SER A 307 27.11 2.36 0.38
CA SER A 307 25.93 3.00 0.94
C SER A 307 26.23 3.82 2.18
N TYR A 308 27.27 3.46 2.94
CA TYR A 308 27.59 4.22 4.15
C TYR A 308 28.16 5.58 3.81
N LYS A 309 28.87 5.71 2.69
CA LYS A 309 29.36 7.02 2.26
C LYS A 309 28.21 7.93 1.85
N ARG A 310 27.19 7.36 1.20
CA ARG A 310 26.01 8.15 0.83
C ARG A 310 25.22 8.56 2.06
N GLN A 311 25.07 7.65 3.03
CA GLN A 311 24.35 8.00 4.26
C GLN A 311 25.13 9.01 5.10
N LEU A 312 26.46 8.96 5.07
CA LEU A 312 27.25 9.99 5.73
C LEU A 312 27.10 11.33 5.04
N ARG A 313 27.15 11.35 3.70
CA ARG A 313 27.00 12.59 2.94
C ARG A 313 25.62 13.20 3.10
N ILE A 314 24.61 12.38 3.38
CA ILE A 314 23.31 12.95 3.73
C ILE A 314 23.32 13.45 5.16
N TYR A 315 23.49 12.55 6.14
CA TYR A 315 23.20 12.83 7.54
C TYR A 315 24.29 13.62 8.24
N LEU A 316 25.35 14.04 7.54
CA LEU A 316 26.31 14.95 8.17
C LEU A 316 26.50 16.25 7.41
N VAL A 317 26.10 16.34 6.15
CA VAL A 317 26.26 17.56 5.36
C VAL A 317 24.92 18.17 4.96
N SER A 318 23.98 17.35 4.47
CA SER A 318 22.74 17.89 3.96
C SER A 318 21.81 18.34 5.08
N LEU A 319 21.61 17.49 6.09
CA LEU A 319 20.73 17.79 7.22
C LEU A 319 21.21 18.97 8.08
N PRO A 320 22.51 19.18 8.36
CA PRO A 320 22.91 20.46 8.95
C PRO A 320 22.66 21.67 8.05
N PHE A 321 22.77 21.52 6.74
CA PHE A 321 22.47 22.65 5.85
C PHE A 321 20.98 22.95 5.84
N VAL A 322 20.13 21.92 5.90
CA VAL A 322 18.69 22.12 5.97
C VAL A 322 18.32 22.79 7.29
N CYS A 323 18.95 22.37 8.40
CA CYS A 323 18.66 22.99 9.68
C CYS A 323 19.14 24.44 9.73
N LEU A 324 20.29 24.73 9.10
CA LEU A 324 20.78 26.10 9.02
C LEU A 324 19.85 26.96 8.16
N CYS A 325 19.30 26.40 7.08
CA CYS A 325 18.38 27.16 6.24
C CYS A 325 17.05 27.40 6.94
N LEU A 326 16.58 26.45 7.76
CA LEU A 326 15.36 26.68 8.54
C LEU A 326 15.59 27.75 9.60
N TYR A 327 16.78 27.75 10.22
CA TYR A 327 17.09 28.80 11.19
C TYR A 327 17.20 30.17 10.52
N PHE A 328 17.74 30.22 9.30
CA PHE A 328 17.82 31.47 8.58
C PHE A 328 16.44 31.97 8.14
N SER A 329 15.54 31.03 7.81
CA SER A 329 14.17 31.42 7.50
C SER A 329 13.45 31.99 8.72
N LEU A 330 13.70 31.41 9.91
CA LEU A 330 13.15 31.97 11.13
C LEU A 330 13.76 33.33 11.46
N TYR A 331 15.04 33.54 11.12
CA TYR A 331 15.67 34.84 11.37
C TYR A 331 15.11 35.92 10.45
N VAL A 332 14.86 35.58 9.18
CA VAL A 332 14.19 36.52 8.28
C VAL A 332 12.75 36.78 8.72
N MET A 333 12.07 35.78 9.31
CA MET A 333 10.75 35.99 9.88
C MET A 333 10.79 36.99 11.03
N MET A 334 11.80 36.88 11.90
CA MET A 334 11.92 37.82 13.01
C MET A 334 12.28 39.23 12.52
N ILE A 335 13.07 39.33 11.45
CA ILE A 335 13.32 40.64 10.82
C ILE A 335 12.03 41.24 10.29
N TYR A 336 11.17 40.42 9.68
CA TYR A 336 9.89 40.91 9.17
C TYR A 336 8.99 41.36 10.31
N PHE A 337 9.01 40.67 11.44
CA PHE A 337 8.16 41.09 12.55
C PHE A 337 8.66 42.37 13.22
N ASP A 338 9.98 42.56 13.27
CA ASP A 338 10.52 43.83 13.73
C ASP A 338 10.15 44.96 12.77
N MET A 339 10.15 44.68 11.46
CA MET A 339 9.71 45.66 10.48
C MET A 339 8.22 45.96 10.61
N GLU A 340 7.41 44.95 10.97
CA GLU A 340 5.98 45.15 11.18
C GLU A 340 5.72 46.04 12.40
N VAL A 341 6.46 45.82 13.48
CA VAL A 341 6.33 46.66 14.67
C VAL A 341 6.81 48.08 14.38
N TRP A 342 7.87 48.23 13.59
CA TRP A 342 8.34 49.56 13.19
C TRP A 342 7.33 50.28 12.30
N ALA A 343 6.66 49.56 11.40
CA ALA A 343 5.64 50.18 10.55
C ALA A 343 4.39 50.52 11.34
N LEU A 344 4.05 49.72 12.37
CA LEU A 344 2.94 50.08 13.23
C LEU A 344 3.24 51.32 14.07
N GLY A 345 4.48 51.46 14.54
CA GLY A 345 4.87 52.68 15.23
C GLY A 345 4.90 53.89 14.31
N LEU A 346 5.30 53.69 13.04
CA LEU A 346 5.25 54.77 12.07
C LEU A 346 3.82 55.17 11.73
N HIS A 347 2.89 54.20 11.74
CA HIS A 347 1.49 54.52 11.57
C HIS A 347 0.93 55.26 12.78
N GLU A 348 1.39 54.91 13.98
CA GLU A 348 1.02 55.64 15.19
C GLU A 348 1.60 57.05 15.20
N ASN A 349 2.72 57.27 14.51
CA ASN A 349 3.39 58.56 14.53
C ASN A 349 2.78 59.57 13.56
N SER A 350 2.74 59.23 12.26
CA SER A 350 2.61 60.25 11.23
C SER A 350 1.20 60.78 11.02
N GLY A 351 0.27 59.94 10.59
CA GLY A 351 -1.03 60.44 10.20
C GLY A 351 -2.04 59.34 10.01
N SER A 352 -3.02 59.61 9.16
CA SER A 352 -4.15 58.70 8.96
C SER A 352 -4.30 58.28 7.51
N GLU A 353 -4.05 59.18 6.57
CA GLU A 353 -4.31 58.92 5.16
C GLU A 353 -3.29 57.99 4.53
N TRP A 354 -1.99 58.26 4.70
CA TRP A 354 -0.94 57.44 4.13
C TRP A 354 -0.43 56.37 5.07
N THR A 355 -0.96 56.31 6.29
CA THR A 355 -0.48 55.35 7.29
C THR A 355 -1.43 54.18 7.47
N SER A 356 -2.37 53.99 6.54
CA SER A 356 -3.13 52.74 6.46
C SER A 356 -2.64 51.87 5.31
N VAL A 357 -2.05 52.49 4.30
CA VAL A 357 -1.52 51.79 3.13
C VAL A 357 -0.14 51.27 3.51
N LEU A 358 0.49 51.93 4.49
CA LEU A 358 1.81 51.56 4.96
C LEU A 358 1.84 50.23 5.71
N LEU A 359 0.70 49.76 6.20
CA LEU A 359 0.65 48.46 6.87
C LEU A 359 0.70 47.28 5.91
N TYR A 360 0.44 47.50 4.63
CA TYR A 360 0.46 46.41 3.65
C TYR A 360 1.81 46.27 2.96
N VAL A 361 2.70 47.23 3.13
CA VAL A 361 4.04 47.22 2.52
C VAL A 361 4.96 46.13 3.09
N PRO A 362 5.15 45.97 4.43
CA PRO A 362 6.13 44.96 4.87
C PRO A 362 5.71 43.52 4.60
N SER A 363 4.42 43.22 4.52
CA SER A 363 4.01 41.88 4.12
C SER A 363 4.29 41.62 2.65
N ILE A 364 4.20 42.65 1.80
CA ILE A 364 4.56 42.51 0.39
C ILE A 364 6.06 42.30 0.24
N ILE A 365 6.85 43.04 1.02
CA ILE A 365 8.31 42.88 1.01
C ILE A 365 8.69 41.49 1.52
N TYR A 366 7.98 40.99 2.52
CA TYR A 366 8.24 39.65 3.03
C TYR A 366 7.84 38.57 2.02
N ALA A 367 6.77 38.80 1.24
CA ALA A 367 6.39 37.84 0.22
C ALA A 367 7.43 37.78 -0.90
N ILE A 368 7.98 38.94 -1.28
CA ILE A 368 9.03 38.95 -2.30
C ILE A 368 10.31 38.30 -1.79
N VAL A 369 10.63 38.51 -0.51
CA VAL A 369 11.82 37.87 0.09
C VAL A 369 11.61 36.36 0.23
N ILE A 370 10.36 35.93 0.48
CA ILE A 370 10.05 34.51 0.51
C ILE A 370 10.23 33.89 -0.88
N GLU A 371 9.73 34.55 -1.92
CA GLU A 371 9.87 34.01 -3.26
C GLU A 371 11.28 34.13 -3.81
N ILE A 372 12.15 34.92 -3.19
CA ILE A 372 13.57 34.90 -3.55
C ILE A 372 14.32 33.81 -2.81
N MET A 373 14.07 33.68 -1.50
CA MET A 373 14.74 32.67 -0.68
C MET A 373 14.34 31.26 -1.09
N ASN A 374 13.12 31.07 -1.60
CA ASN A 374 12.71 29.74 -2.06
C ASN A 374 13.49 29.32 -3.29
N ARG A 375 13.74 30.24 -4.22
CA ARG A 375 14.51 29.90 -5.40
C ARG A 375 16.00 29.70 -5.07
N LEU A 376 16.51 30.48 -4.12
CA LEU A 376 17.90 30.29 -3.69
C LEU A 376 18.08 28.95 -2.99
N TYR A 377 17.14 28.56 -2.13
CA TYR A 377 17.18 27.24 -1.52
C TYR A 377 16.95 26.14 -2.53
N ARG A 378 16.18 26.41 -3.59
CA ARG A 378 15.97 25.41 -4.62
C ARG A 378 17.26 25.12 -5.38
N TYR A 379 18.03 26.16 -5.70
CA TYR A 379 19.33 25.96 -6.32
C TYR A 379 20.29 25.25 -5.38
N ALA A 380 20.29 25.63 -4.09
CA ALA A 380 21.19 25.00 -3.12
C ALA A 380 20.82 23.54 -2.88
N ALA A 381 19.53 23.21 -2.87
CA ALA A 381 19.10 21.84 -2.64
C ALA A 381 19.30 20.98 -3.88
N GLU A 382 19.16 21.55 -5.08
CA GLU A 382 19.48 20.79 -6.29
C GLU A 382 20.98 20.47 -6.35
N PHE A 383 21.83 21.43 -5.98
CA PHE A 383 23.26 21.14 -5.93
C PHE A 383 23.60 20.14 -4.83
N LEU A 384 22.96 20.27 -3.67
CA LEU A 384 23.29 19.40 -2.54
C LEU A 384 22.72 18.00 -2.69
N THR A 385 21.70 17.81 -3.52
CA THR A 385 21.15 16.48 -3.75
C THR A 385 21.76 15.83 -4.98
N SER A 386 22.26 16.61 -5.94
CA SER A 386 23.09 16.06 -6.99
C SER A 386 24.51 15.73 -6.52
N TRP A 387 24.86 16.12 -5.30
CA TRP A 387 26.18 15.86 -4.73
C TRP A 387 26.24 14.57 -3.92
N GLU A 388 25.10 14.06 -3.47
CA GLU A 388 25.06 12.87 -2.64
C GLU A 388 25.20 11.57 -3.42
N ASN A 389 25.31 11.65 -4.74
CA ASN A 389 25.51 10.51 -5.65
C ASN A 389 24.39 9.48 -5.51
N HIS A 390 23.16 9.94 -5.74
CA HIS A 390 22.02 9.06 -5.73
C HIS A 390 22.03 8.20 -6.99
N ARG A 391 21.64 6.93 -6.85
CA ARG A 391 21.75 6.01 -7.96
C ARG A 391 20.63 6.20 -8.97
N LEU A 392 19.39 5.98 -8.54
CA LEU A 392 18.26 6.10 -9.45
C LEU A 392 17.83 7.57 -9.53
N GLU A 393 16.83 7.83 -10.37
CA GLU A 393 16.22 9.15 -10.43
C GLU A 393 15.08 9.31 -9.44
N SER A 394 14.43 8.20 -9.07
CA SER A 394 13.34 8.26 -8.11
C SER A 394 13.83 8.63 -6.72
N ALA A 395 14.99 8.11 -6.32
CA ALA A 395 15.54 8.44 -5.00
C ALA A 395 16.00 9.89 -4.94
N TYR A 396 16.62 10.37 -6.03
CA TYR A 396 17.03 11.77 -6.11
C TYR A 396 15.82 12.70 -6.07
N GLN A 397 14.76 12.35 -6.79
CA GLN A 397 13.55 13.15 -6.76
C GLN A 397 12.88 13.12 -5.39
N ASN A 398 12.91 11.97 -4.69
CA ASN A 398 12.31 11.90 -3.37
C ASN A 398 13.08 12.74 -2.35
N HIS A 399 14.41 12.71 -2.42
CA HIS A 399 15.20 13.52 -1.48
C HIS A 399 15.04 15.01 -1.76
N LEU A 400 15.01 15.39 -3.04
CA LEU A 400 14.80 16.80 -3.40
C LEU A 400 13.41 17.27 -2.99
N ILE A 401 12.39 16.42 -3.18
CA ILE A 401 11.04 16.77 -2.78
C ILE A 401 10.93 16.93 -1.27
N LEU A 402 11.64 16.08 -0.50
CA LEU A 402 11.60 16.21 0.96
C LEU A 402 12.25 17.51 1.42
N LYS A 403 13.44 17.83 0.88
CA LYS A 403 14.13 19.07 1.28
C LYS A 403 13.34 20.31 0.91
N VAL A 404 12.86 20.37 -0.33
CA VAL A 404 12.15 21.55 -0.80
C VAL A 404 10.78 21.68 -0.13
N LEU A 405 10.11 20.56 0.17
CA LEU A 405 8.82 20.61 0.84
C LEU A 405 8.96 21.08 2.28
N VAL A 406 9.97 20.59 3.00
CA VAL A 406 10.18 21.00 4.39
C VAL A 406 10.52 22.49 4.47
N PHE A 407 11.45 22.95 3.63
CA PHE A 407 11.81 24.37 3.70
C PHE A 407 10.70 25.27 3.19
N ASN A 408 9.94 24.85 2.17
CA ASN A 408 8.91 25.74 1.65
C ASN A 408 7.72 25.80 2.58
N PHE A 409 7.38 24.68 3.25
CA PHE A 409 6.36 24.71 4.28
C PHE A 409 6.74 25.64 5.42
N LEU A 410 7.98 25.51 5.92
CA LEU A 410 8.40 26.36 7.03
C LEU A 410 8.49 27.82 6.63
N ASN A 411 9.11 28.11 5.48
CA ASN A 411 9.30 29.49 5.04
C ASN A 411 8.01 30.16 4.62
N CYS A 412 7.00 29.41 4.19
CA CYS A 412 5.74 30.06 3.83
C CYS A 412 4.82 30.22 5.02
N PHE A 413 4.74 29.23 5.91
CA PHE A 413 3.73 29.27 6.97
C PHE A 413 4.29 29.59 8.35
N ALA A 414 5.58 29.94 8.46
CA ALA A 414 6.15 30.23 9.78
C ALA A 414 5.61 31.54 10.35
N SER A 415 5.48 32.57 9.51
CA SER A 415 4.96 33.84 9.99
C SER A 415 3.48 33.73 10.36
N LEU A 416 2.71 32.95 9.61
CA LEU A 416 1.30 32.77 9.95
C LEU A 416 1.13 31.92 11.20
N PHE A 417 2.01 30.95 11.43
CA PHE A 417 1.96 30.19 12.67
C PHE A 417 2.37 31.05 13.87
N TYR A 418 3.35 31.94 13.67
CA TYR A 418 3.75 32.83 14.74
C TYR A 418 2.68 33.87 15.05
N ILE A 419 1.90 34.29 14.05
CA ILE A 419 0.81 35.21 14.32
C ILE A 419 -0.33 34.47 15.03
N ALA A 420 -0.66 33.27 14.54
CA ALA A 420 -1.84 32.58 15.05
C ALA A 420 -1.65 31.98 16.43
N PHE A 421 -0.47 31.49 16.77
CA PHE A 421 -0.30 30.72 17.99
C PHE A 421 0.62 31.37 19.01
N VAL A 422 1.21 32.52 18.71
CA VAL A 422 2.04 33.25 19.66
C VAL A 422 1.48 34.64 19.93
N LEU A 423 1.28 35.43 18.87
CA LEU A 423 0.67 36.75 19.06
C LEU A 423 -0.81 36.65 19.36
N LYS A 424 -1.50 35.70 18.72
CA LYS A 424 -2.95 35.47 18.82
C LYS A 424 -3.75 36.73 18.49
N ASP A 425 -3.55 37.20 17.25
CA ASP A 425 -4.17 38.43 16.78
C ASP A 425 -4.76 38.11 15.40
N MET A 426 -6.08 37.91 15.35
CA MET A 426 -6.70 37.38 14.14
C MET A 426 -6.82 38.42 13.03
N LYS A 427 -6.82 39.71 13.37
CA LYS A 427 -6.88 40.74 12.34
C LYS A 427 -5.59 40.80 11.54
N LEU A 428 -4.45 40.77 12.24
CA LEU A 428 -3.16 40.68 11.57
C LEU A 428 -3.00 39.35 10.84
N LEU A 429 -3.62 38.28 11.35
CA LEU A 429 -3.56 37.00 10.64
C LEU A 429 -4.32 37.05 9.33
N ARG A 430 -5.51 37.67 9.33
CA ARG A 430 -6.27 37.83 8.09
C ARG A 430 -5.53 38.69 7.09
N GLN A 431 -4.97 39.83 7.55
CA GLN A 431 -4.25 40.74 6.65
C GLN A 431 -2.99 40.08 6.09
N SER A 432 -2.22 39.42 6.94
CA SER A 432 -0.96 38.81 6.51
C SER A 432 -1.21 37.61 5.61
N LEU A 433 -2.25 36.81 5.91
CA LEU A 433 -2.55 35.65 5.08
C LEU A 433 -3.05 36.06 3.71
N ALA A 434 -3.93 37.06 3.64
CA ALA A 434 -4.42 37.53 2.34
C ALA A 434 -3.31 38.19 1.54
N THR A 435 -2.45 38.97 2.18
CA THR A 435 -1.38 39.64 1.46
C THR A 435 -0.32 38.65 0.97
N LEU A 436 0.04 37.68 1.81
CA LEU A 436 1.03 36.66 1.42
C LEU A 436 0.50 35.80 0.29
N LEU A 437 -0.77 35.35 0.38
CA LEU A 437 -1.34 34.52 -0.67
C LEU A 437 -1.47 35.26 -1.99
N ILE A 438 -1.99 36.48 -1.98
CA ILE A 438 -2.19 37.24 -3.21
C ILE A 438 -0.86 37.66 -3.83
N THR A 439 0.09 38.14 -3.03
CA THR A 439 1.37 38.60 -3.58
C THR A 439 2.21 37.43 -4.07
N SER A 440 2.19 36.30 -3.35
CA SER A 440 2.94 35.13 -3.82
C SER A 440 2.33 34.55 -5.09
N GLN A 441 1.00 34.56 -5.22
CA GLN A 441 0.37 34.06 -6.44
C GLN A 441 0.63 34.98 -7.63
N ILE A 442 0.60 36.30 -7.40
CA ILE A 442 0.85 37.25 -8.49
C ILE A 442 2.30 37.17 -8.95
N LEU A 443 3.24 37.08 -8.01
CA LEU A 443 4.65 36.99 -8.38
C LEU A 443 4.96 35.63 -9.00
N ASN A 444 4.24 34.59 -8.58
CA ASN A 444 4.35 33.28 -9.23
C ASN A 444 3.87 33.33 -10.67
N GLN A 445 2.73 33.97 -10.93
CA GLN A 445 2.24 34.04 -12.30
C GLN A 445 3.07 34.98 -13.16
N ILE A 446 3.77 35.94 -12.57
CA ILE A 446 4.62 36.81 -13.36
C ILE A 446 5.95 36.13 -13.69
N MET A 447 6.63 35.59 -12.68
CA MET A 447 7.93 34.97 -12.92
C MET A 447 7.83 33.58 -13.54
N GLU A 448 6.65 32.95 -13.54
CA GLU A 448 6.54 31.59 -14.04
C GLU A 448 6.30 31.59 -15.55
N SER A 449 5.31 32.34 -16.02
CA SER A 449 4.93 32.19 -17.42
C SER A 449 4.91 33.47 -18.21
N PHE A 450 4.50 34.59 -17.62
CA PHE A 450 4.23 35.80 -18.40
C PHE A 450 5.50 36.49 -18.85
N LEU A 451 6.42 36.76 -17.93
CA LEU A 451 7.72 37.31 -18.32
C LEU A 451 8.56 36.39 -19.20
N PRO A 452 8.63 35.06 -18.98
CA PRO A 452 9.30 34.23 -20.00
C PRO A 452 8.57 34.20 -21.34
N TYR A 453 7.24 34.35 -21.37
CA TYR A 453 6.55 34.46 -22.65
C TYR A 453 6.89 35.75 -23.37
N TRP A 454 7.05 36.85 -22.64
CA TRP A 454 7.43 38.11 -23.26
C TRP A 454 8.86 38.05 -23.79
N LEU A 455 9.77 37.45 -23.02
CA LEU A 455 11.14 37.27 -23.50
C LEU A 455 11.21 36.31 -24.67
N GLN A 456 10.33 35.30 -24.70
CA GLN A 456 10.31 34.38 -25.82
C GLN A 456 9.72 35.03 -27.06
N ARG A 457 8.76 35.94 -26.89
CA ARG A 457 8.24 36.68 -28.03
C ARG A 457 9.30 37.61 -28.62
N LYS A 458 10.07 38.26 -27.75
CA LYS A 458 11.17 39.11 -28.21
C LYS A 458 12.23 38.30 -28.95
N HIS A 459 12.60 37.14 -28.40
CA HIS A 459 13.58 36.27 -29.03
C HIS A 459 13.06 35.69 -30.34
N GLY A 460 11.76 35.40 -30.42
CA GLY A 460 11.19 34.87 -31.65
C GLY A 460 11.12 35.91 -32.74
N VAL A 461 10.81 37.16 -32.39
CA VAL A 461 10.83 38.25 -33.36
C VAL A 461 12.25 38.49 -33.86
N ARG A 462 13.24 38.41 -32.97
CA ARG A 462 14.63 38.58 -33.37
C ARG A 462 15.11 37.45 -34.27
N VAL A 463 14.74 36.20 -33.96
CA VAL A 463 15.12 35.06 -34.78
C VAL A 463 14.44 35.10 -36.13
N LYS A 464 13.17 35.54 -36.17
CA LYS A 464 12.45 35.70 -37.43
C LYS A 464 13.09 36.77 -38.31
N ARG A 465 13.47 37.91 -37.73
CA ARG A 465 14.12 38.96 -38.50
C ARG A 465 15.53 38.57 -38.93
N LYS A 466 16.19 37.68 -38.18
CA LYS A 466 17.48 37.16 -38.63
C LYS A 466 17.31 36.17 -39.77
N VAL A 467 16.28 35.32 -39.71
CA VAL A 467 16.10 34.28 -40.72
C VAL A 467 15.63 34.89 -42.04
N GLN A 468 14.79 35.94 -41.97
CA GLN A 468 14.28 36.57 -43.18
C GLN A 468 15.36 37.32 -43.96
N ALA A 469 16.48 37.67 -43.33
CA ALA A 469 17.62 38.25 -44.03
C ALA A 469 18.65 37.16 -44.32
N LEU A 470 18.31 36.34 -45.32
CA LEU A 470 19.10 35.16 -45.68
C LEU A 470 19.58 35.27 -47.12
N LYS A 471 20.52 34.39 -47.48
CA LYS A 471 21.10 34.38 -48.82
C LYS A 471 21.21 32.96 -49.37
N ALA A 472 20.27 32.08 -49.03
CA ALA A 472 20.26 30.71 -49.49
C ALA A 472 18.85 30.29 -49.87
N ASP A 473 18.76 29.15 -50.56
CA ASP A 473 17.47 28.56 -50.95
C ASP A 473 16.96 27.60 -49.88
N ILE A 474 16.85 28.12 -48.66
CA ILE A 474 16.50 27.28 -47.51
C ILE A 474 14.99 27.22 -47.36
N ASP A 475 14.45 26.01 -47.24
CA ASP A 475 13.06 25.83 -46.81
C ASP A 475 12.97 26.30 -45.37
N ALA A 476 12.39 27.48 -45.17
CA ALA A 476 12.48 28.16 -43.89
C ALA A 476 11.61 27.55 -42.80
N THR A 477 10.57 26.80 -43.18
CA THR A 477 9.61 26.27 -42.22
C THR A 477 10.21 25.23 -41.28
N LEU A 478 11.28 24.55 -41.68
CA LEU A 478 11.96 23.59 -40.83
C LEU A 478 13.20 24.14 -40.16
N TYR A 479 14.09 24.79 -40.92
CA TYR A 479 15.32 25.35 -40.36
C TYR A 479 15.02 26.47 -39.38
N GLU A 480 14.06 27.33 -39.73
CA GLU A 480 13.63 28.42 -38.85
C GLU A 480 13.04 27.88 -37.56
N GLN A 481 12.27 26.78 -37.66
CA GLN A 481 11.66 26.17 -36.48
C GLN A 481 12.72 25.54 -35.58
N VAL A 482 13.71 24.86 -36.16
CA VAL A 482 14.75 24.23 -35.35
C VAL A 482 15.66 25.28 -34.71
N ILE A 483 15.95 26.38 -35.41
CA ILE A 483 16.75 27.46 -34.83
C ILE A 483 15.98 28.17 -33.71
N LEU A 484 14.66 28.33 -33.87
CA LEU A 484 13.87 28.96 -32.81
C LEU A 484 13.76 28.06 -31.60
N GLU A 485 13.53 26.78 -31.79
CA GLU A 485 13.38 25.85 -30.67
C GLU A 485 14.71 25.41 -30.08
N LYS A 486 15.84 25.75 -30.70
CA LYS A 486 17.13 25.44 -30.10
C LYS A 486 17.37 26.29 -28.86
N GLU A 487 16.97 27.55 -28.91
CA GLU A 487 17.25 28.51 -27.84
C GLU A 487 16.08 28.71 -26.90
N MET A 488 15.05 27.87 -26.97
CA MET A 488 13.97 27.91 -26.00
C MET A 488 14.43 27.29 -24.69
N GLY A 489 13.60 27.44 -23.65
CA GLY A 489 13.89 26.82 -22.38
C GLY A 489 13.32 25.43 -22.30
N THR A 490 13.99 24.56 -21.55
CA THR A 490 13.53 23.19 -21.40
C THR A 490 12.59 23.07 -20.20
N TYR A 491 11.76 22.05 -20.20
CA TYR A 491 10.81 21.83 -19.12
C TYR A 491 11.46 20.94 -18.07
N LEU A 492 11.59 21.46 -16.85
CA LEU A 492 12.26 20.73 -15.78
C LEU A 492 11.27 19.92 -14.94
N GLY A 493 10.45 19.12 -15.60
CA GLY A 493 9.52 18.25 -14.92
C GLY A 493 8.33 18.95 -14.29
N THR A 494 7.35 18.17 -13.85
CA THR A 494 6.19 18.72 -13.13
C THR A 494 6.45 18.60 -11.63
N PHE A 495 7.36 19.45 -11.15
CA PHE A 495 7.65 19.54 -9.73
C PHE A 495 7.29 20.89 -9.15
N ASP A 496 7.66 21.99 -9.80
CA ASP A 496 7.24 23.30 -9.33
C ASP A 496 5.75 23.51 -9.52
N ASP A 497 5.18 22.90 -10.56
CA ASP A 497 3.78 23.07 -10.86
C ASP A 497 2.87 22.30 -9.91
N TYR A 498 3.38 21.25 -9.26
CA TYR A 498 2.65 20.63 -8.16
C TYR A 498 2.95 21.30 -6.84
N LEU A 499 4.13 21.90 -6.71
CA LEU A 499 4.51 22.59 -5.49
C LEU A 499 3.68 23.85 -5.28
N GLU A 500 3.34 24.53 -6.38
CA GLU A 500 2.46 25.69 -6.30
C GLU A 500 1.07 25.30 -5.82
N LEU A 501 0.55 24.15 -6.29
CA LEU A 501 -0.75 23.68 -5.82
C LEU A 501 -0.68 23.20 -4.38
N PHE A 502 0.45 22.64 -3.97
CA PHE A 502 0.64 22.24 -2.58
C PHE A 502 0.62 23.45 -1.65
N LEU A 503 1.31 24.53 -2.04
CA LEU A 503 1.29 25.73 -1.22
C LEU A 503 -0.05 26.45 -1.27
N GLN A 504 -0.78 26.33 -2.39
CA GLN A 504 -2.14 26.86 -2.45
C GLN A 504 -3.06 26.11 -1.48
N PHE A 505 -2.97 24.77 -1.48
CA PHE A 505 -3.74 23.98 -0.53
C PHE A 505 -3.33 24.24 0.91
N GLY A 506 -2.06 24.60 1.12
CA GLY A 506 -1.62 24.97 2.45
C GLY A 506 -2.20 26.30 2.91
N TYR A 507 -2.16 27.30 2.03
CA TYR A 507 -2.73 28.61 2.38
C TYR A 507 -4.25 28.55 2.52
N VAL A 508 -4.90 27.64 1.81
CA VAL A 508 -6.35 27.54 1.90
C VAL A 508 -6.78 26.75 3.13
N SER A 509 -6.21 25.56 3.31
CA SER A 509 -6.79 24.60 4.24
C SER A 509 -6.24 24.68 5.65
N LEU A 510 -5.07 25.31 5.86
CA LEU A 510 -4.53 25.39 7.22
C LEU A 510 -5.29 26.40 8.06
N PHE A 511 -5.70 27.52 7.47
CA PHE A 511 -6.40 28.56 8.21
C PHE A 511 -7.74 28.87 7.57
N SER A 512 -8.50 27.84 7.21
CA SER A 512 -9.81 28.04 6.63
C SER A 512 -10.87 28.40 7.66
N CYS A 513 -10.58 28.23 8.95
CA CYS A 513 -11.54 28.61 9.98
C CYS A 513 -11.56 30.11 10.18
N VAL A 514 -10.39 30.74 10.29
CA VAL A 514 -10.34 32.16 10.62
C VAL A 514 -10.41 33.01 9.36
N TYR A 515 -10.25 32.40 8.19
CA TYR A 515 -10.22 33.12 6.92
C TYR A 515 -10.59 32.19 5.78
N PRO A 516 -11.88 31.95 5.56
CA PRO A 516 -12.29 31.08 4.45
C PRO A 516 -12.22 31.76 3.09
N LEU A 517 -12.22 33.10 3.07
CA LEU A 517 -12.18 33.88 1.83
C LEU A 517 -10.94 33.58 0.99
N ALA A 518 -9.84 33.18 1.63
CA ALA A 518 -8.61 32.80 0.93
C ALA A 518 -8.84 31.63 -0.02
N ALA A 519 -9.81 30.76 0.26
CA ALA A 519 -10.15 29.68 -0.66
C ALA A 519 -10.63 30.25 -2.00
N ALA A 520 -11.41 31.33 -1.96
CA ALA A 520 -11.78 32.02 -3.20
C ALA A 520 -10.55 32.59 -3.90
N PHE A 521 -9.57 33.05 -3.12
CA PHE A 521 -8.32 33.55 -3.68
C PHE A 521 -7.48 32.44 -4.31
N ALA A 522 -7.81 31.17 -4.07
CA ALA A 522 -7.18 30.12 -4.86
C ALA A 522 -7.90 29.93 -6.19
N VAL A 523 -9.24 29.99 -6.18
CA VAL A 523 -10.00 29.63 -7.37
C VAL A 523 -9.82 30.68 -8.45
N LEU A 524 -9.88 31.96 -8.08
CA LEU A 524 -9.56 33.06 -8.96
C LEU A 524 -8.11 33.05 -9.42
N ASN A 525 -7.22 32.34 -8.73
CA ASN A 525 -5.89 32.12 -9.28
C ASN A 525 -5.91 30.99 -10.30
N ASN A 526 -6.61 29.90 -9.99
CA ASN A 526 -6.53 28.70 -10.83
C ASN A 526 -7.21 28.90 -12.17
N PHE A 527 -8.25 29.75 -12.21
CA PHE A 527 -8.87 30.14 -13.47
C PHE A 527 -7.90 30.88 -14.39
N THR A 528 -6.86 31.49 -13.85
CA THR A 528 -5.78 31.99 -14.69
C THR A 528 -4.71 30.93 -14.94
N GLU A 529 -4.43 30.09 -13.93
CA GLU A 529 -3.28 29.18 -14.02
C GLU A 529 -3.52 28.08 -15.05
N VAL A 530 -4.77 27.62 -15.16
CA VAL A 530 -5.20 26.70 -16.23
C VAL A 530 -4.89 27.29 -17.59
N ASN A 531 -5.09 28.60 -17.75
CA ASN A 531 -4.63 29.26 -18.97
C ASN A 531 -3.11 29.38 -18.96
N SER A 532 -2.55 29.88 -17.84
CA SER A 532 -1.18 30.39 -17.84
C SER A 532 -0.15 29.30 -18.03
N ASP A 533 -0.27 28.21 -17.26
CA ASP A 533 0.55 27.03 -17.45
C ASP A 533 0.40 26.45 -18.84
N ALA A 534 -0.81 26.54 -19.42
CA ALA A 534 -1.02 26.11 -20.80
C ALA A 534 -0.17 26.93 -21.76
N LEU A 535 -0.13 28.24 -21.55
CA LEU A 535 0.75 29.10 -22.34
C LEU A 535 2.21 28.73 -22.11
N LYS A 536 2.54 28.33 -20.87
CA LYS A 536 3.89 27.91 -20.56
C LYS A 536 4.26 26.62 -21.29
N MET A 537 3.27 25.81 -21.64
CA MET A 537 3.58 24.62 -22.41
C MET A 537 3.53 24.88 -23.91
N CYS A 538 2.97 26.03 -24.31
CA CYS A 538 2.67 26.17 -25.74
C CYS A 538 3.64 27.10 -26.46
N ARG A 539 3.91 28.27 -25.90
CA ARG A 539 4.70 29.28 -26.59
C ARG A 539 5.94 29.70 -25.81
N VAL A 540 6.30 29.02 -24.73
CA VAL A 540 7.40 29.42 -23.87
C VAL A 540 8.52 28.39 -23.89
N PHE A 541 8.19 27.12 -23.71
CA PHE A 541 9.17 26.06 -23.52
C PHE A 541 9.28 25.21 -24.78
N LYS A 542 10.30 24.36 -24.79
CA LYS A 542 10.39 23.30 -25.78
C LYS A 542 9.31 22.25 -25.53
N ARG A 543 9.14 21.37 -26.49
CA ARG A 543 8.25 20.24 -26.30
C ARG A 543 8.90 19.27 -25.33
N PRO A 544 8.26 18.92 -24.22
CA PRO A 544 8.84 17.92 -23.33
C PRO A 544 8.68 16.53 -23.92
N PHE A 545 9.60 15.65 -23.53
CA PHE A 545 9.49 14.25 -23.94
C PHE A 545 8.33 13.60 -23.19
N SER A 546 7.60 12.74 -23.88
CA SER A 546 6.46 12.07 -23.28
C SER A 546 6.93 11.06 -22.25
N GLU A 547 6.39 11.14 -21.04
CA GLU A 547 6.73 10.23 -19.98
C GLU A 547 5.47 9.56 -19.44
N PRO A 548 5.40 8.24 -19.46
CA PRO A 548 4.23 7.57 -18.88
C PRO A 548 4.23 7.65 -17.36
N SER A 549 3.07 7.95 -16.79
CA SER A 549 2.92 8.03 -15.35
C SER A 549 1.53 7.55 -14.98
N ALA A 550 1.46 6.74 -13.92
CA ALA A 550 0.20 6.17 -13.49
C ALA A 550 -0.48 6.97 -12.39
N ASN A 551 0.25 7.84 -11.70
CA ASN A 551 -0.30 8.65 -10.63
C ASN A 551 0.52 9.93 -10.51
N ILE A 552 0.12 10.79 -9.56
CA ILE A 552 0.93 11.97 -9.29
C ILE A 552 2.17 11.62 -8.50
N GLY A 553 2.19 10.47 -7.86
CA GLY A 553 3.40 9.97 -7.23
C GLY A 553 3.43 10.18 -5.74
N VAL A 554 4.47 10.87 -5.27
CA VAL A 554 4.62 11.14 -3.84
C VAL A 554 3.82 12.34 -3.41
N TRP A 555 3.21 13.06 -4.34
CA TRP A 555 2.43 14.24 -4.00
C TRP A 555 1.11 13.89 -3.33
N GLN A 556 0.61 12.66 -3.51
CA GLN A 556 -0.59 12.24 -2.79
C GLN A 556 -0.34 12.19 -1.28
N LEU A 557 0.84 11.70 -0.89
CA LEU A 557 1.22 11.67 0.52
C LEU A 557 1.40 13.08 1.06
N ALA A 558 1.92 13.99 0.23
CA ALA A 558 2.12 15.37 0.67
C ALA A 558 0.79 16.10 0.87
N PHE A 559 -0.15 15.90 -0.06
CA PHE A 559 -1.46 16.52 0.09
C PHE A 559 -2.25 15.92 1.25
N GLU A 560 -2.12 14.61 1.49
CA GLU A 560 -2.78 14.02 2.65
C GLU A 560 -2.14 14.46 3.96
N THR A 561 -0.82 14.66 3.98
CA THR A 561 -0.16 15.17 5.18
C THR A 561 -0.54 16.61 5.46
N MET A 562 -0.74 17.41 4.39
CA MET A 562 -1.26 18.76 4.57
C MET A 562 -2.68 18.74 5.12
N SER A 563 -3.52 17.83 4.62
CA SER A 563 -4.88 17.72 5.12
C SER A 563 -4.97 17.13 6.53
N VAL A 564 -3.92 16.45 7.01
CA VAL A 564 -3.87 15.97 8.38
C VAL A 564 -3.35 17.05 9.33
N ILE A 565 -2.32 17.80 8.92
CA ILE A 565 -1.80 18.92 9.71
C ILE A 565 -2.86 20.01 9.87
N SER A 566 -3.67 20.22 8.84
CA SER A 566 -4.70 21.25 8.89
C SER A 566 -5.83 20.92 9.87
N VAL A 567 -6.00 19.65 10.25
CA VAL A 567 -6.96 19.30 11.30
C VAL A 567 -6.53 19.89 12.63
N VAL A 568 -5.27 19.66 13.01
CA VAL A 568 -4.74 20.18 14.27
C VAL A 568 -4.69 21.70 14.24
N THR A 569 -4.33 22.28 13.09
CA THR A 569 -4.25 23.74 13.01
C THR A 569 -5.63 24.38 13.06
N ASN A 570 -6.63 23.78 12.41
CA ASN A 570 -7.98 24.31 12.44
C ASN A 570 -8.61 24.16 13.83
N CYS A 571 -8.32 23.06 14.53
CA CYS A 571 -8.87 22.91 15.87
C CYS A 571 -8.18 23.83 16.88
N ALA A 572 -6.88 24.07 16.70
CA ALA A 572 -6.20 25.04 17.54
C ALA A 572 -6.64 26.47 17.26
N LEU A 573 -7.11 26.76 16.04
CA LEU A 573 -7.71 28.05 15.77
C LEU A 573 -9.16 28.15 16.23
N ILE A 574 -9.85 27.02 16.34
CA ILE A 574 -11.18 27.01 16.94
C ILE A 574 -11.07 27.29 18.44
N GLY A 575 -10.13 26.64 19.11
CA GLY A 575 -9.96 26.82 20.55
C GLY A 575 -9.24 28.07 20.98
N MET A 576 -9.21 29.10 20.13
CA MET A 576 -8.65 30.39 20.48
C MET A 576 -9.56 31.56 20.11
N SER A 577 -10.65 31.30 19.40
CA SER A 577 -11.54 32.37 18.97
C SER A 577 -12.37 32.88 20.15
N PRO A 578 -12.86 34.12 20.09
CA PRO A 578 -13.78 34.60 21.12
C PRO A 578 -15.17 34.00 21.02
N GLN A 579 -15.49 33.28 19.94
CA GLN A 579 -16.81 32.67 19.81
C GLN A 579 -16.92 31.40 20.64
N VAL A 580 -15.92 30.53 20.58
CA VAL A 580 -16.00 29.26 21.28
C VAL A 580 -15.68 29.46 22.77
N ASN A 581 -14.87 30.46 23.11
CA ASN A 581 -14.55 30.73 24.51
C ASN A 581 -15.72 31.32 25.28
N ALA A 582 -16.74 31.83 24.60
CA ALA A 582 -17.94 32.29 25.28
C ALA A 582 -18.79 31.12 25.77
N VAL A 583 -18.57 29.92 25.25
CA VAL A 583 -19.30 28.75 25.72
C VAL A 583 -18.76 28.31 27.08
N PHE A 584 -17.44 28.32 27.24
CA PHE A 584 -16.77 27.92 28.47
C PHE A 584 -15.99 29.13 28.99
N PRO A 585 -16.66 30.05 29.69
CA PRO A 585 -15.97 31.29 30.10
C PRO A 585 -15.05 31.11 31.29
N GLU A 586 -15.46 30.25 32.23
CA GLU A 586 -14.69 30.09 33.47
C GLU A 586 -13.79 28.87 33.46
N SER A 587 -14.23 27.77 32.85
CA SER A 587 -13.50 26.51 32.84
C SER A 587 -12.84 26.34 31.48
N LYS A 588 -11.58 26.76 31.38
CA LYS A 588 -10.79 26.59 30.17
C LYS A 588 -10.07 25.25 30.12
N ALA A 589 -10.39 24.34 31.04
CA ALA A 589 -9.82 23.00 31.02
C ALA A 589 -10.75 21.98 30.38
N ASP A 590 -12.03 22.30 30.23
CA ASP A 590 -12.96 21.44 29.52
C ASP A 590 -13.03 21.83 28.04
N LEU A 591 -12.71 23.08 27.72
CA LEU A 591 -12.66 23.53 26.33
C LEU A 591 -11.56 22.83 25.56
N ILE A 592 -10.38 22.69 26.17
CA ILE A 592 -9.27 22.01 25.52
C ILE A 592 -9.57 20.53 25.33
N LEU A 593 -10.25 19.92 26.31
CA LEU A 593 -10.61 18.50 26.19
C LEU A 593 -11.65 18.28 25.11
N ILE A 594 -12.63 19.18 25.00
CA ILE A 594 -13.66 19.04 23.97
C ILE A 594 -13.08 19.29 22.59
N VAL A 595 -12.17 20.26 22.46
CA VAL A 595 -11.53 20.55 21.17
C VAL A 595 -10.61 19.40 20.75
N VAL A 596 -9.89 18.82 21.71
CA VAL A 596 -9.02 17.67 21.41
C VAL A 596 -9.85 16.43 21.06
N ALA A 597 -11.01 16.26 21.70
CA ALA A 597 -11.88 15.15 21.35
C ALA A 597 -12.48 15.31 19.96
N VAL A 598 -12.85 16.54 19.60
CA VAL A 598 -13.36 16.81 18.25
C VAL A 598 -12.26 16.62 17.22
N GLU A 599 -11.02 16.99 17.57
CA GLU A 599 -9.87 16.83 16.68
C GLU A 599 -9.54 15.35 16.45
N HIS A 600 -9.56 14.55 17.51
CA HIS A 600 -9.29 13.12 17.35
C HIS A 600 -10.44 12.41 16.65
N ALA A 601 -11.68 12.85 16.86
CA ALA A 601 -12.81 12.28 16.13
C ALA A 601 -12.74 12.63 14.65
N LEU A 602 -12.26 13.84 14.33
CA LEU A 602 -12.12 14.22 12.93
C LEU A 602 -10.97 13.48 12.26
N LEU A 603 -9.88 13.23 12.98
CA LEU A 603 -8.78 12.43 12.43
C LEU A 603 -9.22 10.98 12.22
N ALA A 604 -9.99 10.42 13.15
CA ALA A 604 -10.46 9.06 13.01
C ALA A 604 -11.46 8.93 11.86
N LEU A 605 -12.36 9.91 11.72
CA LEU A 605 -13.33 9.89 10.63
C LEU A 605 -12.66 10.13 9.29
N LYS A 606 -11.59 10.93 9.26
CA LYS A 606 -10.82 11.14 8.04
C LYS A 606 -10.08 9.88 7.61
N PHE A 607 -9.47 9.16 8.56
CA PHE A 607 -8.80 7.92 8.20
C PHE A 607 -9.80 6.82 7.84
N ILE A 608 -10.98 6.83 8.45
CA ILE A 608 -12.03 5.88 8.08
C ILE A 608 -12.56 6.17 6.68
N LEU A 609 -12.70 7.45 6.32
CA LEU A 609 -13.11 7.81 4.98
C LEU A 609 -12.03 7.49 3.95
N ALA A 610 -10.76 7.62 4.32
CA ALA A 610 -9.69 7.29 3.37
C ALA A 610 -9.51 5.79 3.22
N PHE A 611 -9.84 4.99 4.24
CA PHE A 611 -9.73 3.54 4.15
C PHE A 611 -10.98 2.88 3.57
N ALA A 612 -12.15 3.50 3.70
CA ALA A 612 -13.39 2.86 3.30
C ALA A 612 -13.60 2.94 1.80
N ILE A 613 -13.37 4.09 1.20
CA ILE A 613 -13.54 4.30 -0.24
C ILE A 613 -12.41 3.58 -0.97
N PRO A 614 -12.71 2.77 -1.97
CA PRO A 614 -11.64 2.10 -2.72
C PRO A 614 -10.91 3.05 -3.65
N ASP A 615 -9.65 2.74 -3.91
CA ASP A 615 -8.79 3.61 -4.72
C ASP A 615 -9.16 3.53 -6.20
N LYS A 616 -9.23 2.31 -6.73
CA LYS A 616 -9.71 2.15 -8.10
C LYS A 616 -11.22 2.04 -8.11
N PRO A 617 -11.88 2.47 -9.20
CA PRO A 617 -13.34 2.34 -9.27
C PRO A 617 -13.80 0.92 -9.50
N ARG A 618 -15.10 0.72 -9.66
CA ARG A 618 -15.63 -0.63 -9.80
C ARG A 618 -15.30 -1.23 -11.16
N HIS A 619 -15.60 -0.50 -12.24
CA HIS A 619 -15.42 -1.06 -13.58
C HIS A 619 -13.95 -1.17 -13.98
N ILE A 620 -13.10 -0.27 -13.47
CA ILE A 620 -11.66 -0.41 -13.69
C ILE A 620 -11.13 -1.65 -12.99
N GLN A 621 -11.65 -1.95 -11.79
CA GLN A 621 -11.23 -3.14 -11.07
C GLN A 621 -11.72 -4.41 -11.77
N MET A 622 -12.94 -4.36 -12.34
CA MET A 622 -13.45 -5.48 -13.12
C MET A 622 -12.62 -5.70 -14.38
N LYS A 623 -12.18 -4.62 -15.03
CA LYS A 623 -11.39 -4.76 -16.24
C LYS A 623 -9.99 -5.27 -15.93
N LEU A 624 -9.40 -4.86 -14.81
CA LEU A 624 -8.10 -5.41 -14.41
C LEU A 624 -8.23 -6.88 -14.00
N ALA A 625 -9.35 -7.26 -13.38
CA ALA A 625 -9.56 -8.66 -13.03
C ALA A 625 -9.76 -9.51 -14.28
N ARG A 626 -10.44 -8.98 -15.30
CA ARG A 626 -10.57 -9.69 -16.57
C ARG A 626 -9.23 -9.83 -17.28
N LEU A 627 -8.41 -8.77 -17.25
CA LEU A 627 -7.08 -8.84 -17.85
C LEU A 627 -6.16 -9.80 -17.11
N GLU A 628 -6.36 -9.98 -15.80
CA GLU A 628 -5.59 -10.98 -15.08
C GLU A 628 -6.09 -12.39 -15.38
N PHE A 629 -7.41 -12.56 -15.48
CA PHE A 629 -7.97 -13.88 -15.72
C PHE A 629 -7.65 -14.39 -17.12
N GLU A 630 -7.57 -13.50 -18.11
CA GLU A 630 -7.19 -13.94 -19.46
C GLU A 630 -5.75 -14.44 -19.50
N SER A 631 -4.84 -13.79 -18.77
CA SER A 631 -3.46 -14.27 -18.71
C SER A 631 -3.36 -15.57 -17.91
N LEU A 632 -4.18 -15.73 -16.87
CA LEU A 632 -4.19 -16.98 -16.12
C LEU A 632 -4.73 -18.12 -16.97
N GLU A 633 -5.73 -17.84 -17.81
CA GLU A 633 -6.24 -18.86 -18.73
C GLU A 633 -5.23 -19.19 -19.82
N ALA A 634 -4.45 -18.20 -20.26
CA ALA A 634 -3.38 -18.47 -21.22
C ALA A 634 -2.30 -19.35 -20.59
N LEU A 635 -1.99 -19.12 -19.31
CA LEU A 635 -1.03 -19.98 -18.61
C LEU A 635 -1.57 -21.39 -18.44
N LYS A 636 -2.88 -21.52 -18.16
CA LYS A 636 -3.47 -22.85 -18.01
C LYS A 636 -3.52 -23.60 -19.33
N GLN A 637 -3.78 -22.89 -20.43
CA GLN A 637 -3.79 -23.55 -21.73
C GLN A 637 -2.38 -23.90 -22.20
N GLN A 638 -1.37 -23.11 -21.80
CA GLN A 638 0.01 -23.51 -22.05
C GLN A 638 0.41 -24.73 -21.23
N GLN A 639 -0.09 -24.83 -19.99
CA GLN A 639 0.18 -26.00 -19.16
C GLN A 639 -0.51 -27.25 -19.69
N MET A 640 -1.72 -27.10 -20.23
CA MET A 640 -2.51 -28.27 -20.64
C MET A 640 -1.97 -28.92 -21.91
N LYS A 641 -1.41 -28.13 -22.82
CA LYS A 641 -0.85 -28.68 -24.05
C LYS A 641 0.49 -29.36 -23.80
N SER B 13 -3.02 -50.44 -5.65
CA SER B 13 -3.70 -50.91 -4.45
C SER B 13 -2.74 -51.05 -3.28
N SER B 14 -1.48 -50.67 -3.50
CA SER B 14 -0.46 -50.70 -2.47
C SER B 14 0.20 -49.34 -2.29
N PHE B 15 -0.47 -48.27 -2.67
CA PHE B 15 0.09 -46.92 -2.60
C PHE B 15 -0.01 -46.38 -1.17
N THR B 16 0.44 -45.15 -0.99
CA THR B 16 0.38 -44.48 0.29
C THR B 16 -0.85 -43.59 0.34
N PRO B 17 -1.78 -43.80 1.28
CA PRO B 17 -2.97 -42.96 1.32
C PRO B 17 -2.65 -41.56 1.84
N LEU B 18 -3.20 -40.56 1.16
CA LEU B 18 -2.93 -39.17 1.51
C LEU B 18 -4.17 -38.40 1.92
N VAL B 19 -5.29 -38.60 1.25
CA VAL B 19 -6.51 -37.84 1.53
C VAL B 19 -7.65 -38.83 1.72
N VAL B 20 -8.44 -38.65 2.78
CA VAL B 20 -9.59 -39.50 3.05
C VAL B 20 -10.86 -38.73 2.72
N ILE B 21 -11.72 -39.35 1.92
CA ILE B 21 -13.03 -38.81 1.60
C ILE B 21 -14.06 -39.69 2.30
N GLU B 22 -14.90 -39.09 3.13
CA GLU B 22 -15.93 -39.84 3.84
C GLU B 22 -17.28 -39.54 3.20
N LEU B 23 -17.90 -40.56 2.60
CA LEU B 23 -19.22 -40.39 2.03
C LEU B 23 -20.27 -40.48 3.13
N ALA B 24 -21.51 -40.16 2.77
CA ALA B 24 -22.62 -40.27 3.69
C ALA B 24 -23.10 -41.72 3.77
N GLN B 25 -24.09 -41.98 4.62
CA GLN B 25 -24.62 -43.33 4.77
C GLN B 25 -25.54 -43.68 3.59
N ASP B 26 -26.60 -42.89 3.40
CA ASP B 26 -27.58 -43.14 2.35
C ASP B 26 -27.06 -42.57 1.03
N VAL B 27 -26.12 -43.29 0.45
CA VAL B 27 -25.54 -42.93 -0.85
C VAL B 27 -25.70 -44.15 -1.76
N LYS B 28 -26.35 -43.96 -2.90
CA LYS B 28 -26.61 -45.06 -3.81
C LYS B 28 -25.33 -45.49 -4.52
N GLU B 29 -25.40 -46.67 -5.16
CA GLU B 29 -24.22 -47.24 -5.80
C GLU B 29 -23.83 -46.50 -7.06
N GLU B 30 -24.82 -45.93 -7.77
CA GLU B 30 -24.55 -45.27 -9.04
C GLU B 30 -23.73 -44.00 -8.84
N THR B 31 -24.01 -43.25 -7.77
CA THR B 31 -23.21 -42.07 -7.44
C THR B 31 -21.79 -42.45 -7.05
N LYS B 32 -21.63 -43.59 -6.36
CA LYS B 32 -20.29 -44.05 -5.99
C LYS B 32 -19.47 -44.45 -7.20
N GLU B 33 -20.07 -45.19 -8.14
CA GLU B 33 -19.34 -45.57 -9.34
C GLU B 33 -19.09 -44.37 -10.26
N TRP B 34 -20.00 -43.39 -10.26
CA TRP B 34 -19.77 -42.19 -11.06
C TRP B 34 -18.65 -41.33 -10.48
N LEU B 35 -18.59 -41.21 -9.16
CA LEU B 35 -17.49 -40.49 -8.53
C LEU B 35 -16.16 -41.21 -8.72
N LYS B 36 -16.18 -42.55 -8.61
CA LYS B 36 -14.96 -43.33 -8.83
C LYS B 36 -14.51 -43.28 -10.28
N ASN B 37 -15.43 -43.17 -11.23
CA ASN B 37 -15.09 -43.01 -12.63
C ASN B 37 -14.67 -41.59 -12.96
N ARG B 38 -15.07 -40.60 -12.16
CA ARG B 38 -14.60 -39.24 -12.35
C ARG B 38 -13.31 -38.93 -11.60
N ILE B 39 -12.87 -39.82 -10.72
CA ILE B 39 -11.60 -39.62 -10.02
C ILE B 39 -10.45 -40.32 -10.73
N ILE B 40 -10.63 -41.59 -11.12
CA ILE B 40 -9.51 -42.37 -11.64
C ILE B 40 -9.18 -41.99 -13.08
N ALA B 41 -10.17 -41.48 -13.82
CA ALA B 41 -10.01 -41.19 -15.24
C ALA B 41 -9.02 -40.05 -15.48
N LYS B 42 -8.40 -40.08 -16.66
CA LYS B 42 -7.25 -39.23 -16.94
C LYS B 42 -7.68 -37.78 -17.14
N LYS B 43 -6.67 -36.92 -17.28
CA LYS B 43 -6.92 -35.48 -17.37
C LYS B 43 -7.51 -35.09 -18.72
N LYS B 44 -7.27 -35.89 -19.76
CA LYS B 44 -7.84 -35.62 -21.07
C LYS B 44 -9.28 -36.11 -21.19
N ASP B 45 -9.70 -37.04 -20.33
CA ASP B 45 -11.07 -37.54 -20.31
C ASP B 45 -11.96 -36.80 -19.33
N GLY B 46 -11.51 -35.65 -18.83
CA GLY B 46 -12.31 -34.88 -17.89
C GLY B 46 -12.28 -35.37 -16.46
N GLY B 47 -11.22 -36.09 -16.06
CA GLY B 47 -11.12 -36.57 -14.71
C GLY B 47 -10.06 -35.86 -13.89
N ALA B 48 -9.43 -36.58 -12.97
CA ALA B 48 -8.37 -36.02 -12.15
C ALA B 48 -7.12 -36.87 -12.06
N GLN B 49 -7.17 -38.15 -12.50
CA GLN B 49 -6.04 -39.07 -12.56
C GLN B 49 -5.41 -39.29 -11.18
N LEU B 50 -6.26 -39.58 -10.20
CA LEU B 50 -5.81 -39.87 -8.84
C LEU B 50 -6.08 -41.33 -8.53
N LEU B 51 -5.14 -41.96 -7.82
CA LEU B 51 -5.33 -43.32 -7.35
C LEU B 51 -6.39 -43.36 -6.27
N PHE B 52 -7.38 -44.22 -6.45
CA PHE B 52 -8.54 -44.31 -5.57
C PHE B 52 -8.61 -45.71 -5.00
N ARG B 53 -9.06 -45.82 -3.75
CA ARG B 53 -9.11 -47.11 -3.09
C ARG B 53 -10.19 -47.08 -2.03
N PRO B 54 -10.88 -48.18 -1.78
CA PRO B 54 -11.67 -48.29 -0.55
C PRO B 54 -10.75 -48.42 0.67
N LEU B 55 -11.35 -48.21 1.83
CA LEU B 55 -10.58 -48.36 3.07
C LEU B 55 -10.25 -49.82 3.33
N LEU B 56 -11.18 -50.71 3.01
CA LEU B 56 -11.00 -52.14 3.22
C LEU B 56 -11.55 -52.89 2.02
N ASN B 57 -10.76 -53.82 1.48
CA ASN B 57 -11.22 -54.63 0.35
C ASN B 57 -12.31 -55.62 0.74
N LYS B 58 -12.35 -56.03 2.00
CA LYS B 58 -13.38 -56.92 2.51
C LYS B 58 -14.07 -56.27 3.71
N TYR B 59 -15.27 -56.73 3.99
CA TYR B 59 -16.04 -56.20 5.11
C TYR B 59 -16.72 -57.35 5.84
N GLU B 60 -16.80 -57.23 7.17
CA GLU B 60 -17.48 -58.19 8.02
C GLU B 60 -18.68 -57.51 8.65
N GLN B 61 -19.42 -58.26 9.47
CA GLN B 61 -20.66 -57.74 10.06
C GLN B 61 -20.41 -56.68 11.13
N GLU B 62 -19.19 -56.57 11.65
CA GLU B 62 -18.90 -55.59 12.69
C GLU B 62 -18.62 -54.21 12.09
N THR B 63 -17.86 -54.16 11.00
CA THR B 63 -17.40 -52.90 10.43
C THR B 63 -18.29 -52.40 9.29
N LEU B 64 -19.58 -52.76 9.28
CA LEU B 64 -20.48 -52.29 8.23
C LEU B 64 -20.88 -50.84 8.38
N GLU B 65 -20.71 -50.25 9.57
CA GLU B 65 -21.08 -48.86 9.80
C GLU B 65 -19.98 -47.89 9.40
N ASN B 66 -18.86 -48.40 8.90
CA ASN B 66 -17.72 -47.58 8.46
C ASN B 66 -17.38 -47.91 7.02
N GLN B 67 -18.42 -48.04 6.18
CA GLN B 67 -18.28 -48.53 4.83
C GLN B 67 -18.16 -47.40 3.80
N ASN B 68 -18.04 -46.16 4.25
CA ASN B 68 -18.07 -45.01 3.36
C ASN B 68 -16.74 -44.27 3.27
N LEU B 69 -15.72 -44.70 3.98
CA LEU B 69 -14.43 -44.03 3.95
C LEU B 69 -13.59 -44.53 2.79
N TYR B 70 -13.03 -43.60 2.01
CA TYR B 70 -12.25 -43.92 0.83
C TYR B 70 -10.93 -43.18 0.89
N LEU B 71 -9.88 -43.80 0.31
CA LEU B 71 -8.55 -43.24 0.32
C LEU B 71 -8.16 -42.79 -1.10
N VAL B 72 -7.49 -41.65 -1.17
CA VAL B 72 -7.06 -41.04 -2.42
C VAL B 72 -5.58 -40.71 -2.29
N GLY B 73 -4.78 -41.24 -3.21
CA GLY B 73 -3.38 -40.89 -3.35
C GLY B 73 -3.07 -40.70 -4.82
N ALA B 74 -1.80 -40.70 -5.21
CA ALA B 74 -1.42 -40.69 -6.62
C ALA B 74 0.02 -41.17 -6.75
N SER B 75 0.51 -41.17 -7.99
CA SER B 75 1.88 -41.55 -8.31
C SER B 75 2.76 -40.30 -8.42
N LYS B 76 4.07 -40.52 -8.57
CA LYS B 76 5.05 -39.44 -8.43
C LYS B 76 4.98 -38.45 -9.58
N ILE B 77 4.85 -38.95 -10.82
CA ILE B 77 4.75 -38.08 -11.98
C ILE B 77 3.46 -37.29 -11.94
N ARG B 78 2.39 -37.88 -11.38
CA ARG B 78 1.14 -37.17 -11.17
C ARG B 78 1.31 -36.04 -10.17
N MET B 79 2.09 -36.27 -9.10
CA MET B 79 2.28 -35.21 -8.10
C MET B 79 3.16 -34.10 -8.66
N LEU B 80 4.13 -34.44 -9.53
CA LEU B 80 4.95 -33.40 -10.13
C LEU B 80 4.15 -32.56 -11.13
N LEU B 81 3.28 -33.21 -11.91
CA LEU B 81 2.40 -32.45 -12.80
C LEU B 81 1.39 -31.62 -12.03
N GLY B 82 0.90 -32.12 -10.90
CA GLY B 82 0.02 -31.33 -10.06
C GLY B 82 0.73 -30.17 -9.38
N ALA B 83 2.02 -30.34 -9.06
CA ALA B 83 2.81 -29.23 -8.55
C ALA B 83 3.06 -28.19 -9.62
N GLU B 84 3.19 -28.61 -10.88
CA GLU B 84 3.24 -27.66 -11.99
C GLU B 84 1.92 -26.92 -12.12
N ALA B 85 0.80 -27.63 -11.92
CA ALA B 85 -0.51 -27.02 -12.08
C ALA B 85 -0.83 -26.05 -10.95
N VAL B 86 -0.39 -26.36 -9.73
CA VAL B 86 -0.66 -25.49 -8.58
C VAL B 86 0.23 -24.25 -8.65
N GLY B 87 1.52 -24.43 -8.89
CA GLY B 87 2.43 -23.31 -8.95
C GLY B 87 3.30 -23.19 -7.71
N LEU B 88 3.84 -24.32 -7.25
CA LEU B 88 4.79 -24.29 -6.14
C LEU B 88 6.06 -23.57 -6.54
N VAL B 89 6.64 -22.84 -5.59
CA VAL B 89 7.87 -22.10 -5.82
C VAL B 89 9.01 -22.77 -5.07
N LYS B 90 9.88 -23.45 -5.78
CA LYS B 90 10.97 -24.19 -5.16
C LYS B 90 12.31 -23.53 -5.46
N GLU B 91 13.33 -23.99 -4.73
CA GLU B 91 14.66 -23.42 -4.81
C GLU B 91 15.45 -24.07 -5.94
N CYS B 92 15.92 -23.26 -6.89
CA CYS B 92 16.78 -23.75 -7.94
C CYS B 92 18.19 -23.99 -7.43
N ASN B 93 19.04 -24.53 -8.32
CA ASN B 93 20.42 -24.83 -7.96
C ASN B 93 21.26 -23.58 -7.81
N ASP B 94 20.85 -22.45 -8.40
CA ASP B 94 21.59 -21.20 -8.30
C ASP B 94 21.05 -20.28 -7.20
N ASN B 95 20.51 -20.86 -6.13
CA ASN B 95 19.97 -20.16 -4.95
C ASN B 95 18.87 -19.17 -5.31
N THR B 96 17.96 -19.57 -6.19
CA THR B 96 16.87 -18.74 -6.66
C THR B 96 15.56 -19.50 -6.51
N MET B 97 14.51 -18.79 -6.11
CA MET B 97 13.19 -19.38 -5.91
C MET B 97 12.37 -19.17 -7.18
N ARG B 98 12.20 -20.24 -7.95
CA ARG B 98 11.42 -20.19 -9.18
C ARG B 98 10.25 -21.15 -9.10
N ALA B 99 9.25 -20.90 -9.96
CA ALA B 99 8.09 -21.76 -10.02
C ALA B 99 8.46 -23.13 -10.59
N PHE B 100 7.77 -24.15 -10.11
CA PHE B 100 8.09 -25.53 -10.45
C PHE B 100 7.37 -25.92 -11.74
N THR B 101 8.13 -26.40 -12.72
CA THR B 101 7.58 -26.95 -13.95
C THR B 101 8.21 -28.31 -14.21
N TYR B 102 7.46 -29.19 -14.87
CA TYR B 102 7.95 -30.54 -15.10
C TYR B 102 9.01 -30.60 -16.19
N ARG B 103 8.97 -29.68 -17.16
CA ARG B 103 9.98 -29.69 -18.22
C ARG B 103 11.32 -29.19 -17.72
N THR B 104 11.33 -28.29 -16.75
CA THR B 104 12.55 -27.74 -16.18
C THR B 104 12.83 -28.28 -14.78
N ARG B 105 12.45 -29.53 -14.53
CA ARG B 105 12.47 -30.08 -13.17
C ARG B 105 13.87 -30.42 -12.68
N GLN B 106 14.87 -30.50 -13.56
CA GLN B 106 16.21 -30.88 -13.12
C GLN B 106 17.00 -29.71 -12.54
N ASN B 107 16.49 -28.48 -12.63
CA ASN B 107 17.20 -27.32 -12.13
C ASN B 107 17.07 -27.13 -10.62
N PHE B 108 16.21 -27.90 -9.96
CA PHE B 108 15.81 -27.62 -8.58
C PHE B 108 16.65 -28.44 -7.60
N LYS B 109 16.79 -27.89 -6.40
CA LYS B 109 17.68 -28.44 -5.39
C LYS B 109 17.08 -29.68 -4.74
N GLY B 110 17.89 -30.72 -4.59
CA GLY B 110 17.45 -31.93 -3.93
C GLY B 110 16.52 -32.80 -4.73
N PHE B 111 16.47 -32.63 -6.05
CA PHE B 111 15.59 -33.39 -6.90
C PHE B 111 16.35 -34.46 -7.67
N ASP B 112 15.87 -35.70 -7.57
CA ASP B 112 16.33 -36.79 -8.42
C ASP B 112 15.14 -37.27 -9.24
N ASP B 113 15.42 -38.21 -10.15
CA ASP B 113 14.35 -38.91 -10.86
C ASP B 113 13.80 -40.08 -10.04
N ASN B 114 14.49 -40.45 -8.96
CA ASN B 114 14.07 -41.56 -8.10
C ASN B 114 13.99 -41.13 -6.64
N ASN B 115 13.50 -39.92 -6.38
CA ASN B 115 13.46 -39.36 -5.04
C ASN B 115 12.01 -39.06 -4.66
N ASP B 116 11.50 -39.78 -3.66
CA ASP B 116 10.19 -39.52 -3.10
C ASP B 116 10.21 -38.50 -1.96
N ASP B 117 11.34 -37.85 -1.71
CA ASP B 117 11.48 -36.91 -0.62
C ASP B 117 11.47 -35.45 -1.10
N PHE B 118 11.18 -35.22 -2.38
CA PHE B 118 11.16 -33.86 -2.89
C PHE B 118 9.91 -33.13 -2.42
N LEU B 119 8.74 -33.63 -2.80
CA LEU B 119 7.49 -33.04 -2.33
C LEU B 119 7.09 -33.67 -1.01
N THR B 120 6.95 -32.84 0.03
CA THR B 120 6.58 -33.32 1.34
C THR B 120 5.11 -33.73 1.36
N MET B 121 4.69 -34.38 2.45
CA MET B 121 3.33 -34.90 2.55
C MET B 121 2.30 -33.79 2.64
N ALA B 122 2.69 -32.64 3.21
CA ALA B 122 1.79 -31.48 3.25
C ALA B 122 1.56 -30.92 1.86
N GLU B 123 2.61 -30.80 1.05
CA GLU B 123 2.47 -30.34 -0.32
C GLU B 123 1.71 -31.36 -1.18
N CYS B 124 1.91 -32.65 -0.92
CA CYS B 124 1.16 -33.66 -1.67
C CYS B 124 -0.32 -33.64 -1.34
N GLN B 125 -0.67 -33.44 -0.07
CA GLN B 125 -2.07 -33.36 0.30
C GLN B 125 -2.70 -32.06 -0.20
N PHE B 126 -1.92 -30.97 -0.27
CA PHE B 126 -2.41 -29.74 -0.87
C PHE B 126 -2.66 -29.90 -2.37
N ILE B 127 -1.77 -30.63 -3.06
CA ILE B 127 -1.95 -30.85 -4.49
C ILE B 127 -3.16 -31.74 -4.76
N ILE B 128 -3.37 -32.76 -3.92
CA ILE B 128 -4.54 -33.62 -4.10
C ILE B 128 -5.83 -32.88 -3.78
N LYS B 129 -5.81 -31.99 -2.77
CA LYS B 129 -7.00 -31.17 -2.51
C LYS B 129 -7.26 -30.17 -3.63
N HIS B 130 -6.20 -29.64 -4.26
CA HIS B 130 -6.39 -28.72 -5.38
C HIS B 130 -6.88 -29.45 -6.62
N GLU B 131 -6.50 -30.71 -6.80
CA GLU B 131 -7.00 -31.46 -7.94
C GLU B 131 -8.41 -31.97 -7.72
N LEU B 132 -8.79 -32.23 -6.47
CA LEU B 132 -10.19 -32.56 -6.18
C LEU B 132 -11.08 -31.32 -6.25
N GLU B 133 -10.53 -30.15 -5.93
CA GLU B 133 -11.30 -28.92 -6.03
C GLU B 133 -11.53 -28.54 -7.49
N ASN B 134 -10.51 -28.66 -8.32
CA ASN B 134 -10.61 -28.39 -9.75
C ASN B 134 -11.04 -29.64 -10.52
N LEU B 135 -12.22 -30.13 -10.14
CA LEU B 135 -12.87 -31.27 -10.77
C LEU B 135 -14.27 -30.79 -11.15
N ARG B 136 -14.40 -30.27 -12.37
CA ARG B 136 -15.60 -29.55 -12.78
C ARG B 136 -16.49 -30.43 -13.65
N ALA B 137 -17.78 -30.11 -13.65
CA ALA B 137 -18.77 -30.80 -14.47
C ALA B 137 -18.97 -30.05 -15.78
N LYS B 138 -19.02 -30.80 -16.88
CA LYS B 138 -19.20 -30.20 -18.20
C LYS B 138 -20.52 -30.63 -18.83
N ASP B 139 -20.79 -31.93 -18.92
CA ASP B 139 -21.99 -32.39 -19.63
C ASP B 139 -23.16 -32.60 -18.67
N GLU B 140 -22.87 -33.01 -17.44
CA GLU B 140 -23.92 -33.44 -16.53
C GLU B 140 -24.71 -32.26 -15.99
N LYS B 141 -26.05 -32.35 -16.08
CA LYS B 141 -26.92 -31.34 -15.51
C LYS B 141 -27.27 -31.63 -14.05
N MET B 142 -27.15 -32.88 -13.63
CA MET B 142 -27.38 -33.25 -12.24
C MET B 142 -26.43 -34.38 -11.86
N ILE B 143 -26.28 -34.58 -10.56
CA ILE B 143 -25.51 -35.72 -10.07
C ILE B 143 -26.29 -36.99 -10.30
N PRO B 144 -25.69 -38.03 -10.91
CA PRO B 144 -26.45 -39.25 -11.24
C PRO B 144 -26.92 -40.03 -10.02
N GLY B 145 -28.23 -40.03 -9.81
CA GLY B 145 -28.84 -40.64 -8.64
C GLY B 145 -29.47 -39.66 -7.69
N TYR B 146 -29.15 -38.37 -7.79
CA TYR B 146 -29.70 -37.36 -6.90
C TYR B 146 -30.37 -36.28 -7.74
N PRO B 147 -31.66 -36.02 -7.53
CA PRO B 147 -32.37 -35.06 -8.38
C PRO B 147 -32.04 -33.61 -8.08
N GLN B 148 -31.95 -33.26 -6.79
CA GLN B 148 -31.86 -31.86 -6.39
C GLN B 148 -30.47 -31.26 -6.56
N ALA B 149 -29.46 -32.08 -6.88
CA ALA B 149 -28.10 -31.58 -7.05
C ALA B 149 -28.00 -30.88 -8.41
N LYS B 150 -28.31 -29.59 -8.40
CA LYS B 150 -28.33 -28.79 -9.63
C LYS B 150 -26.89 -28.50 -10.05
N LEU B 151 -26.47 -29.09 -11.16
CA LEU B 151 -25.12 -28.94 -11.69
C LEU B 151 -25.15 -28.15 -12.99
N TYR B 152 -24.43 -27.04 -13.02
CA TYR B 152 -24.25 -26.25 -14.22
C TYR B 152 -22.83 -26.42 -14.74
N PRO B 153 -22.58 -26.22 -16.05
CA PRO B 153 -21.22 -26.34 -16.57
C PRO B 153 -20.30 -25.26 -16.02
N GLY B 154 -19.18 -25.70 -15.44
CA GLY B 154 -18.27 -24.82 -14.73
C GLY B 154 -18.35 -24.91 -13.22
N LYS B 155 -19.12 -25.84 -12.67
CA LYS B 155 -19.31 -25.98 -11.25
C LYS B 155 -18.44 -27.12 -10.73
N SER B 156 -17.77 -26.89 -9.61
CA SER B 156 -16.94 -27.92 -8.99
C SER B 156 -17.78 -29.07 -8.48
N LEU B 157 -17.28 -30.29 -8.66
CA LEU B 157 -18.01 -31.46 -8.20
C LEU B 157 -17.96 -31.61 -6.69
N LEU B 158 -16.78 -31.35 -6.09
CA LEU B 158 -16.61 -31.56 -4.66
C LEU B 158 -17.41 -30.55 -3.83
N ARG B 159 -17.57 -29.32 -4.34
CA ARG B 159 -18.34 -28.32 -3.62
C ARG B 159 -19.82 -28.70 -3.59
N ARG B 160 -20.36 -29.17 -4.71
CA ARG B 160 -21.76 -29.59 -4.74
C ARG B 160 -21.96 -30.90 -4.00
N LEU B 161 -20.93 -31.74 -3.92
CA LEU B 161 -21.05 -32.96 -3.13
C LEU B 161 -20.97 -32.67 -1.64
N LEU B 162 -20.27 -31.60 -1.26
CA LEU B 162 -20.20 -31.21 0.15
C LEU B 162 -21.44 -30.48 0.60
N THR B 163 -21.99 -29.59 -0.24
CA THR B 163 -23.14 -28.80 0.17
C THR B 163 -24.42 -29.61 0.18
N SER B 164 -24.55 -30.58 -0.72
CA SER B 164 -25.75 -31.40 -0.79
C SER B 164 -25.71 -32.59 0.15
N GLY B 165 -24.65 -32.75 0.93
CA GLY B 165 -24.61 -33.80 1.94
C GLY B 165 -24.36 -35.19 1.40
N ILE B 166 -23.47 -35.34 0.43
CA ILE B 166 -23.05 -36.64 -0.07
C ILE B 166 -21.64 -36.97 0.37
N VAL B 167 -20.70 -36.06 0.11
CA VAL B 167 -19.36 -36.14 0.69
C VAL B 167 -19.41 -35.42 2.03
N ILE B 168 -19.18 -36.15 3.11
CA ILE B 168 -19.27 -35.55 4.44
C ILE B 168 -18.05 -34.69 4.72
N GLN B 169 -16.85 -35.26 4.59
CA GLN B 169 -15.64 -34.50 4.83
C GLN B 169 -14.49 -35.05 4.00
N VAL B 170 -13.59 -34.15 3.62
CA VAL B 170 -12.36 -34.49 2.91
C VAL B 170 -11.22 -34.02 3.80
N PHE B 171 -10.46 -34.96 4.35
CA PHE B 171 -9.42 -34.56 5.28
C PHE B 171 -8.12 -35.30 5.00
N PRO B 172 -6.98 -34.64 5.17
CA PRO B 172 -5.70 -35.33 4.99
C PRO B 172 -5.37 -36.18 6.21
N LEU B 173 -4.37 -37.03 6.03
CA LEU B 173 -3.98 -38.00 7.04
C LEU B 173 -2.75 -37.54 7.82
N HIS B 174 -2.76 -37.75 9.12
CA HIS B 174 -1.58 -37.52 9.93
C HIS B 174 -0.55 -38.60 9.65
N ASP B 175 0.73 -38.22 9.73
CA ASP B 175 1.83 -39.17 9.61
C ASP B 175 2.38 -39.40 11.01
N SER B 176 2.10 -40.57 11.57
CA SER B 176 2.40 -40.86 12.96
C SER B 176 3.89 -41.06 13.25
N GLU B 177 4.73 -41.14 12.22
CA GLU B 177 6.17 -41.26 12.41
C GLU B 177 6.93 -39.98 12.11
N ALA B 178 6.32 -39.01 11.43
CA ALA B 178 6.92 -37.70 11.27
C ALA B 178 6.34 -36.67 12.23
N LEU B 179 5.21 -36.98 12.88
CA LEU B 179 4.67 -36.09 13.89
C LEU B 179 5.43 -36.24 15.20
N LYS B 180 5.92 -37.46 15.49
CA LYS B 180 6.68 -37.69 16.71
C LYS B 180 8.04 -37.00 16.65
N LYS B 181 8.69 -37.04 15.49
CA LYS B 181 9.96 -36.35 15.30
C LYS B 181 9.81 -34.84 15.22
N LEU B 182 8.60 -34.33 15.00
CA LEU B 182 8.35 -32.91 15.14
C LEU B 182 8.08 -32.57 16.60
N GLU B 183 7.35 -33.44 17.30
CA GLU B 183 7.00 -33.21 18.70
C GLU B 183 8.20 -33.29 19.61
N ASP B 184 9.24 -34.02 19.22
CA ASP B 184 10.44 -34.11 20.05
C ASP B 184 11.19 -32.78 20.10
N THR B 185 11.07 -31.97 19.05
CA THR B 185 11.76 -30.69 18.98
C THR B 185 10.82 -29.51 19.07
N TRP B 186 9.58 -29.71 19.50
CA TRP B 186 8.60 -28.62 19.52
C TRP B 186 8.27 -28.19 20.94
N TYR B 187 8.04 -29.16 21.81
CA TYR B 187 7.62 -28.88 23.18
C TYR B 187 8.82 -28.38 23.98
N THR B 188 8.89 -27.07 24.18
CA THR B 188 9.95 -26.46 24.98
C THR B 188 9.57 -26.45 26.46
N ARG B 189 9.41 -27.66 27.01
CA ARG B 189 8.98 -27.79 28.39
C ARG B 189 10.08 -27.48 29.38
N PHE B 190 11.34 -27.62 28.98
CA PHE B 190 12.46 -27.36 29.88
C PHE B 190 12.69 -25.88 30.10
N ALA B 191 13.02 -25.15 29.04
CA ALA B 191 13.42 -23.75 29.15
C ALA B 191 13.20 -23.08 27.80
N LEU B 192 13.81 -21.90 27.64
CA LEU B 192 13.71 -21.15 26.40
C LEU B 192 14.41 -21.86 25.26
N LYS B 193 13.79 -21.85 24.08
CA LYS B 193 14.28 -22.59 22.92
C LYS B 193 13.67 -22.01 21.65
N TYR B 194 14.48 -21.84 20.60
CA TYR B 194 13.98 -21.32 19.34
C TYR B 194 13.07 -22.34 18.67
N GLN B 195 11.90 -21.87 18.25
CA GLN B 195 10.89 -22.75 17.69
C GLN B 195 11.28 -23.18 16.27
N PRO B 196 11.15 -24.47 15.95
CA PRO B 196 11.52 -24.95 14.59
C PRO B 196 10.45 -24.65 13.54
N ILE B 197 10.50 -23.43 13.01
CA ILE B 197 9.45 -22.96 12.10
C ILE B 197 9.51 -23.68 10.75
N ASP B 198 10.69 -24.15 10.35
CA ASP B 198 10.78 -24.84 9.06
C ASP B 198 10.18 -26.23 9.11
N SER B 199 10.35 -26.95 10.23
CA SER B 199 9.72 -28.27 10.33
C SER B 199 8.22 -28.17 10.56
N ILE B 200 7.78 -27.16 11.32
CA ILE B 200 6.37 -26.83 11.44
C ILE B 200 5.78 -26.52 10.08
N ARG B 201 6.53 -25.81 9.24
CA ARG B 201 6.08 -25.52 7.88
C ARG B 201 5.97 -26.78 7.05
N GLY B 202 7.01 -27.62 7.07
CA GLY B 202 7.02 -28.82 6.25
C GLY B 202 5.98 -29.85 6.67
N TYR B 203 5.49 -29.76 7.91
CA TYR B 203 4.40 -30.65 8.30
C TYR B 203 3.01 -30.02 8.17
N PHE B 204 2.86 -28.73 8.45
CA PHE B 204 1.53 -28.13 8.58
C PHE B 204 1.23 -27.05 7.54
N GLY B 205 2.02 -26.93 6.48
CA GLY B 205 1.68 -25.83 5.60
C GLY B 205 2.30 -24.53 6.12
N GLU B 206 1.97 -23.45 5.43
CA GLU B 206 2.61 -22.17 5.71
C GLU B 206 1.80 -21.27 6.62
N THR B 207 0.48 -21.43 6.68
CA THR B 207 -0.34 -20.56 7.53
C THR B 207 -0.13 -20.87 9.01
N ILE B 208 -0.09 -22.15 9.37
CA ILE B 208 0.16 -22.54 10.75
C ILE B 208 1.57 -22.19 11.16
N ALA B 209 2.53 -22.32 10.23
CA ALA B 209 3.91 -21.95 10.53
C ALA B 209 4.06 -20.45 10.67
N LEU B 210 3.29 -19.66 9.92
CA LEU B 210 3.34 -18.23 10.07
C LEU B 210 2.71 -17.79 11.39
N TYR B 211 1.66 -18.51 11.83
CA TYR B 211 1.10 -18.22 13.15
C TYR B 211 2.09 -18.57 14.25
N PHE B 212 2.76 -19.71 14.16
CA PHE B 212 3.69 -20.08 15.23
C PHE B 212 4.95 -19.23 15.20
N GLY B 213 5.35 -18.76 14.01
CA GLY B 213 6.42 -17.79 13.94
C GLY B 213 6.04 -16.44 14.52
N PHE B 214 4.79 -16.02 14.31
CA PHE B 214 4.32 -14.77 14.90
C PHE B 214 4.18 -14.90 16.42
N LEU B 215 3.80 -16.07 16.91
CA LEU B 215 3.71 -16.26 18.36
C LEU B 215 5.10 -16.32 19.00
N GLU B 216 6.05 -16.96 18.33
CA GLU B 216 7.43 -16.97 18.79
C GLU B 216 8.04 -15.57 18.74
N TYR B 217 7.65 -14.76 17.77
CA TYR B 217 8.14 -13.40 17.71
C TYR B 217 7.50 -12.52 18.77
N PHE B 218 6.18 -12.66 18.96
CA PHE B 218 5.46 -11.84 19.93
C PHE B 218 5.80 -12.22 21.36
N THR B 219 6.26 -13.45 21.58
CA THR B 219 6.76 -13.82 22.90
C THR B 219 8.08 -13.12 23.17
N PHE B 220 8.98 -13.09 22.19
CA PHE B 220 10.28 -12.44 22.33
C PHE B 220 10.23 -10.95 22.03
N ALA B 221 9.04 -10.34 21.99
CA ALA B 221 8.90 -8.91 21.81
C ALA B 221 8.23 -8.24 22.99
N LEU B 222 7.63 -9.00 23.90
CA LEU B 222 7.12 -8.49 25.16
C LEU B 222 8.09 -8.72 26.30
N ILE B 223 9.23 -9.34 26.04
CA ILE B 223 10.25 -9.56 27.07
C ILE B 223 10.94 -8.24 27.44
N PRO B 224 11.29 -7.31 26.53
CA PRO B 224 11.73 -5.99 27.03
C PRO B 224 10.66 -5.22 27.78
N MET B 225 9.38 -5.33 27.40
CA MET B 225 8.32 -4.68 28.14
C MET B 225 8.18 -5.26 29.55
N ALA B 226 8.29 -6.58 29.67
CA ALA B 226 8.16 -7.21 30.98
C ALA B 226 9.39 -6.96 31.85
N VAL B 227 10.58 -6.99 31.25
CA VAL B 227 11.81 -6.78 32.00
C VAL B 227 11.96 -5.32 32.45
N ILE B 228 11.63 -4.35 31.61
CA ILE B 228 11.65 -2.95 32.04
C ILE B 228 10.52 -2.66 33.02
N GLY B 229 9.34 -3.20 32.77
CA GLY B 229 8.19 -2.89 33.61
C GLY B 229 8.10 -3.64 34.92
N LEU B 230 9.02 -4.57 35.17
CA LEU B 230 8.97 -5.29 36.45
C LEU B 230 9.58 -4.51 37.61
N PRO B 231 10.76 -3.85 37.51
CA PRO B 231 11.15 -2.94 38.59
C PRO B 231 10.49 -1.58 38.49
N TYR B 232 9.91 -1.24 37.34
CA TYR B 232 9.20 0.03 37.22
C TYR B 232 7.92 0.06 38.05
N TYR B 233 7.35 -1.11 38.34
CA TYR B 233 6.15 -1.21 39.16
C TYR B 233 6.47 -1.57 40.60
N LEU B 234 7.46 -2.42 40.83
CA LEU B 234 7.79 -2.83 42.19
C LEU B 234 8.53 -1.73 42.94
N PHE B 235 9.59 -1.19 42.34
CA PHE B 235 10.41 -0.16 42.99
C PHE B 235 9.83 1.23 42.84
N VAL B 236 8.67 1.36 42.16
CA VAL B 236 8.01 2.59 41.71
C VAL B 236 8.98 3.67 41.24
N TRP B 237 9.42 3.56 39.99
CA TRP B 237 10.28 4.55 39.36
C TRP B 237 9.47 5.61 38.62
N GLU B 238 8.18 5.70 38.90
CA GLU B 238 7.31 6.72 38.35
C GLU B 238 7.57 8.09 38.94
N ASP B 239 8.33 8.17 40.03
CA ASP B 239 8.64 9.45 40.65
C ASP B 239 9.68 10.21 39.83
N TYR B 240 10.63 9.49 39.24
CA TYR B 240 11.80 10.12 38.65
C TYR B 240 11.53 10.60 37.23
N ASP B 241 10.96 9.76 36.38
CA ASP B 241 10.69 10.13 35.00
C ASP B 241 9.31 10.76 34.80
N LYS B 242 8.39 10.52 35.74
CA LYS B 242 7.00 10.98 35.71
C LYS B 242 6.30 10.56 34.43
N TYR B 243 6.36 9.25 34.14
CA TYR B 243 5.58 8.54 33.11
C TYR B 243 5.92 8.96 31.68
N VAL B 244 6.98 9.73 31.48
CA VAL B 244 7.35 10.18 30.14
C VAL B 244 8.29 9.20 29.44
N ILE B 245 9.30 8.67 30.12
CA ILE B 245 10.27 7.78 29.49
C ILE B 245 9.65 6.43 29.18
N PHE B 246 8.91 5.87 30.14
CA PHE B 246 8.42 4.50 30.01
C PHE B 246 7.30 4.39 28.98
N ALA B 247 6.42 5.39 28.92
CA ALA B 247 5.33 5.39 27.94
C ALA B 247 5.88 5.53 26.53
N SER B 248 6.86 6.42 26.35
CA SER B 248 7.50 6.59 25.05
C SER B 248 8.25 5.34 24.63
N PHE B 249 8.88 4.66 25.59
CA PHE B 249 9.58 3.42 25.31
C PHE B 249 8.59 2.33 24.88
N ASN B 250 7.43 2.25 25.54
CA ASN B 250 6.43 1.25 25.19
C ASN B 250 5.86 1.49 23.80
N LEU B 251 5.53 2.74 23.48
CA LEU B 251 4.88 2.99 22.18
C LEU B 251 5.87 2.87 21.02
N ILE B 252 7.10 3.37 21.20
CA ILE B 252 8.13 3.20 20.17
C ILE B 252 8.50 1.73 20.03
N TRP B 253 8.52 0.98 21.13
CA TRP B 253 8.83 -0.44 21.04
C TRP B 253 7.72 -1.23 20.35
N SER B 254 6.46 -0.84 20.55
CA SER B 254 5.37 -1.52 19.86
C SER B 254 5.40 -1.25 18.36
N THR B 255 5.73 -0.02 17.96
CA THR B 255 5.87 0.27 16.53
C THR B 255 7.06 -0.48 15.93
N VAL B 256 8.17 -0.56 16.68
CA VAL B 256 9.37 -1.24 16.19
C VAL B 256 9.12 -2.73 16.03
N ILE B 257 8.41 -3.36 16.97
CA ILE B 257 8.17 -4.79 16.82
C ILE B 257 7.11 -5.06 15.74
N LEU B 258 6.15 -4.15 15.54
CA LEU B 258 5.19 -4.38 14.48
C LEU B 258 5.74 -4.08 13.09
N GLU B 259 6.89 -3.40 12.99
CA GLU B 259 7.55 -3.29 11.70
C GLU B 259 8.58 -4.41 11.47
N LEU B 260 9.33 -4.78 12.52
CA LEU B 260 10.28 -5.87 12.37
C LEU B 260 9.60 -7.22 12.21
N TRP B 261 8.34 -7.35 12.64
CA TRP B 261 7.59 -8.55 12.26
C TRP B 261 7.35 -8.61 10.76
N LYS B 262 7.04 -7.47 10.14
CA LYS B 262 6.85 -7.45 8.68
C LYS B 262 8.15 -7.78 7.95
N ARG B 263 9.28 -7.31 8.48
CA ARG B 263 10.57 -7.69 7.88
C ARG B 263 10.86 -9.18 8.04
N GLY B 264 10.65 -9.73 9.24
CA GLY B 264 10.88 -11.14 9.46
C GLY B 264 9.91 -12.04 8.71
N CYS B 265 8.67 -11.55 8.51
CA CYS B 265 7.68 -12.30 7.75
C CYS B 265 8.00 -12.29 6.27
N ALA B 266 8.52 -11.17 5.74
CA ALA B 266 8.99 -11.15 4.37
C ALA B 266 10.16 -12.11 4.18
N ASN B 267 11.06 -12.17 5.17
CA ASN B 267 12.19 -13.11 5.10
C ASN B 267 11.72 -14.56 5.13
N MET B 268 10.78 -14.88 6.02
CA MET B 268 10.28 -16.26 6.13
C MET B 268 9.49 -16.67 4.89
N THR B 269 8.60 -15.80 4.42
CA THR B 269 7.79 -16.14 3.26
C THR B 269 8.55 -16.06 1.96
N TYR B 270 9.75 -15.46 1.93
CA TYR B 270 10.62 -15.69 0.81
C TYR B 270 11.36 -17.01 0.95
N ARG B 271 11.69 -17.40 2.19
CA ARG B 271 12.40 -18.65 2.41
C ARG B 271 11.54 -19.88 2.11
N TRP B 272 10.21 -19.75 2.11
CA TRP B 272 9.33 -20.85 1.78
C TRP B 272 8.81 -20.78 0.35
N GLY B 273 8.72 -19.59 -0.22
CA GLY B 273 8.29 -19.41 -1.60
C GLY B 273 6.93 -18.79 -1.75
N THR B 274 6.16 -18.62 -0.67
CA THR B 274 4.80 -18.10 -0.79
C THR B 274 4.75 -16.59 -0.92
N LEU B 275 5.89 -15.90 -0.88
CA LEU B 275 5.92 -14.50 -1.28
C LEU B 275 5.84 -14.35 -2.79
N LEU B 276 6.18 -15.40 -3.54
CA LEU B 276 6.23 -15.35 -4.99
C LEU B 276 5.10 -16.13 -5.67
N MET B 277 4.30 -16.88 -4.91
CA MET B 277 3.16 -17.57 -5.50
C MET B 277 2.10 -16.54 -5.89
N LYS B 278 1.57 -16.70 -7.11
CA LYS B 278 0.62 -15.74 -7.64
C LYS B 278 -0.73 -15.89 -6.93
N ARG B 279 -1.52 -14.81 -6.99
CA ARG B 279 -2.84 -14.82 -6.38
C ARG B 279 -3.78 -15.67 -7.23
N LYS B 280 -4.21 -16.80 -6.68
CA LYS B 280 -5.15 -17.65 -7.38
C LYS B 280 -6.53 -17.00 -7.40
N PHE B 281 -7.23 -17.15 -8.51
CA PHE B 281 -8.57 -16.58 -8.63
C PHE B 281 -9.55 -17.35 -7.76
N GLU B 282 -10.35 -16.62 -6.98
CA GLU B 282 -11.17 -17.24 -5.96
C GLU B 282 -12.53 -17.63 -6.52
N GLU B 283 -12.90 -18.89 -6.29
CA GLU B 283 -14.23 -19.39 -6.57
C GLU B 283 -15.21 -18.80 -5.56
N PRO B 284 -16.50 -18.71 -5.91
CA PRO B 284 -17.51 -18.37 -4.91
C PRO B 284 -17.53 -19.37 -3.76
N ARG B 285 -17.74 -18.84 -2.55
CA ARG B 285 -17.56 -19.61 -1.33
C ARG B 285 -18.69 -20.63 -1.17
N PRO B 286 -18.45 -21.71 -0.39
CA PRO B 286 -19.49 -22.74 -0.23
C PRO B 286 -20.68 -22.29 0.59
N GLY B 287 -21.67 -21.71 -0.08
CA GLY B 287 -22.81 -21.13 0.60
C GLY B 287 -23.16 -19.76 0.09
N PHE B 288 -22.70 -19.44 -1.12
CA PHE B 288 -23.08 -18.22 -1.83
C PHE B 288 -24.08 -18.61 -2.92
N HIS B 289 -25.35 -18.27 -2.72
CA HIS B 289 -26.41 -18.64 -3.64
C HIS B 289 -27.08 -17.39 -4.21
N GLY B 290 -27.25 -17.38 -5.51
CA GLY B 290 -27.94 -16.30 -6.21
C GLY B 290 -28.75 -16.86 -7.35
N VAL B 291 -28.83 -16.10 -8.44
CA VAL B 291 -29.48 -16.57 -9.65
C VAL B 291 -28.40 -16.96 -10.65
N LEU B 292 -28.68 -17.97 -11.48
CA LEU B 292 -27.68 -18.43 -12.44
C LEU B 292 -27.52 -17.40 -13.55
N GLY B 293 -26.28 -17.06 -13.88
CA GLY B 293 -26.06 -16.07 -14.90
C GLY B 293 -24.65 -16.08 -15.41
N ILE B 294 -24.34 -15.09 -16.24
CA ILE B 294 -23.02 -14.95 -16.84
C ILE B 294 -22.16 -14.09 -15.93
N ASN B 295 -21.03 -14.64 -15.49
CA ASN B 295 -20.07 -13.87 -14.71
C ASN B 295 -19.40 -12.83 -15.61
N SER B 296 -19.31 -11.60 -15.12
CA SER B 296 -18.79 -10.51 -15.95
C SER B 296 -17.28 -10.60 -16.11
N ILE B 297 -16.58 -11.01 -15.06
CA ILE B 297 -15.12 -11.07 -15.07
C ILE B 297 -14.65 -12.24 -15.91
N THR B 298 -15.05 -13.46 -15.52
CA THR B 298 -14.49 -14.65 -16.14
C THR B 298 -15.17 -14.99 -17.46
N GLY B 299 -16.46 -14.69 -17.59
CA GLY B 299 -17.21 -15.04 -18.78
C GLY B 299 -17.93 -16.36 -18.71
N LYS B 300 -17.68 -17.17 -17.67
CA LYS B 300 -18.35 -18.45 -17.52
C LYS B 300 -19.69 -18.24 -16.80
N GLU B 301 -20.33 -19.34 -16.40
CA GLU B 301 -21.62 -19.29 -15.74
C GLU B 301 -21.41 -19.44 -14.23
N GLU B 302 -22.02 -18.54 -13.47
CA GLU B 302 -21.83 -18.48 -12.04
C GLU B 302 -23.12 -17.98 -11.39
N PRO B 303 -23.30 -18.21 -10.10
CA PRO B 303 -24.35 -17.50 -9.38
C PRO B 303 -24.02 -16.02 -9.25
N LEU B 304 -25.04 -15.20 -9.44
CA LEU B 304 -24.94 -13.75 -9.35
C LEU B 304 -25.90 -13.27 -8.27
N TYR B 305 -25.48 -12.25 -7.54
CA TYR B 305 -26.30 -11.63 -6.51
C TYR B 305 -26.25 -10.12 -6.71
N PRO B 306 -27.38 -9.43 -6.59
CA PRO B 306 -27.35 -7.97 -6.69
C PRO B 306 -26.69 -7.36 -5.47
N SER B 307 -25.82 -6.36 -5.72
CA SER B 307 -25.03 -5.77 -4.65
C SER B 307 -25.87 -4.94 -3.68
N TYR B 308 -26.97 -4.35 -4.15
CA TYR B 308 -27.79 -3.54 -3.25
C TYR B 308 -28.53 -4.39 -2.23
N LYS B 309 -28.89 -5.63 -2.60
CA LYS B 309 -29.51 -6.53 -1.62
C LYS B 309 -28.52 -6.94 -0.55
N ARG B 310 -27.25 -7.15 -0.91
CA ARG B 310 -26.22 -7.48 0.07
C ARG B 310 -25.94 -6.29 0.98
N GLN B 311 -25.89 -5.08 0.41
CA GLN B 311 -25.66 -3.88 1.23
C GLN B 311 -26.85 -3.60 2.14
N LEU B 312 -28.07 -3.89 1.69
CA LEU B 312 -29.23 -3.78 2.56
C LEU B 312 -29.18 -4.79 3.69
N ARG B 313 -28.84 -6.05 3.38
CA ARG B 313 -28.75 -7.10 4.39
C ARG B 313 -27.65 -6.84 5.40
N ILE B 314 -26.61 -6.10 5.00
CA ILE B 314 -25.62 -5.66 5.99
C ILE B 314 -26.16 -4.49 6.79
N TYR B 315 -26.41 -3.36 6.15
CA TYR B 315 -26.62 -2.08 6.82
C TYR B 315 -28.03 -1.90 7.40
N LEU B 316 -28.89 -2.91 7.30
CA LEU B 316 -30.16 -2.83 8.02
C LEU B 316 -30.40 -3.97 8.98
N VAL B 317 -29.68 -5.09 8.89
CA VAL B 317 -29.87 -6.22 9.78
C VAL B 317 -28.65 -6.48 10.64
N SER B 318 -27.45 -6.47 10.04
CA SER B 318 -26.25 -6.84 10.79
C SER B 318 -25.82 -5.74 11.75
N LEU B 319 -25.74 -4.50 11.26
CA LEU B 319 -25.33 -3.35 12.06
C LEU B 319 -26.29 -3.03 13.22
N PRO B 320 -27.63 -3.12 13.10
CA PRO B 320 -28.46 -3.05 14.31
C PRO B 320 -28.23 -4.19 15.28
N PHE B 321 -27.91 -5.39 14.81
CA PHE B 321 -27.62 -6.49 15.72
C PHE B 321 -26.29 -6.27 16.45
N VAL B 322 -25.30 -5.71 15.74
CA VAL B 322 -24.02 -5.39 16.38
C VAL B 322 -24.20 -4.29 17.42
N CYS B 323 -25.03 -3.28 17.10
CA CYS B 323 -25.28 -2.21 18.08
C CYS B 323 -26.06 -2.72 19.29
N LEU B 324 -27.01 -3.64 19.06
CA LEU B 324 -27.74 -4.25 20.17
C LEU B 324 -26.81 -5.10 21.04
N CYS B 325 -25.87 -5.80 20.42
CA CYS B 325 -24.92 -6.61 21.20
C CYS B 325 -23.94 -5.74 21.98
N LEU B 326 -23.54 -4.59 21.43
CA LEU B 326 -22.70 -3.67 22.19
C LEU B 326 -23.45 -3.07 23.37
N TYR B 327 -24.74 -2.75 23.16
CA TYR B 327 -25.55 -2.25 24.27
C TYR B 327 -25.75 -3.31 25.35
N PHE B 328 -25.91 -4.58 24.94
CA PHE B 328 -26.04 -5.65 25.91
C PHE B 328 -24.75 -5.90 26.66
N SER B 329 -23.60 -5.72 26.00
CA SER B 329 -22.32 -5.82 26.69
C SER B 329 -22.15 -4.70 27.71
N LEU B 330 -22.59 -3.49 27.37
CA LEU B 330 -22.56 -2.40 28.36
C LEU B 330 -23.53 -2.66 29.51
N TYR B 331 -24.66 -3.32 29.25
CA TYR B 331 -25.62 -3.62 30.32
C TYR B 331 -25.06 -4.68 31.27
N VAL B 332 -24.38 -5.69 30.73
CA VAL B 332 -23.69 -6.67 31.59
C VAL B 332 -22.55 -6.02 32.35
N MET B 333 -21.87 -5.03 31.76
CA MET B 333 -20.85 -4.27 32.49
C MET B 333 -21.45 -3.51 33.67
N MET B 334 -22.62 -2.91 33.47
CA MET B 334 -23.27 -2.19 34.58
C MET B 334 -23.77 -3.15 35.66
N ILE B 335 -24.21 -4.35 35.27
CA ILE B 335 -24.56 -5.38 36.25
C ILE B 335 -23.33 -5.79 37.07
N TYR B 336 -22.17 -5.91 36.41
CA TYR B 336 -20.93 -6.24 37.12
C TYR B 336 -20.52 -5.14 38.08
N PHE B 337 -20.74 -3.88 37.69
CA PHE B 337 -20.36 -2.79 38.60
C PHE B 337 -21.31 -2.68 39.79
N ASP B 338 -22.60 -2.98 39.59
CA ASP B 338 -23.51 -3.07 40.73
C ASP B 338 -23.14 -4.22 41.65
N MET B 339 -22.69 -5.34 41.08
CA MET B 339 -22.20 -6.45 41.88
C MET B 339 -20.92 -6.09 42.63
N GLU B 340 -20.06 -5.27 42.03
CA GLU B 340 -18.84 -4.83 42.69
C GLU B 340 -19.13 -3.92 43.87
N VAL B 341 -20.10 -3.00 43.70
CA VAL B 341 -20.51 -2.14 44.80
C VAL B 341 -21.18 -2.94 45.92
N TRP B 342 -21.97 -3.96 45.55
CA TRP B 342 -22.58 -4.84 46.53
C TRP B 342 -21.54 -5.66 47.29
N ALA B 343 -20.50 -6.13 46.61
CA ALA B 343 -19.44 -6.87 47.29
C ALA B 343 -18.58 -5.96 48.16
N LEU B 344 -18.39 -4.71 47.77
CA LEU B 344 -17.69 -3.76 48.63
C LEU B 344 -18.49 -3.43 49.89
N GLY B 345 -19.82 -3.31 49.75
CA GLY B 345 -20.66 -3.15 50.93
C GLY B 345 -20.68 -4.37 51.83
N LEU B 346 -20.63 -5.56 51.23
CA LEU B 346 -20.54 -6.80 52.01
C LEU B 346 -19.20 -6.91 52.72
N HIS B 347 -18.13 -6.40 52.11
CA HIS B 347 -16.83 -6.34 52.78
C HIS B 347 -16.84 -5.32 53.91
N GLU B 348 -17.55 -4.21 53.73
CA GLU B 348 -17.73 -3.24 54.80
C GLU B 348 -18.58 -3.78 55.94
N ASN B 349 -19.45 -4.74 55.65
CA ASN B 349 -20.37 -5.27 56.66
C ASN B 349 -19.73 -6.33 57.54
N SER B 350 -19.25 -7.42 56.93
CA SER B 350 -19.05 -8.67 57.66
C SER B 350 -17.80 -8.71 58.53
N GLY B 351 -16.62 -8.64 57.92
CA GLY B 351 -15.41 -8.88 58.67
C GLY B 351 -14.17 -8.49 57.90
N SER B 352 -13.06 -9.15 58.24
CA SER B 352 -11.76 -8.80 57.68
C SER B 352 -11.09 -9.98 56.99
N GLU B 353 -11.24 -11.18 57.55
CA GLU B 353 -10.53 -12.35 57.04
C GLU B 353 -11.09 -12.89 55.73
N TRP B 354 -12.40 -13.08 55.63
CA TRP B 354 -13.03 -13.60 54.43
C TRP B 354 -13.55 -12.51 53.51
N THR B 355 -13.41 -11.24 53.91
CA THR B 355 -13.92 -10.14 53.11
C THR B 355 -12.84 -9.40 52.35
N SER B 356 -11.65 -9.98 52.23
CA SER B 356 -10.65 -9.52 51.28
C SER B 356 -10.57 -10.41 50.06
N VAL B 357 -10.96 -11.68 50.22
CA VAL B 357 -10.95 -12.66 49.14
C VAL B 357 -12.22 -12.45 48.33
N LEU B 358 -13.24 -11.89 48.99
CA LEU B 358 -14.53 -11.63 48.37
C LEU B 358 -14.49 -10.54 47.31
N LEU B 359 -13.47 -9.68 47.32
CA LEU B 359 -13.33 -8.65 46.30
C LEU B 359 -12.84 -9.19 44.96
N TYR B 360 -12.26 -10.39 44.94
CA TYR B 360 -11.76 -10.97 43.69
C TYR B 360 -12.77 -11.86 43.00
N VAL B 361 -13.87 -12.20 43.67
CA VAL B 361 -14.92 -13.05 43.11
C VAL B 361 -15.71 -12.39 41.98
N PRO B 362 -16.24 -11.14 42.08
CA PRO B 362 -17.07 -10.65 40.97
C PRO B 362 -16.28 -10.36 39.69
N SER B 363 -14.99 -10.06 39.78
CA SER B 363 -14.20 -9.92 38.56
C SER B 363 -13.96 -11.27 37.89
N ILE B 364 -13.85 -12.34 38.67
CA ILE B 364 -13.73 -13.69 38.10
C ILE B 364 -15.05 -14.10 37.43
N ILE B 365 -16.18 -13.78 38.07
CA ILE B 365 -17.49 -14.06 37.48
C ILE B 365 -17.69 -13.25 36.20
N TYR B 366 -17.21 -12.00 36.20
CA TYR B 366 -17.30 -11.18 34.99
C TYR B 366 -16.40 -11.69 33.88
N ALA B 367 -15.23 -12.25 34.22
CA ALA B 367 -14.36 -12.82 33.19
C ALA B 367 -14.98 -14.07 32.57
N ILE B 368 -15.64 -14.89 33.40
CA ILE B 368 -16.32 -16.07 32.86
C ILE B 368 -17.51 -15.68 32.00
N VAL B 369 -18.25 -14.63 32.40
CA VAL B 369 -19.37 -14.15 31.60
C VAL B 369 -18.89 -13.51 30.30
N ILE B 370 -17.71 -12.88 30.32
CA ILE B 370 -17.11 -12.34 29.10
C ILE B 370 -16.74 -13.46 28.14
N GLU B 371 -16.11 -14.52 28.67
CA GLU B 371 -15.72 -15.64 27.80
C GLU B 371 -16.90 -16.49 27.36
N ILE B 372 -18.07 -16.35 27.98
CA ILE B 372 -19.27 -16.99 27.48
C ILE B 372 -19.95 -16.13 26.40
N MET B 373 -20.08 -14.83 26.68
CA MET B 373 -20.71 -13.91 25.74
C MET B 373 -19.92 -13.76 24.45
N ASN B 374 -18.59 -13.91 24.52
CA ASN B 374 -17.78 -13.84 23.31
C ASN B 374 -18.05 -15.02 22.38
N ARG B 375 -18.21 -16.22 22.95
CA ARG B 375 -18.51 -17.38 22.11
C ARG B 375 -19.93 -17.33 21.58
N LEU B 376 -20.87 -16.81 22.38
CA LEU B 376 -22.25 -16.66 21.89
C LEU B 376 -22.32 -15.64 20.76
N TYR B 377 -21.61 -14.52 20.89
CA TYR B 377 -21.55 -13.56 19.79
C TYR B 377 -20.79 -14.12 18.60
N ARG B 378 -19.81 -15.00 18.83
CA ARG B 378 -19.09 -15.60 17.71
C ARG B 378 -20.00 -16.50 16.89
N TYR B 379 -20.86 -17.28 17.56
CA TYR B 379 -21.85 -18.08 16.84
C TYR B 379 -22.86 -17.20 16.11
N ALA B 380 -23.32 -16.13 16.78
CA ALA B 380 -24.30 -15.23 16.16
C ALA B 380 -23.71 -14.48 14.97
N ALA B 381 -22.44 -14.09 15.06
CA ALA B 381 -21.80 -13.37 13.97
C ALA B 381 -21.44 -14.28 12.81
N GLU B 382 -21.07 -15.54 13.09
CA GLU B 382 -20.85 -16.50 12.02
C GLU B 382 -22.15 -16.79 11.26
N PHE B 383 -23.26 -16.93 11.98
CA PHE B 383 -24.54 -17.11 11.31
C PHE B 383 -24.96 -15.86 10.54
N LEU B 384 -24.74 -14.68 11.13
CA LEU B 384 -25.19 -13.45 10.49
C LEU B 384 -24.30 -13.02 9.32
N THR B 385 -23.07 -13.51 9.26
CA THR B 385 -22.20 -13.20 8.13
C THR B 385 -22.26 -14.27 7.06
N SER B 386 -22.61 -15.51 7.42
CA SER B 386 -22.95 -16.50 6.40
C SER B 386 -24.33 -16.27 5.80
N TRP B 387 -25.11 -15.34 6.34
CA TRP B 387 -26.45 -15.02 5.84
C TRP B 387 -26.45 -13.90 4.83
N GLU B 388 -25.41 -13.06 4.79
CA GLU B 388 -25.36 -11.92 3.89
C GLU B 388 -24.97 -12.27 2.47
N ASN B 389 -24.70 -13.55 2.20
CA ASN B 389 -24.37 -14.09 0.87
C ASN B 389 -23.13 -13.39 0.28
N HIS B 390 -22.04 -13.48 1.02
CA HIS B 390 -20.77 -12.94 0.53
C HIS B 390 -20.22 -13.84 -0.56
N ARG B 391 -19.63 -13.24 -1.58
CA ARG B 391 -19.20 -14.01 -2.74
C ARG B 391 -17.89 -14.75 -2.47
N LEU B 392 -16.82 -14.01 -2.21
CA LEU B 392 -15.54 -14.65 -1.97
C LEU B 392 -15.43 -15.08 -0.51
N GLU B 393 -14.32 -15.72 -0.17
CA GLU B 393 -14.02 -16.05 1.22
C GLU B 393 -13.29 -14.92 1.93
N SER B 394 -12.55 -14.10 1.19
CA SER B 394 -11.82 -12.99 1.80
C SER B 394 -12.78 -11.92 2.32
N ALA B 395 -13.86 -11.65 1.59
CA ALA B 395 -14.83 -10.65 2.05
C ALA B 395 -15.60 -11.14 3.26
N TYR B 396 -15.96 -12.43 3.28
CA TYR B 396 -16.63 -13.03 4.43
C TYR B 396 -15.73 -13.01 5.66
N GLN B 397 -14.45 -13.33 5.47
CA GLN B 397 -13.50 -13.28 6.57
C GLN B 397 -13.28 -11.86 7.07
N ASN B 398 -13.26 -10.87 6.17
CA ASN B 398 -13.08 -9.48 6.59
C ASN B 398 -14.28 -8.97 7.38
N HIS B 399 -15.49 -9.31 6.94
CA HIS B 399 -16.68 -8.87 7.68
C HIS B 399 -16.78 -9.55 9.04
N LEU B 400 -16.46 -10.86 9.10
CA LEU B 400 -16.47 -11.56 10.38
C LEU B 400 -15.39 -11.04 11.32
N ILE B 401 -14.21 -10.72 10.79
CA ILE B 401 -13.15 -10.15 11.62
C ILE B 401 -13.53 -8.78 12.15
N LEU B 402 -14.22 -7.97 11.34
CA LEU B 402 -14.65 -6.65 11.81
C LEU B 402 -15.68 -6.75 12.93
N LYS B 403 -16.69 -7.62 12.76
CA LYS B 403 -17.73 -7.78 13.78
C LYS B 403 -17.15 -8.33 15.08
N VAL B 404 -16.35 -9.40 14.99
CA VAL B 404 -15.81 -10.04 16.19
C VAL B 404 -14.77 -9.14 16.86
N LEU B 405 -13.99 -8.37 16.09
CA LEU B 405 -13.00 -7.49 16.68
C LEU B 405 -13.65 -6.33 17.41
N VAL B 406 -14.70 -5.74 16.83
CA VAL B 406 -15.39 -4.63 17.49
C VAL B 406 -16.06 -5.08 18.77
N PHE B 407 -16.79 -6.21 18.73
CA PHE B 407 -17.45 -6.66 19.95
C PHE B 407 -16.47 -7.17 20.99
N ASN B 408 -15.37 -7.81 20.59
CA ASN B 408 -14.45 -8.34 21.59
C ASN B 408 -13.63 -7.23 22.22
N PHE B 409 -13.26 -6.20 21.44
CA PHE B 409 -12.62 -5.03 22.01
C PHE B 409 -13.53 -4.34 23.02
N LEU B 410 -14.80 -4.12 22.66
CA LEU B 410 -15.71 -3.43 23.59
C LEU B 410 -15.99 -4.28 24.82
N ASN B 411 -16.29 -5.56 24.64
CA ASN B 411 -16.65 -6.43 25.74
C ASN B 411 -15.48 -6.75 26.66
N CYS B 412 -14.24 -6.69 26.15
CA CYS B 412 -13.11 -6.95 27.05
C CYS B 412 -12.63 -5.69 27.74
N PHE B 413 -12.61 -4.54 27.07
CA PHE B 413 -11.99 -3.36 27.65
C PHE B 413 -12.99 -2.30 28.11
N ALA B 414 -14.29 -2.59 28.08
CA ALA B 414 -15.28 -1.58 28.49
C ALA B 414 -15.23 -1.34 29.98
N SER B 415 -15.09 -2.40 30.79
CA SER B 415 -15.02 -2.23 32.23
C SER B 415 -13.75 -1.53 32.65
N LEU B 416 -12.63 -1.81 31.99
CA LEU B 416 -11.39 -1.13 32.31
C LEU B 416 -11.41 0.32 31.87
N PHE B 417 -12.08 0.63 30.76
CA PHE B 417 -12.22 2.04 30.37
C PHE B 417 -13.15 2.79 31.32
N TYR B 418 -14.20 2.12 31.81
CA TYR B 418 -15.09 2.75 32.78
C TYR B 418 -14.40 2.94 34.13
N ILE B 419 -13.49 2.06 34.51
CA ILE B 419 -12.75 2.28 35.75
C ILE B 419 -11.74 3.40 35.57
N ALA B 420 -11.02 3.41 34.44
CA ALA B 420 -9.91 4.34 34.26
C ALA B 420 -10.37 5.76 33.99
N PHE B 421 -11.46 5.96 33.25
CA PHE B 421 -11.80 7.30 32.79
C PHE B 421 -13.11 7.84 33.36
N VAL B 422 -13.83 7.08 34.17
CA VAL B 422 -15.04 7.55 34.83
C VAL B 422 -14.91 7.50 36.35
N LEU B 423 -14.58 6.32 36.89
CA LEU B 423 -14.37 6.22 38.34
C LEU B 423 -13.05 6.85 38.76
N LYS B 424 -12.01 6.70 37.92
CA LYS B 424 -10.64 7.20 38.15
C LYS B 424 -10.09 6.67 39.48
N ASP B 425 -10.01 5.34 39.57
CA ASP B 425 -9.55 4.66 40.78
C ASP B 425 -8.54 3.61 40.32
N MET B 426 -7.25 3.92 40.53
CA MET B 426 -6.19 3.10 39.93
C MET B 426 -5.99 1.78 40.66
N LYS B 427 -6.37 1.70 41.94
CA LYS B 427 -6.24 0.45 42.67
C LYS B 427 -7.21 -0.60 42.15
N LEU B 428 -8.47 -0.20 41.95
CA LEU B 428 -9.46 -1.08 41.33
C LEU B 428 -9.10 -1.38 39.89
N LEU B 429 -8.43 -0.45 39.19
CA LEU B 429 -8.00 -0.71 37.82
C LEU B 429 -6.91 -1.77 37.78
N ARG B 430 -5.95 -1.71 38.71
CA ARG B 430 -4.91 -2.73 38.79
C ARG B 430 -5.51 -4.09 39.13
N GLN B 431 -6.40 -4.14 40.12
CA GLN B 431 -7.01 -5.40 40.54
C GLN B 431 -7.86 -6.00 39.44
N SER B 432 -8.70 -5.18 38.79
CA SER B 432 -9.59 -5.67 37.75
C SER B 432 -8.83 -6.07 36.50
N LEU B 433 -7.78 -5.33 36.14
CA LEU B 433 -7.00 -5.67 34.96
C LEU B 433 -6.23 -6.97 35.16
N ALA B 434 -5.60 -7.13 36.34
CA ALA B 434 -4.87 -8.37 36.61
C ALA B 434 -5.81 -9.57 36.69
N THR B 435 -6.98 -9.40 37.32
CA THR B 435 -7.91 -10.52 37.44
C THR B 435 -8.53 -10.89 36.11
N LEU B 436 -8.90 -9.89 35.30
CA LEU B 436 -9.47 -10.15 33.98
C LEU B 436 -8.45 -10.83 33.06
N LEU B 437 -7.21 -10.33 33.05
CA LEU B 437 -6.18 -10.92 32.19
C LEU B 437 -5.82 -12.34 32.61
N ILE B 438 -5.62 -12.58 33.90
CA ILE B 438 -5.24 -13.91 34.37
C ILE B 438 -6.38 -14.92 34.21
N THR B 439 -7.61 -14.53 34.57
CA THR B 439 -8.73 -15.46 34.49
C THR B 439 -9.12 -15.75 33.04
N SER B 440 -9.07 -14.73 32.16
CA SER B 440 -9.36 -14.96 30.75
C SER B 440 -8.30 -15.82 30.09
N GLN B 441 -7.02 -15.66 30.47
CA GLN B 441 -5.97 -16.50 29.90
C GLN B 441 -6.07 -17.93 30.40
N ILE B 442 -6.40 -18.13 31.68
CA ILE B 442 -6.51 -19.47 32.23
C ILE B 442 -7.71 -20.20 31.62
N LEU B 443 -8.84 -19.51 31.49
CA LEU B 443 -10.01 -20.13 30.89
C LEU B 443 -9.82 -20.37 29.39
N ASN B 444 -9.05 -19.50 28.74
CA ASN B 444 -8.67 -19.71 27.35
C ASN B 444 -7.81 -20.96 27.19
N GLN B 445 -6.82 -21.15 28.06
CA GLN B 445 -5.97 -22.33 27.95
C GLN B 445 -6.69 -23.60 28.37
N ILE B 446 -7.73 -23.50 29.19
CA ILE B 446 -8.49 -24.70 29.56
C ILE B 446 -9.47 -25.08 28.45
N MET B 447 -10.29 -24.13 27.99
CA MET B 447 -11.29 -24.44 26.97
C MET B 447 -10.71 -24.57 25.58
N GLU B 448 -9.47 -24.10 25.34
CA GLU B 448 -8.92 -24.15 24.00
C GLU B 448 -8.25 -25.48 23.70
N SER B 449 -7.37 -25.93 24.58
CA SER B 449 -6.56 -27.09 24.22
C SER B 449 -6.60 -28.22 25.24
N PHE B 450 -6.63 -27.92 26.54
CA PHE B 450 -6.41 -28.95 27.55
C PHE B 450 -7.62 -29.88 27.71
N LEU B 451 -8.80 -29.30 27.89
CA LEU B 451 -10.02 -30.11 27.95
C LEU B 451 -10.34 -30.83 26.63
N PRO B 452 -10.17 -30.24 25.42
CA PRO B 452 -10.30 -31.08 24.21
C PRO B 452 -9.23 -32.14 24.08
N TYR B 453 -8.02 -31.92 24.63
CA TYR B 453 -7.02 -32.99 24.61
C TYR B 453 -7.41 -34.13 25.54
N TRP B 454 -8.01 -33.82 26.68
CA TRP B 454 -8.47 -34.87 27.59
C TRP B 454 -9.63 -35.65 26.99
N LEU B 455 -10.58 -34.96 26.35
CA LEU B 455 -11.66 -35.64 25.66
C LEU B 455 -11.16 -36.46 24.48
N GLN B 456 -10.12 -35.97 23.79
CA GLN B 456 -9.56 -36.72 22.68
C GLN B 456 -8.79 -37.95 23.16
N ARG B 457 -8.15 -37.86 24.32
CA ARG B 457 -7.49 -39.03 24.90
C ARG B 457 -8.51 -40.09 25.31
N LYS B 458 -9.64 -39.66 25.89
CA LYS B 458 -10.70 -40.59 26.24
C LYS B 458 -11.29 -41.26 25.00
N HIS B 459 -11.55 -40.47 23.95
CA HIS B 459 -12.08 -41.01 22.71
C HIS B 459 -11.07 -41.92 22.01
N GLY B 460 -9.78 -41.62 22.11
CA GLY B 460 -8.78 -42.47 21.50
C GLY B 460 -8.62 -43.79 22.22
N VAL B 461 -8.71 -43.77 23.55
CA VAL B 461 -8.68 -45.01 24.32
C VAL B 461 -9.91 -45.86 24.01
N ARG B 462 -11.07 -45.22 23.85
CA ARG B 462 -12.29 -45.96 23.52
C ARG B 462 -12.22 -46.55 22.10
N VAL B 463 -11.68 -45.80 21.14
CA VAL B 463 -11.55 -46.30 19.77
C VAL B 463 -10.52 -47.40 19.69
N LYS B 464 -9.43 -47.30 20.46
CA LYS B 464 -8.42 -48.35 20.53
C LYS B 464 -9.00 -49.64 21.12
N ARG B 465 -9.77 -49.53 22.20
CA ARG B 465 -10.38 -50.72 22.80
C ARG B 465 -11.48 -51.30 21.92
N LYS B 466 -12.11 -50.48 21.08
CA LYS B 466 -13.06 -51.02 20.11
C LYS B 466 -12.35 -51.74 18.98
N VAL B 467 -11.24 -51.19 18.50
CA VAL B 467 -10.53 -51.77 17.36
C VAL B 467 -9.83 -53.07 17.75
N GLN B 468 -9.31 -53.14 18.98
CA GLN B 468 -8.62 -54.35 19.43
C GLN B 468 -9.56 -55.54 19.63
N ALA B 469 -10.87 -55.30 19.76
CA ALA B 469 -11.85 -56.38 19.80
C ALA B 469 -12.47 -56.55 18.42
N LEU B 470 -11.70 -57.15 17.52
CA LEU B 470 -12.05 -57.28 16.11
C LEU B 470 -12.10 -58.76 15.73
N LYS B 471 -12.67 -59.04 14.56
CA LYS B 471 -12.81 -60.40 14.05
C LYS B 471 -12.45 -60.50 12.58
N ALA B 472 -11.47 -59.71 12.13
CA ALA B 472 -11.04 -59.72 10.74
C ALA B 472 -9.51 -59.62 10.69
N ASP B 473 -8.97 -59.90 9.50
CA ASP B 473 -7.54 -59.80 9.24
C ASP B 473 -7.16 -58.40 8.75
N ILE B 474 -7.52 -57.39 9.56
CA ILE B 474 -7.36 -56.00 9.15
C ILE B 474 -5.98 -55.51 9.58
N ASP B 475 -5.26 -54.90 8.64
CA ASP B 475 -4.06 -54.15 8.98
C ASP B 475 -4.49 -52.93 9.79
N ALA B 476 -4.27 -52.98 11.10
CA ALA B 476 -4.88 -52.03 12.01
C ALA B 476 -4.26 -50.64 11.96
N THR B 477 -3.01 -50.53 11.48
CA THR B 477 -2.29 -49.27 11.50
C THR B 477 -2.88 -48.21 10.58
N LEU B 478 -3.63 -48.61 9.56
CA LEU B 478 -4.29 -47.67 8.65
C LEU B 478 -5.77 -47.50 8.95
N TYR B 479 -6.51 -48.60 9.12
CA TYR B 479 -7.94 -48.52 9.40
C TYR B 479 -8.20 -47.90 10.76
N GLU B 480 -7.40 -48.28 11.76
CA GLU B 480 -7.49 -47.70 13.10
C GLU B 480 -7.20 -46.20 13.08
N GLN B 481 -6.23 -45.79 12.27
CA GLN B 481 -5.86 -44.38 12.16
C GLN B 481 -6.97 -43.58 11.49
N VAL B 482 -7.57 -44.13 10.42
CA VAL B 482 -8.64 -43.42 9.72
C VAL B 482 -9.90 -43.34 10.58
N ILE B 483 -10.21 -44.40 11.34
CA ILE B 483 -11.36 -44.37 12.24
C ILE B 483 -11.13 -43.38 13.39
N LEU B 484 -9.90 -43.29 13.89
CA LEU B 484 -9.63 -42.33 14.96
C LEU B 484 -9.67 -40.89 14.46
N GLU B 485 -9.12 -40.63 13.27
CA GLU B 485 -9.10 -39.28 12.74
C GLU B 485 -10.41 -38.89 12.07
N LYS B 486 -11.36 -39.82 11.90
CA LYS B 486 -12.67 -39.45 11.38
C LYS B 486 -13.45 -38.62 12.39
N GLU B 487 -13.34 -38.97 13.66
CA GLU B 487 -14.12 -38.33 14.72
C GLU B 487 -13.36 -37.26 15.47
N MET B 488 -12.19 -36.85 14.98
CA MET B 488 -11.49 -35.72 15.58
C MET B 488 -12.16 -34.41 15.18
N GLY B 489 -11.74 -33.32 15.80
CA GLY B 489 -12.24 -32.01 15.44
C GLY B 489 -11.42 -31.38 14.33
N THR B 490 -12.07 -30.57 13.52
CA THR B 490 -11.39 -29.91 12.42
C THR B 490 -10.85 -28.56 12.87
N TYR B 491 -9.83 -28.07 12.17
CA TYR B 491 -9.23 -26.78 12.50
C TYR B 491 -9.95 -25.68 11.73
N LEU B 492 -10.54 -24.75 12.46
CA LEU B 492 -11.32 -23.67 11.85
C LEU B 492 -10.47 -22.43 11.59
N GLY B 493 -9.33 -22.62 10.93
CA GLY B 493 -8.48 -21.50 10.56
C GLY B 493 -7.72 -20.88 11.70
N THR B 494 -6.75 -20.02 11.39
CA THR B 494 -6.02 -19.27 12.40
C THR B 494 -6.67 -17.90 12.58
N PHE B 495 -7.85 -17.92 13.20
CA PHE B 495 -8.56 -16.69 13.53
C PHE B 495 -8.69 -16.49 15.03
N ASP B 496 -9.09 -17.52 15.77
CA ASP B 496 -9.13 -17.39 17.23
C ASP B 496 -7.73 -17.30 17.82
N ASP B 497 -6.76 -17.94 17.18
CA ASP B 497 -5.40 -17.97 17.68
C ASP B 497 -4.67 -16.66 17.45
N TYR B 498 -5.11 -15.85 16.49
CA TYR B 498 -4.62 -14.48 16.38
C TYR B 498 -5.43 -13.52 17.24
N LEU B 499 -6.70 -13.85 17.47
CA LEU B 499 -7.56 -13.01 18.29
C LEU B 499 -7.13 -13.03 19.75
N GLU B 500 -6.64 -14.18 20.22
CA GLU B 500 -6.09 -14.27 21.57
C GLU B 500 -4.86 -13.39 21.73
N LEU B 501 -4.00 -13.36 20.72
CA LEU B 501 -2.81 -12.50 20.76
C LEU B 501 -3.19 -11.03 20.64
N PHE B 502 -4.25 -10.72 19.89
CA PHE B 502 -4.74 -9.35 19.80
C PHE B 502 -5.27 -8.86 21.14
N LEU B 503 -6.04 -9.70 21.84
CA LEU B 503 -6.52 -9.31 23.15
C LEU B 503 -5.42 -9.29 24.20
N GLN B 504 -4.38 -10.12 24.04
CA GLN B 504 -3.22 -10.03 24.92
C GLN B 504 -2.48 -8.71 24.72
N PHE B 505 -2.27 -8.31 23.47
CA PHE B 505 -1.66 -7.02 23.18
C PHE B 505 -2.53 -5.86 23.64
N GLY B 506 -3.84 -6.06 23.64
CA GLY B 506 -4.73 -5.04 24.18
C GLY B 506 -4.62 -4.89 25.69
N TYR B 507 -4.62 -6.02 26.40
CA TYR B 507 -4.48 -5.97 27.86
C TYR B 507 -3.10 -5.49 28.29
N VAL B 508 -2.08 -5.72 27.47
CA VAL B 508 -0.73 -5.29 27.82
C VAL B 508 -0.53 -3.83 27.50
N SER B 509 -0.85 -3.40 26.28
CA SER B 509 -0.37 -2.13 25.79
C SER B 509 -1.32 -0.96 26.04
N LEU B 510 -2.60 -1.21 26.31
CA LEU B 510 -3.53 -0.10 26.55
C LEU B 510 -3.28 0.53 27.91
N PHE B 511 -2.98 -0.27 28.92
CA PHE B 511 -2.78 0.26 30.27
C PHE B 511 -1.41 -0.15 30.81
N SER B 512 -0.37 0.00 29.99
CA SER B 512 0.98 -0.30 30.42
C SER B 512 1.57 0.78 31.31
N CYS B 513 0.96 1.95 31.37
CA CYS B 513 1.47 3.01 32.25
C CYS B 513 1.10 2.73 33.70
N VAL B 514 -0.16 2.38 33.96
CA VAL B 514 -0.62 2.25 35.34
C VAL B 514 -0.37 0.83 35.85
N TYR B 515 -0.04 -0.10 34.95
CA TYR B 515 0.14 -1.50 35.31
C TYR B 515 1.03 -2.19 34.29
N PRO B 516 2.35 -2.03 34.40
CA PRO B 516 3.25 -2.72 33.45
C PRO B 516 3.43 -4.19 33.74
N LEU B 517 3.14 -4.63 34.97
CA LEU B 517 3.30 -6.02 35.39
C LEU B 517 2.47 -6.98 34.56
N ALA B 518 1.34 -6.50 34.01
CA ALA B 518 0.50 -7.31 33.13
C ALA B 518 1.23 -7.78 31.89
N ALA B 519 2.25 -7.03 31.43
CA ALA B 519 3.08 -7.48 30.33
C ALA B 519 3.79 -8.79 30.66
N ALA B 520 4.26 -8.92 31.90
CA ALA B 520 4.82 -10.19 32.36
C ALA B 520 3.76 -11.28 32.36
N PHE B 521 2.52 -10.91 32.69
CA PHE B 521 1.41 -11.87 32.64
C PHE B 521 1.06 -12.29 31.22
N ALA B 522 1.57 -11.61 30.21
CA ALA B 522 1.45 -12.16 28.86
C ALA B 522 2.56 -13.17 28.59
N VAL B 523 3.78 -12.88 29.02
CA VAL B 523 4.93 -13.71 28.64
C VAL B 523 4.84 -15.07 29.31
N LEU B 524 4.50 -15.10 30.60
CA LEU B 524 4.23 -16.34 31.31
C LEU B 524 3.01 -17.08 30.77
N ASN B 525 2.14 -16.41 30.01
CA ASN B 525 1.12 -17.13 29.28
C ASN B 525 1.69 -17.74 28.00
N ASN B 526 2.49 -16.96 27.26
CA ASN B 526 2.92 -17.38 25.94
C ASN B 526 3.90 -18.55 26.01
N PHE B 527 4.70 -18.61 27.08
CA PHE B 527 5.56 -19.76 27.34
C PHE B 527 4.77 -21.06 27.52
N THR B 528 3.50 -20.97 27.90
CA THR B 528 2.63 -22.14 27.84
C THR B 528 1.96 -22.28 26.49
N GLU B 529 1.58 -21.15 25.86
CA GLU B 529 0.74 -21.21 24.67
C GLU B 529 1.51 -21.78 23.49
N VAL B 530 2.81 -21.46 23.40
CA VAL B 530 3.71 -22.06 22.42
C VAL B 530 3.71 -23.58 22.55
N ASN B 531 3.65 -24.09 23.78
CA ASN B 531 3.43 -25.52 23.96
C ASN B 531 1.99 -25.89 23.64
N SER B 532 1.03 -25.12 24.19
CA SER B 532 -0.35 -25.58 24.28
C SER B 532 -1.01 -25.65 22.90
N ASP B 533 -0.89 -24.57 22.12
CA ASP B 533 -1.34 -24.57 20.73
C ASP B 533 -0.65 -25.65 19.91
N ALA B 534 0.61 -25.94 20.21
CA ALA B 534 1.32 -27.05 19.55
C ALA B 534 0.63 -28.37 19.84
N LEU B 535 0.23 -28.59 21.10
CA LEU B 535 -0.54 -29.78 21.44
C LEU B 535 -1.88 -29.77 20.73
N LYS B 536 -2.45 -28.58 20.54
CA LYS B 536 -3.72 -28.45 19.82
C LYS B 536 -3.57 -28.82 18.35
N MET B 537 -2.36 -28.68 17.81
CA MET B 537 -2.15 -29.10 16.43
C MET B 537 -1.72 -30.55 16.35
N CYS B 538 -1.33 -31.16 17.47
CA CYS B 538 -0.67 -32.44 17.36
C CYS B 538 -1.56 -33.61 17.76
N ARG B 539 -2.24 -33.52 18.91
CA ARG B 539 -3.00 -34.64 19.42
C ARG B 539 -4.47 -34.33 19.65
N VAL B 540 -4.97 -33.19 19.16
CA VAL B 540 -6.34 -32.76 19.41
C VAL B 540 -7.15 -32.72 18.12
N PHE B 541 -6.61 -32.07 17.09
CA PHE B 541 -7.34 -31.80 15.86
C PHE B 541 -6.89 -32.73 14.74
N LYS B 542 -7.65 -32.70 13.65
CA LYS B 542 -7.21 -33.31 12.41
C LYS B 542 -6.04 -32.52 11.82
N ARG B 543 -5.40 -33.10 10.82
CA ARG B 543 -4.38 -32.38 10.08
C ARG B 543 -5.06 -31.33 9.22
N PRO B 544 -4.71 -30.06 9.36
CA PRO B 544 -5.30 -29.04 8.47
C PRO B 544 -4.67 -29.13 7.08
N PHE B 545 -5.44 -28.71 6.08
CA PHE B 545 -4.91 -28.63 4.74
C PHE B 545 -3.91 -27.48 4.65
N SER B 546 -2.83 -27.69 3.90
CA SER B 546 -1.81 -26.68 3.75
C SER B 546 -2.32 -25.52 2.93
N GLU B 547 -2.19 -24.31 3.47
CA GLU B 547 -2.63 -23.12 2.76
C GLU B 547 -1.46 -22.15 2.64
N PRO B 548 -1.10 -21.73 1.43
CA PRO B 548 -0.04 -20.73 1.30
C PRO B 548 -0.51 -19.35 1.73
N SER B 549 0.34 -18.67 2.48
CA SER B 549 0.04 -17.32 2.95
C SER B 549 1.33 -16.52 3.00
N ALA B 550 1.26 -15.29 2.52
CA ALA B 550 2.44 -14.43 2.47
C ALA B 550 2.56 -13.50 3.66
N ASN B 551 1.49 -13.29 4.42
CA ASN B 551 1.50 -12.43 5.58
C ASN B 551 0.43 -12.89 6.55
N ILE B 552 0.33 -12.20 7.69
CA ILE B 552 -0.77 -12.48 8.62
C ILE B 552 -2.08 -11.91 8.11
N GLY B 553 -2.03 -10.97 7.18
CA GLY B 553 -3.23 -10.51 6.52
C GLY B 553 -3.74 -9.19 7.06
N VAL B 554 -5.00 -9.20 7.50
CA VAL B 554 -5.63 -7.99 8.03
C VAL B 554 -5.27 -7.78 9.50
N TRP B 555 -4.58 -8.74 10.11
CA TRP B 555 -4.22 -8.61 11.52
C TRP B 555 -3.11 -7.59 11.75
N GLN B 556 -2.32 -7.27 10.72
CA GLN B 556 -1.33 -6.21 10.85
C GLN B 556 -1.99 -4.85 11.08
N LEU B 557 -3.10 -4.59 10.37
CA LEU B 557 -3.86 -3.37 10.57
C LEU B 557 -4.50 -3.35 11.95
N ALA B 558 -4.94 -4.50 12.45
CA ALA B 558 -5.56 -4.56 13.77
C ALA B 558 -4.55 -4.31 14.88
N PHE B 559 -3.35 -4.90 14.75
CA PHE B 559 -2.31 -4.66 15.75
C PHE B 559 -1.79 -3.23 15.70
N GLU B 560 -1.70 -2.64 14.51
CA GLU B 560 -1.29 -1.24 14.42
C GLU B 560 -2.37 -0.30 14.96
N THR B 561 -3.65 -0.64 14.76
CA THR B 561 -4.73 0.18 15.31
C THR B 561 -4.77 0.08 16.83
N MET B 562 -4.45 -1.11 17.37
CA MET B 562 -4.31 -1.25 18.82
C MET B 562 -3.16 -0.41 19.35
N SER B 563 -2.02 -0.42 18.64
CA SER B 563 -0.88 0.38 19.05
C SER B 563 -1.09 1.88 18.87
N VAL B 564 -2.05 2.30 18.05
CA VAL B 564 -2.40 3.71 17.91
C VAL B 564 -3.40 4.15 18.98
N ILE B 565 -4.40 3.31 19.28
CA ILE B 565 -5.37 3.59 20.34
C ILE B 565 -4.67 3.63 21.70
N SER B 566 -3.66 2.79 21.89
CA SER B 566 -2.95 2.75 23.16
C SER B 566 -2.12 4.00 23.42
N VAL B 567 -1.79 4.78 22.39
CA VAL B 567 -1.12 6.07 22.60
C VAL B 567 -2.04 7.04 23.33
N VAL B 568 -3.27 7.18 22.83
CA VAL B 568 -4.26 8.06 23.46
C VAL B 568 -4.63 7.56 24.84
N THR B 569 -4.75 6.24 25.00
CA THR B 569 -5.13 5.70 26.31
C THR B 569 -4.00 5.86 27.32
N ASN B 570 -2.75 5.65 26.90
CA ASN B 570 -1.61 5.83 27.80
C ASN B 570 -1.42 7.29 28.18
N CYS B 571 -1.64 8.21 27.24
CA CYS B 571 -1.49 9.62 27.58
C CYS B 571 -2.63 10.11 28.46
N ALA B 572 -3.84 9.59 28.27
CA ALA B 572 -4.94 9.93 29.16
C ALA B 572 -4.76 9.32 30.55
N LEU B 573 -4.02 8.21 30.67
CA LEU B 573 -3.67 7.69 31.98
C LEU B 573 -2.49 8.40 32.60
N ILE B 574 -1.62 9.01 31.79
CA ILE B 574 -0.56 9.87 32.31
C ILE B 574 -1.17 11.13 32.90
N GLY B 575 -2.10 11.75 32.18
CA GLY B 575 -2.72 13.00 32.62
C GLY B 575 -3.80 12.86 33.68
N MET B 576 -3.80 11.74 34.41
CA MET B 576 -4.71 11.54 35.54
C MET B 576 -4.01 11.05 36.79
N SER B 577 -2.73 10.71 36.71
CA SER B 577 -2.01 10.18 37.85
C SER B 577 -1.70 11.29 38.85
N PRO B 578 -1.51 10.96 40.14
CA PRO B 578 -1.06 11.98 41.10
C PRO B 578 0.40 12.38 40.93
N GLN B 579 1.18 11.67 40.10
CA GLN B 579 2.57 12.03 39.89
C GLN B 579 2.71 13.21 38.95
N VAL B 580 1.99 13.20 37.83
CA VAL B 580 2.12 14.26 36.84
C VAL B 580 1.36 15.50 37.29
N ASN B 581 0.28 15.33 38.05
CA ASN B 581 -0.49 16.47 38.54
C ASN B 581 0.24 17.27 39.61
N ALA B 582 1.28 16.70 40.23
CA ALA B 582 2.09 17.46 41.16
C ALA B 582 3.00 18.46 40.45
N VAL B 583 3.22 18.29 39.16
CA VAL B 583 4.01 19.25 38.40
C VAL B 583 3.21 20.52 38.16
N PHE B 584 1.93 20.38 37.81
CA PHE B 584 1.03 21.49 37.53
C PHE B 584 -0.11 21.43 38.54
N PRO B 585 0.10 21.94 39.76
CA PRO B 585 -0.93 21.79 40.80
C PRO B 585 -2.10 22.75 40.64
N GLU B 586 -1.83 23.97 40.19
CA GLU B 586 -2.85 25.00 40.11
C GLU B 586 -3.42 25.16 38.71
N SER B 587 -2.58 25.03 37.68
CA SER B 587 -2.98 25.26 36.30
C SER B 587 -3.16 23.90 35.62
N LYS B 588 -4.39 23.39 35.62
CA LYS B 588 -4.73 22.15 34.94
C LYS B 588 -5.09 22.36 33.48
N ALA B 589 -4.88 23.56 32.94
CA ALA B 589 -5.09 23.82 31.53
C ALA B 589 -3.82 23.75 30.70
N ASP B 590 -2.65 23.81 31.35
CA ASP B 590 -1.39 23.60 30.66
C ASP B 590 -0.97 22.14 30.69
N LEU B 591 -1.46 21.39 31.67
CA LEU B 591 -1.18 19.95 31.75
C LEU B 591 -1.83 19.21 30.59
N ILE B 592 -3.07 19.56 30.26
CA ILE B 592 -3.77 18.91 29.15
C ILE B 592 -3.10 19.27 27.82
N LEU B 593 -2.63 20.51 27.68
CA LEU B 593 -1.95 20.91 26.46
C LEU B 593 -0.60 20.21 26.30
N ILE B 594 0.14 20.05 27.40
CA ILE B 594 1.42 19.37 27.33
C ILE B 594 1.24 17.87 27.07
N VAL B 595 0.22 17.26 27.67
CA VAL B 595 -0.05 15.83 27.43
C VAL B 595 -0.54 15.61 26.00
N VAL B 596 -1.36 16.51 25.47
CA VAL B 596 -1.83 16.39 24.09
C VAL B 596 -0.68 16.64 23.10
N ALA B 597 0.25 17.53 23.44
CA ALA B 597 1.41 17.74 22.57
C ALA B 597 2.34 16.54 22.58
N VAL B 598 2.52 15.90 23.75
CA VAL B 598 3.33 14.69 23.82
C VAL B 598 2.64 13.54 23.07
N GLU B 599 1.31 13.48 23.13
CA GLU B 599 0.55 12.46 22.44
C GLU B 599 0.63 12.62 20.92
N HIS B 600 0.51 13.86 20.43
CA HIS B 600 0.63 14.10 19.00
C HIS B 600 2.06 13.90 18.51
N ALA B 601 3.05 14.24 19.33
CA ALA B 601 4.44 13.99 18.96
C ALA B 601 4.74 12.50 18.91
N LEU B 602 4.12 11.73 19.81
CA LEU B 602 4.32 10.29 19.81
C LEU B 602 3.61 9.64 18.61
N LEU B 603 2.43 10.14 18.24
CA LEU B 603 1.76 9.63 17.04
C LEU B 603 2.54 9.97 15.78
N ALA B 604 3.11 11.18 15.71
CA ALA B 604 3.89 11.57 14.55
C ALA B 604 5.19 10.77 14.46
N LEU B 605 5.85 10.54 15.60
CA LEU B 605 7.08 9.75 15.60
C LEU B 605 6.80 8.29 15.31
N LYS B 606 5.63 7.78 15.73
CA LYS B 606 5.23 6.41 15.41
C LYS B 606 4.95 6.24 13.92
N PHE B 607 4.26 7.20 13.30
CA PHE B 607 4.01 7.11 11.87
C PHE B 607 5.29 7.33 11.06
N ILE B 608 6.22 8.15 11.56
CA ILE B 608 7.50 8.34 10.90
C ILE B 608 8.34 7.07 11.00
N LEU B 609 8.30 6.38 12.15
CA LEU B 609 9.00 5.10 12.28
C LEU B 609 8.37 4.01 11.42
N ALA B 610 7.05 4.03 11.26
CA ALA B 610 6.41 3.03 10.40
C ALA B 610 6.61 3.30 8.93
N PHE B 611 6.80 4.57 8.53
CA PHE B 611 7.04 4.89 7.14
C PHE B 611 8.52 4.84 6.75
N ALA B 612 9.43 5.04 7.71
CA ALA B 612 10.85 5.13 7.38
C ALA B 612 11.47 3.76 7.16
N ILE B 613 11.17 2.81 8.03
CA ILE B 613 11.71 1.45 7.92
C ILE B 613 11.03 0.74 6.75
N PRO B 614 11.79 0.13 5.85
CA PRO B 614 11.16 -0.59 4.73
C PRO B 614 10.55 -1.91 5.18
N ASP B 615 9.52 -2.33 4.46
CA ASP B 615 8.78 -3.53 4.82
C ASP B 615 9.57 -4.80 4.51
N LYS B 616 10.06 -4.91 3.28
CA LYS B 616 10.94 -6.02 2.95
C LYS B 616 12.38 -5.66 3.29
N PRO B 617 13.21 -6.66 3.62
CA PRO B 617 14.62 -6.36 3.92
C PRO B 617 15.43 -6.03 2.68
N ARG B 618 16.73 -5.84 2.84
CA ARG B 618 17.57 -5.43 1.71
C ARG B 618 17.79 -6.58 0.74
N HIS B 619 18.22 -7.74 1.25
CA HIS B 619 18.58 -8.85 0.36
C HIS B 619 17.35 -9.50 -0.26
N ILE B 620 16.22 -9.49 0.44
CA ILE B 620 14.97 -9.97 -0.18
C ILE B 620 14.55 -9.06 -1.31
N GLN B 621 14.74 -7.75 -1.15
CA GLN B 621 14.40 -6.81 -2.21
C GLN B 621 15.34 -6.96 -3.40
N MET B 622 16.63 -7.23 -3.14
CA MET B 622 17.58 -7.49 -4.21
C MET B 622 17.24 -8.78 -4.96
N LYS B 623 16.77 -9.80 -4.24
CA LYS B 623 16.43 -11.06 -4.89
C LYS B 623 15.15 -10.93 -5.70
N LEU B 624 14.18 -10.14 -5.23
CA LEU B 624 12.98 -9.90 -6.03
C LEU B 624 13.30 -9.03 -7.24
N ALA B 625 14.25 -8.10 -7.12
CA ALA B 625 14.65 -7.30 -8.27
C ALA B 625 15.39 -8.15 -9.30
N ARG B 626 16.20 -9.11 -8.85
CA ARG B 626 16.86 -10.02 -9.76
C ARG B 626 15.85 -10.94 -10.46
N LEU B 627 14.85 -11.41 -9.72
CA LEU B 627 13.81 -12.25 -10.31
C LEU B 627 12.95 -11.47 -11.30
N GLU B 628 12.79 -10.17 -11.10
CA GLU B 628 12.07 -9.35 -12.08
C GLU B 628 12.93 -9.09 -13.31
N PHE B 629 14.23 -8.85 -13.10
CA PHE B 629 15.11 -8.54 -14.22
C PHE B 629 15.35 -9.74 -15.11
N GLU B 630 15.36 -10.96 -14.55
CA GLU B 630 15.50 -12.15 -15.38
C GLU B 630 14.29 -12.36 -16.28
N SER B 631 13.08 -12.08 -15.78
CA SER B 631 11.89 -12.17 -16.61
C SER B 631 11.85 -11.06 -17.66
N LEU B 632 12.33 -9.87 -17.30
CA LEU B 632 12.40 -8.79 -18.30
C LEU B 632 13.41 -9.11 -19.40
N GLU B 633 14.53 -9.74 -19.04
CA GLU B 633 15.50 -10.17 -20.05
C GLU B 633 14.96 -11.30 -20.91
N ALA B 634 14.13 -12.19 -20.33
CA ALA B 634 13.48 -13.23 -21.12
C ALA B 634 12.49 -12.62 -22.10
N LEU B 635 11.76 -11.57 -21.68
CA LEU B 635 10.86 -10.87 -22.59
C LEU B 635 11.63 -10.16 -23.70
N LYS B 636 12.78 -9.57 -23.37
CA LYS B 636 13.59 -8.89 -24.38
C LYS B 636 14.20 -9.87 -25.38
N GLN B 637 14.59 -11.05 -24.91
CA GLN B 637 15.13 -12.06 -25.82
C GLN B 637 14.04 -12.69 -26.67
N GLN B 638 12.82 -12.78 -26.15
CA GLN B 638 11.69 -13.20 -26.98
C GLN B 638 11.34 -12.15 -28.03
N GLN B 639 11.47 -10.87 -27.69
CA GLN B 639 11.23 -9.80 -28.66
C GLN B 639 12.31 -9.75 -29.73
N MET B 640 13.57 -10.03 -29.36
CA MET B 640 14.66 -9.88 -30.31
C MET B 640 14.68 -10.97 -31.37
N LYS B 641 14.26 -12.19 -31.02
CA LYS B 641 14.22 -13.28 -31.99
C LYS B 641 13.05 -13.13 -32.95
CA CA C . 1.44 30.61 -10.66
CA CA D . 2.13 26.37 -12.37
CA CA E . -8.84 4.20 0.01
O12 PC1 F . 15.29 6.58 -0.23
P PC1 F . 13.88 6.93 -0.48
O14 PC1 F . 13.36 6.92 -1.86
O13 PC1 F . 12.97 6.02 0.46
C11 PC1 F . 12.03 5.06 -0.09
C12 PC1 F . 11.68 4.15 1.08
N PC1 F . 10.38 4.45 1.79
C13 PC1 F . 10.49 5.70 2.61
C14 PC1 F . 9.27 4.62 0.80
C15 PC1 F . 10.04 3.31 2.70
O11 PC1 F . 13.60 8.35 0.20
C1 PC1 F . 12.26 8.66 0.65
C2 PC1 F . 12.20 10.01 1.29
O21 PC1 F . 13.16 10.05 2.39
C21 PC1 F . 14.33 10.66 2.18
O22 PC1 F . 14.65 11.15 1.13
C22 PC1 F . 15.19 10.64 3.41
C23 PC1 F . 16.07 11.86 3.53
C24 PC1 F . 16.66 12.02 4.91
C25 PC1 F . 17.40 13.33 5.11
C26 PC1 F . 16.56 14.55 4.86
C27 PC1 F . 17.22 15.86 5.24
C28 PC1 F . 16.37 17.09 4.99
C29 PC1 F . 15.04 17.08 5.72
C2A PC1 F . 15.16 17.08 7.22
C2B PC1 F . 13.84 16.92 7.94
C2C PC1 F . 13.96 16.91 9.45
C2D PC1 F . 14.48 18.22 10.04
C2E PC1 F . 13.56 19.40 9.79
C3 PC1 F . 10.83 10.25 1.88
O31 PC1 F . 10.32 11.57 1.61
C31 PC1 F . 9.31 11.64 0.73
O32 PC1 F . 8.98 10.73 0.04
C32 PC1 F . 8.66 12.98 0.77
C33 PC1 F . 7.55 13.01 1.80
C34 PC1 F . 6.89 14.37 1.99
C35 PC1 F . 5.81 14.36 3.04
C36 PC1 F . 5.02 15.65 3.16
C37 PC1 F . 5.73 16.76 3.91
C38 PC1 F . 4.87 18.00 4.09
C39 PC1 F . 5.55 19.11 4.86
C3A PC1 F . 5.76 18.81 6.32
C3B PC1 F . 6.70 19.78 7.01
C3C PC1 F . 6.91 19.50 8.49
C3D PC1 F . 8.24 20.00 9.02
C3E PC1 F . 8.47 21.49 8.86
C3F PC1 F . 7.61 22.34 9.77
C2 UMQ G . -8.21 37.43 26.84
C4 UMQ G . -10.64 37.74 26.24
C5 UMQ G . -10.69 36.30 25.77
C6 UMQ G . -10.57 36.15 24.27
O2 UMQ G . -7.30 37.35 27.93
O4 UMQ G . -11.91 38.12 26.75
C1 UMQ G . -8.32 36.08 26.16
C3 UMQ G . -9.58 37.90 27.34
O1 UMQ G . -7.27 35.26 26.65
O3 UMQ G . -9.51 39.26 27.76
O5 UMQ G . -9.62 35.53 26.35
O6 UMQ G . -11.54 36.96 23.60
C1' UMQ G . -8.19 31.38 25.41
C2' UMQ G . -7.75 31.54 26.86
C3' UMQ G . -7.82 33.01 27.24
C4' UMQ G . -7.06 33.89 26.25
C5' UMQ G . -7.41 33.56 24.79
C6' UMQ G . -6.45 34.16 23.78
O1' UMQ G . -8.11 30.01 25.08
O3' UMQ G . -7.32 33.20 28.56
O5' UMQ G . -7.35 32.14 24.57
O6' UMQ G . -6.90 33.94 22.45
O2' UMQ G . -8.57 30.77 27.71
CA UMQ G . -6.77 29.51 25.02
CB UMQ G . -6.74 28.15 25.65
CC UMQ G . -6.88 27.01 24.65
CD UMQ G . -5.86 27.07 23.53
CF UMQ G . -5.73 25.78 22.74
CG UMQ G . -7.05 25.19 22.30
CH UMQ G . -6.91 24.14 21.22
CI UMQ G . -5.90 23.05 21.54
CJ UMQ G . -5.68 22.09 20.38
CK UMQ G . -4.57 21.07 20.63
CL UMQ G . -4.30 20.20 19.43
O1 UMQ H . -18.37 0.89 -5.06
C1' UMQ H . -18.50 3.09 -1.54
C2' UMQ H . -18.41 3.89 -2.83
C3' UMQ H . -18.76 3.01 -4.02
C4' UMQ H . -17.89 1.76 -4.02
C5' UMQ H . -18.00 1.04 -2.68
C6' UMQ H . -17.08 -0.15 -2.55
O1' UMQ H . -18.13 3.93 -0.48
O3' UMQ H . -18.59 3.73 -5.23
O5' UMQ H . -17.65 1.95 -1.61
O6' UMQ H . -17.25 -0.81 -1.31
O2' UMQ H . -19.31 5.00 -2.78
CA UMQ H . -19.17 4.14 0.47
CB UMQ H . -18.85 3.37 1.72
CC UMQ H . -18.08 4.18 2.76
CD UMQ H . -18.98 5.08 3.60
CF UMQ H . -18.27 5.65 4.82
CG UMQ H . -19.21 6.16 5.89
CH UMQ H . -18.51 6.46 7.21
CI UMQ H . -19.45 6.66 8.38
CJ UMQ H . -18.76 6.69 9.72
CK UMQ H . -19.69 6.70 10.92
CL UMQ H . -18.97 6.63 12.23
C2 UMQ I . 3.50 32.92 -33.98
C4 UMQ I . 2.42 32.11 -36.09
C5 UMQ I . 1.56 31.20 -35.22
C6 UMQ I . 1.19 29.90 -35.91
O2 UMQ I . 3.78 34.07 -33.19
O4 UMQ I . 1.69 32.52 -37.24
C1 UMQ I . 2.60 31.96 -33.21
C3 UMQ I . 2.84 33.33 -35.28
O1 UMQ I . 1.46 32.67 -32.79
O3 UMQ I . 3.72 34.14 -36.05
O5 UMQ I . 2.25 30.85 -34.01
O6 UMQ I . 2.35 29.14 -36.23
C1' UMQ I . -1.01 32.92 -29.43
C2' UMQ I . 0.49 32.98 -29.16
C3' UMQ I . 1.25 33.29 -30.45
C4' UMQ I . 0.86 32.29 -31.53
C5' UMQ I . -0.65 32.25 -31.70
C6' UMQ I . -1.15 31.22 -32.68
O1' UMQ I . -1.66 32.60 -28.24
O3' UMQ I . 2.64 33.26 -30.19
O5' UMQ I . -1.27 31.95 -30.44
O6' UMQ I . -2.55 31.32 -32.86
O2' UMQ I . 0.76 33.98 -28.18
CA UMQ I . -2.91 33.28 -28.07
CB UMQ I . -3.23 33.41 -26.60
CC UMQ I . -2.18 34.19 -25.82
CD UMQ I . -2.53 34.40 -24.35
CF UMQ I . -2.91 33.12 -23.62
CG UMQ I . -2.75 33.18 -22.11
CH UMQ I . -3.67 34.17 -21.41
CI UMQ I . -3.50 34.16 -19.90
CJ UMQ I . -4.45 35.07 -19.16
CK UMQ I . -4.30 35.02 -17.66
CL UMQ I . -5.23 35.96 -16.92
O1 UMQ J . -18.54 8.43 -7.56
C1' UMQ J . -18.62 9.58 -3.58
C2' UMQ J . -18.90 8.11 -3.85
C3' UMQ J . -18.48 7.74 -5.27
C4' UMQ J . -19.11 8.71 -6.27
C5' UMQ J . -18.82 10.15 -5.90
C6' UMQ J . -19.51 11.17 -6.77
O1' UMQ J . -19.11 9.87 -2.30
O3' UMQ J . -18.87 6.41 -5.56
O5' UMQ J . -19.25 10.39 -4.54
O6' UMQ J . -19.18 12.50 -6.40
O2' UMQ J . -18.21 7.30 -2.91
CA UMQ J . -18.33 10.83 -1.58
CB UMQ J . -18.92 10.97 -0.21
CC UMQ J . -18.93 9.66 0.56
CD UMQ J . -19.69 9.72 1.86
CF UMQ J . -19.19 10.78 2.83
CG UMQ J . -19.91 10.76 4.17
CH UMQ J . -19.43 11.80 5.16
CI UMQ J . -20.13 11.73 6.50
CJ UMQ J . -19.68 12.78 7.50
CK UMQ J . -20.37 12.69 8.84
CL UMQ J . -19.93 13.78 9.81
CA UMQ K . 2.33 33.45 23.99
CB UMQ K . 2.18 31.97 24.26
CC UMQ K . 3.51 31.25 24.44
CD UMQ K . 3.37 29.78 24.81
CF UMQ K . 2.75 28.93 23.73
CG UMQ K . 3.60 28.82 22.47
CH UMQ K . 3.01 27.91 21.41
CI UMQ K . 3.87 27.78 20.16
CJ UMQ K . 3.28 26.88 19.10
CK UMQ K . 4.09 26.79 17.84
CL UMQ K . 3.49 25.88 16.80
C1' UMQ L . 9.30 31.09 16.69
O1' UMQ L . 9.08 30.12 15.71
CA UMQ L . 7.80 29.49 15.77
CB UMQ L . 7.61 28.62 14.56
CC UMQ L . 6.27 27.92 14.53
CD UMQ L . 6.05 27.07 13.28
CF UMQ L . 6.99 25.88 13.17
CG UMQ L . 6.78 24.83 14.24
CH UMQ L . 5.46 24.08 14.14
CI UMQ L . 5.37 23.15 12.94
CJ UMQ L . 4.08 22.35 12.88
CK UMQ L . 4.04 21.32 11.76
CL UMQ L . 5.12 20.28 11.88
CA UMQ M . -1.01 8.71 4.78
CB UMQ M . -1.81 9.94 5.09
CC UMQ M . -1.67 10.39 6.54
CD UMQ M . -0.24 10.65 6.95
CF UMQ M . -0.10 11.38 8.27
CG UMQ M . 1.33 11.72 8.62
CH UMQ M . 1.47 12.86 9.62
CI UMQ M . 2.90 13.36 9.75
CJ UMQ M . 3.03 14.68 10.49
CK UMQ M . 4.44 15.23 10.49
CL UMQ M . 4.55 16.58 11.15
CB UMQ N . 23.08 31.19 -5.64
CC UMQ N . 23.50 29.77 -5.30
CD UMQ N . 23.16 29.36 -3.89
CF UMQ N . 23.90 30.14 -2.83
CG UMQ N . 23.49 29.79 -1.41
CH UMQ N . 22.04 30.08 -1.12
CI UMQ N . 21.62 29.83 0.33
CJ UMQ N . 20.19 30.24 0.63
CK UMQ N . 19.78 30.06 2.07
CL UMQ N . 18.37 30.50 2.34
O1' UMQ O . -7.41 42.64 2.87
CA UMQ O . -6.86 42.01 1.72
CB UMQ O . -5.82 42.92 1.12
CC UMQ O . -5.11 42.31 -0.09
CD UMQ O . -3.98 43.16 -0.63
CF UMQ O . -3.15 42.45 -1.69
CG UMQ O . -1.90 43.22 -2.09
CH UMQ O . -2.18 44.47 -2.89
CI UMQ O . -1.72 44.36 -4.34
CJ UMQ O . -0.25 44.03 -4.49
CK UMQ O . 0.21 43.90 -5.92
CL UMQ O . 1.67 43.56 -6.04
C2 UMQ P . -13.65 21.47 36.71
C4 UMQ P . -11.51 22.74 36.48
C5 UMQ P . -10.77 21.41 36.46
C6 UMQ P . -9.40 21.49 37.09
O2 UMQ P . -14.93 21.21 36.12
O4 UMQ P . -10.81 23.68 35.68
C1 UMQ P . -12.83 20.18 36.73
C3 UMQ P . -12.92 22.55 35.94
O1 UMQ P . -12.84 19.62 35.44
O3 UMQ P . -13.64 23.78 36.03
O5 UMQ P . -11.52 20.43 37.21
O6 UMQ P . -9.49 21.75 38.48
C1' UMQ P . -12.49 15.77 33.78
C2' UMQ P . -13.36 15.88 35.04
C3' UMQ P . -13.74 17.34 35.29
C4' UMQ P . -12.50 18.22 35.29
C5' UMQ P . -11.73 18.03 33.99
C6' UMQ P . -10.45 18.81 33.91
O1' UMQ P . -12.04 14.45 33.70
O3' UMQ P . -14.46 17.40 36.52
O5' UMQ P . -11.39 16.64 33.86
O6' UMQ P . -9.80 18.62 32.66
O2' UMQ P . -14.54 15.09 34.89
CA UMQ P . -12.55 13.73 32.57
CB UMQ P . -11.43 13.50 31.59
CC UMQ P . -11.71 12.41 30.57
CD UMQ P . -10.59 12.23 29.56
CF UMQ P . -10.71 10.98 28.72
CG UMQ P . -9.65 10.89 27.64
CH UMQ P . -9.59 9.57 26.89
CI UMQ P . -10.89 9.15 26.24
CJ UMQ P . -10.70 8.21 25.07
CK UMQ P . -9.83 7.02 25.37
CL UMQ P . -9.60 6.15 24.16
C2 UMQ Q . -2.87 30.42 32.58
C4 UMQ Q . -5.08 29.33 33.08
C5 UMQ Q . -5.46 29.56 31.62
C6 UMQ Q . -6.94 29.82 31.43
O2 UMQ Q . -1.45 30.23 32.59
O4 UMQ Q . -5.70 28.15 33.55
C1 UMQ Q . -3.36 30.64 31.16
C3 UMQ Q . -3.56 29.21 33.19
O1 UMQ Q . -2.85 29.62 30.33
O3 UMQ Q . -3.19 29.07 34.56
O5 UMQ Q . -4.78 30.72 31.11
O6 UMQ Q . -7.34 31.04 32.04
C1' UMQ Q . -1.83 29.19 26.27
C2' UMQ Q . -1.42 30.51 26.93
C3' UMQ Q . -1.46 30.39 28.45
C4' UMQ Q . -2.81 29.84 28.90
C5' UMQ Q . -3.09 28.53 28.19
C6' UMQ Q . -4.44 27.93 28.52
O1' UMQ Q . -1.93 29.42 24.90
O3' UMQ Q . -1.16 31.66 29.02
O5' UMQ Q . -3.08 28.75 26.77
O6' UMQ Q . -4.63 26.69 27.85
O2' UMQ Q . -0.11 30.88 26.50
CA UMQ Q . -0.97 28.71 24.11
CB UMQ Q . -1.68 27.63 23.34
CC UMQ Q . -0.87 27.07 22.18
CD UMQ Q . -1.57 25.96 21.44
CF UMQ Q . -0.93 25.59 20.11
CG UMQ Q . -1.59 24.38 19.46
CH UMQ Q . -1.13 24.08 18.04
CI UMQ Q . 0.37 23.89 17.89
CJ UMQ Q . 0.75 23.05 16.69
CK UMQ Q . 0.11 23.50 15.39
CL UMQ Q . 0.44 22.59 14.23
CA CA R . -4.96 -19.58 25.40
CA CA S . -4.15 -20.01 20.86
CA CA T . 7.30 0.68 6.50
O12 PC1 U . -15.59 -5.61 1.53
P PC1 U . -14.28 -5.64 2.21
O14 PC1 U . -13.38 -6.80 2.03
O13 PC1 U . -13.51 -4.29 1.86
C11 PC1 U . -12.27 -4.29 1.11
C12 PC1 U . -12.09 -2.86 0.66
N PC1 U . -11.16 -2.00 1.48
C13 PC1 U . -11.78 -1.65 2.80
C14 PC1 U . -9.87 -2.72 1.73
C15 PC1 U . -10.87 -0.73 0.74
O11 PC1 U . -14.55 -5.38 3.76
C1 PC1 U . -13.50 -4.77 4.56
C2 PC1 U . -13.93 -4.58 5.98
O21 PC1 U . -15.15 -3.78 6.00
C21 PC1 U . -16.31 -4.41 6.16
O22 PC1 U . -16.42 -5.61 6.26
C22 PC1 U . -17.47 -3.47 6.18
C23 PC1 U . -18.60 -3.93 7.08
C24 PC1 U . -19.60 -2.82 7.37
C25 PC1 U . -20.63 -3.19 8.41
C26 PC1 U . -20.04 -3.63 9.74
C27 PC1 U . -21.06 -3.82 10.85
C28 PC1 U . -20.47 -4.24 12.17
C29 PC1 U . -19.44 -3.26 12.73
C2A PC1 U . -19.99 -1.90 13.05
C2B PC1 U . -18.94 -0.89 13.46
C2C PC1 U . -19.51 0.48 13.78
C2D PC1 U . -20.45 0.51 14.97
C2E PC1 U . -19.78 0.13 16.28
C3 PC1 U . -12.89 -3.79 6.73
O31 PC1 U . -12.61 -4.34 8.05
C31 PC1 U . -11.45 -4.95 8.20
O32 PC1 U . -10.73 -5.23 7.29
C32 PC1 U . -11.14 -5.19 9.65
C33 PC1 U . -10.42 -3.99 10.25
C34 PC1 U . -10.17 -4.09 11.75
C35 PC1 U . -9.46 -2.88 12.30
C36 PC1 U . -9.06 -2.98 13.76
C37 PC1 U . -10.17 -2.78 14.75
C38 PC1 U . -9.71 -2.81 16.20
C39 PC1 U . -10.81 -2.59 17.21
C3A PC1 U . -11.37 -1.19 17.21
C3B PC1 U . -12.67 -1.05 17.99
C3C PC1 U . -13.23 0.35 18.03
C3D PC1 U . -14.74 0.39 18.22
C3E PC1 U . -15.23 -0.26 19.50
C3F PC1 U . -14.88 0.51 20.76
C2 UMQ V . -8.55 15.18 43.42
C4 UMQ V . -6.19 15.06 44.29
C5 UMQ V . -5.68 15.08 42.85
C6 UMQ V . -5.31 13.71 42.33
O2 UMQ V . -9.70 16.02 43.34
O4 UMQ V . -5.23 15.70 45.14
C1 UMQ V . -7.94 14.99 42.04
C3 UMQ V . -7.52 15.79 44.38
O1 UMQ V . -8.89 15.46 41.09
O3 UMQ V . -8.02 15.75 45.72
O5 UMQ V . -6.67 15.63 41.96
O6 UMQ V . -4.39 13.06 43.20
C1' UMQ V . -6.81 15.71 37.48
C2' UMQ V . -7.69 16.90 37.84
C3' UMQ V . -8.05 16.82 39.31
C4' UMQ V . -8.66 15.47 39.66
C5' UMQ V . -7.83 14.29 39.12
C6' UMQ V . -8.57 12.96 39.16
O1' UMQ V . -6.48 15.80 36.11
O3' UMQ V . -8.95 17.86 39.65
O5' UMQ V . -7.50 14.50 37.73
O6' UMQ V . -7.71 11.89 38.77
O2' UMQ V . -7.00 18.11 37.57
CA UMQ V . -7.59 15.60 35.24
CB UMQ V . -7.51 16.60 34.11
CC UMQ V . -6.84 16.05 32.86
CD UMQ V . -7.47 14.78 32.36
CF UMQ V . -7.07 14.41 30.94
CG UMQ V . -5.59 14.47 30.67
CH UMQ V . -5.18 13.76 29.41
CI UMQ V . -5.95 14.17 28.18
CJ UMQ V . -5.61 13.35 26.94
CK UMQ V . -6.48 13.63 25.74
CL UMQ V . -6.19 12.74 24.57
O1 UMQ W . 18.37 -0.90 5.05
C1' UMQ W . 16.97 1.71 7.96
C2' UMQ W . 17.10 0.25 8.37
C3' UMQ W . 17.96 -0.50 7.37
C4' UMQ W . 17.44 -0.31 5.96
C5' UMQ W . 17.30 1.18 5.65
C6' UMQ W . 16.66 1.46 4.30
O1' UMQ W . 16.13 2.35 8.87
O3' UMQ W . 18.00 -1.89 7.71
O5' UMQ W . 16.46 1.80 6.64
O6' UMQ W . 16.61 2.85 4.04
O2' UMQ W . 17.67 0.16 9.67
CA UMQ W . 16.77 3.39 9.60
CB UMQ W . 16.27 4.72 9.09
CC UMQ W . 15.08 5.26 9.86
CD UMQ W . 15.46 5.96 11.16
CF UMQ W . 14.32 6.76 11.76
CG UMQ W . 14.76 7.81 12.76
CH UMQ W . 13.66 8.77 13.15
CI UMQ W . 14.15 10.00 13.90
CJ UMQ W . 13.09 11.09 14.03
CK UMQ W . 13.61 12.39 14.60
CL UMQ W . 12.56 13.48 14.63
C2 UMQ X . -0.52 -42.33 21.40
C4 UMQ X . 1.30 -43.80 20.48
C5 UMQ X . 2.05 -42.52 20.09
C6 UMQ X . 2.87 -42.68 18.84
O2 UMQ X . -1.26 -42.01 22.58
O4 UMQ X . 2.23 -44.82 20.80
C1 UMQ X . 0.31 -41.13 20.97
C3 UMQ X . 0.41 -43.52 21.68
O1 UMQ X . 1.09 -40.70 22.07
O3 UMQ X . -0.37 -44.68 21.99
O5 UMQ X . 1.12 -41.45 19.85
O6 UMQ X . 2.06 -43.02 17.72
C1' UMQ X . 2.34 -37.13 23.81
C2' UMQ X . 0.85 -37.21 23.49
C3' UMQ X . 0.47 -38.68 23.25
C4' UMQ X . 1.36 -39.29 22.18
C5' UMQ X . 2.84 -39.10 22.56
C6' UMQ X . 3.80 -39.58 21.51
O1' UMQ X . 2.68 -35.79 23.99
O3' UMQ X . -0.90 -38.75 22.88
O5' UMQ X . 3.10 -37.70 22.76
O6' UMQ X . 5.14 -39.48 21.98
O2' UMQ X . 0.09 -36.68 24.57
CA UMQ X . 3.63 -35.57 25.04
CB UMQ X . 3.46 -34.17 25.59
CC UMQ X . 2.10 -33.92 26.19
CD UMQ X . 1.94 -32.55 26.84
CF UMQ X . 2.35 -31.39 25.93
CG UMQ X . 1.74 -30.05 26.31
CH UMQ X . 2.18 -29.50 27.65
CI UMQ X . 1.57 -28.14 27.95
CJ UMQ X . 2.04 -27.52 29.25
CK UMQ X . 1.46 -26.14 29.52
CL UMQ X . 1.91 -25.54 30.82
O1 UMQ Y . 17.60 -5.49 11.48
C1' UMQ Y . 16.26 -2.14 13.52
C2' UMQ Y . 16.92 -1.88 12.18
C3' UMQ Y . 17.02 -3.18 11.38
C4' UMQ Y . 17.69 -4.26 12.21
C5' UMQ Y . 16.99 -4.42 13.56
C6' UMQ Y . 17.67 -5.39 14.49
O1' UMQ Y . 16.27 -0.94 14.24
O3' UMQ Y . 17.77 -2.95 10.19
O5' UMQ Y . 16.95 -3.15 14.22
O6' UMQ Y . 16.97 -5.53 15.72
O2' UMQ Y . 16.18 -0.92 11.44
CA UMQ Y . 15.12 -0.74 15.06
CB UMQ Y . 15.23 0.62 15.69
CC UMQ Y . 15.30 1.73 14.67
CD UMQ Y . 15.61 3.09 15.25
CF UMQ Y . 14.62 3.55 16.31
CG UMQ Y . 14.91 4.96 16.83
CH UMQ Y . 13.94 5.44 17.89
CI UMQ Y . 14.21 6.87 18.33
CJ UMQ Y . 13.26 7.37 19.41
CK UMQ Y . 13.53 8.79 19.85
CL UMQ Y . 12.60 9.26 20.95
CA UMQ Z . -16.63 11.44 35.95
CB UMQ Z . -16.23 12.17 34.70
CC UMQ Z . -17.36 12.26 33.68
CD UMQ Z . -17.03 13.09 32.45
CF UMQ Z . -15.95 12.49 31.58
CG UMQ Z . -16.34 11.17 30.93
CH UMQ Z . -15.28 10.60 30.01
CI UMQ Z . -15.67 9.28 29.35
CJ UMQ Z . -14.61 8.72 28.44
CK UMQ Z . -14.99 7.39 27.82
CL UMQ Z . -13.91 6.84 26.91
C1' UMQ AA . -20.43 3.86 29.99
O1' UMQ AA . -19.73 3.29 28.91
CA UMQ AA . -18.41 3.84 28.73
CB UMQ AA . -17.69 3.02 27.70
CC UMQ AA . -16.28 3.50 27.43
CD UMQ AA . -15.52 2.66 26.42
CF UMQ AA . -16.09 2.71 25.02
CG UMQ AA . -15.98 4.07 24.35
CH UMQ AA . -14.56 4.50 24.03
CI UMQ AA . -13.92 3.69 22.90
CJ UMQ AA . -12.53 4.17 22.54
CK UMQ AA . -11.93 3.45 21.33
CL UMQ AA . -12.74 3.65 20.08
CA UMQ BA . -2.39 1.97 9.49
CB UMQ BA . -2.01 2.06 10.94
CC UMQ BA . -2.66 3.23 11.66
CD UMQ BA . -4.18 3.22 11.58
CF UMQ BA . -4.86 4.19 12.52
CG UMQ BA . -6.37 4.09 12.50
CH UMQ BA . -7.05 4.63 13.75
CI UMQ BA . -8.52 4.29 13.83
CJ UMQ BA . -9.15 4.54 15.18
CK UMQ BA . -10.58 4.06 15.27
CL UMQ BA . -11.18 4.23 16.65
CB UMQ CA . -26.68 -19.88 20.74
CC UMQ CA . -26.85 -19.24 19.38
CD UMQ CA . -26.87 -17.72 19.43
CF UMQ CA . -28.04 -17.14 20.19
CG UMQ CA . -28.00 -15.63 20.31
CH UMQ CA . -26.80 -15.13 21.09
CI UMQ CA . -26.77 -13.62 21.32
CJ UMQ CA . -25.63 -13.16 22.20
CK UMQ CA . -25.63 -11.67 22.47
CL UMQ CA . -24.50 -11.24 23.37
O1' UMQ DA . -3.37 -8.79 42.34
CA UMQ DA . -3.41 -9.79 41.32
CB UMQ DA . -4.40 -10.85 41.72
CC UMQ DA . -4.57 -11.93 40.66
CD UMQ DA . -5.64 -12.95 40.98
CF UMQ DA . -5.96 -13.89 39.84
CG UMQ DA . -7.16 -14.77 40.07
CH UMQ DA . -6.95 -15.85 41.13
CI UMQ DA . -6.91 -17.25 40.55
CJ UMQ DA . -8.17 -17.62 39.77
CK UMQ DA . -8.15 -19.00 39.18
CL UMQ DA . -9.40 -19.34 38.40
#